data_8DGA
#
_entry.id   8DGA
#
_cell.length_a   1.00
_cell.length_b   1.00
_cell.length_c   1.00
_cell.angle_alpha   90.00
_cell.angle_beta   90.00
_cell.angle_gamma   90.00
#
_symmetry.space_group_name_H-M   'P 1'
#
loop_
_entity.id
_entity.type
_entity.pdbx_description
1 polymer 'Endoribonuclease Dcr-1'
2 polymer 'RNA (22-MER)'
3 polymer 'RNA (22-MER)'
4 polymer 'Loquacious, isoform B'
5 non-polymer "URIDINE-5'-MONOPHOSPHATE"
#
loop_
_entity_poly.entity_id
_entity_poly.type
_entity_poly.pdbx_seq_one_letter_code
_entity_poly.pdbx_strand_id
1 'polypeptide(L)'
;MAFHWCDNNLHTTVFTPRDFQVELLATAYERNTIICLGHRSSKEFIALKLLQELSRRARRHGRVSVYLSCEVGTSTEPCS
IYTMLTHLTDLRVWQEQPDMQIPFDHCWTDYHVSILRPEGFLYLLETRELLLSRVELIVLEDCHDSAVYQRIRPLFENHI
MPAPPADRPRILGLAGPLHSAGCELQQLSAMLATLEQSVLCQIESASDIVTVLRYCSRPHEYIVQCAPFEMDELSLVLAD
VLNTHKSFLLDHRYDPYEIYGTDQFMDELKDIPDPKVDPLNVINSLLVVLHEMGPWCTQRAAHHFYQCNEKLKVKTPHER
HYLLYCLVSTALIQLYSLCEHAFHRHLGSGSDSRQTIERYSSPKVRRLLQTLRCFKPEEVHTQADGLRRMRHQVDQADFN
RLSHTLESKCRMVDQLDQPPTETRALVATLEQILHTTEDRQTNRSAARVTPTPTPAHAKPKPSSGANTAQPRTRRRVYTR
RHHRDHNDGSDTLCALIYCNQNHTARVLFELLAEISRRDPDLKFLRCQYTTDRVADPTTEPKEAELEHRRQEEVLKRFRM
HDCNVLIGTSVLEEGIDVPKCNLVVRWDPPTTYRSYVQCKGRARAAPAYHVILVAPSYKSPTVGSVQLTDRSHRYICATG
DTTEADSDSDDSAMPNSSGSDPYTFGTARGTVKILNPEVFSKQPPTACDIKLQEIQDELPASAQLDTSNSSDEAVSMSNT
SPSESSTEQKSRRFQCELSSLTEPEDTSDTTAEIDTAHSLASTTKDLVHQMAQYREIEQMLLSKCANTEPPEQEQCEAER
FSACLAAYRPKPHLLTGASVDLGSAIALVNKYCARLPSDTFTKLTALWRCTRNERAGVTLFQYTLRLPINSPLKHDIVGL
PMPTQTLARRLAALQACVELHRIGELDDQLQPIGKEGFRALEPDWECFELEPEDEQIVQLSDEPRPGTTKRRQYYYKRIA
SEFCDCRPVAGAPCYLYFIQLTLQCPIPEEQNTRGRKIYPPEDAQQGFGILTTKRIPKLSAFSIFTRSGEVKVSLELAKE
RVILTSEQIVCINGFLNYTFTNVLRLQKFLMLFDPDSTENCVFIVPTVKAPAGGKHIDWQFLELIQANGNTMPRAVPDEE
RQAQPFDPQRFQDAVVMPWYRNQDQPQYFYVAEICPHLSPLSCFPGDNYRTFKHYYLVKYGLTIQNTSQPLLDVDHTSAR
LNFLTPRYVNRKGVALPTSSEETKRAKRENLEQKQILVPELCTVHPFPASLWRTAVCLPCILYRINGLLLADDIRKQVSA
DLGLGRQQIEDEDFEWPMLDFGWSLSEVLKKSRESKQKESLKDDTINGKDLVDVEKKAISEETQIDKDSKDDKVEKSAIE
LIIEGEEKLQEADDFIEIGTWSNDMADDIASFNQEDDDEDDAFHLPVLPANVKFCDQQTRYGSPTFWDVSNGESGFKGPK
SSQNKQGGKGKAKGPAKPTFNYYDSDNSLGSSYDDDDNAGPLNYMHHNYSSDDDDVADDIDAGRIAFTSKNEAETIETAQ
EVEKRQKQLSIIQATNANERQYQQTKNLLIGFNFKHEDQKEPATIRYEESIAKLKTEIESGGMLVPHDQQLVLKRSDAAE
AQVAKVSMMELLKQLLPYVNEDVLAKKLGDRRELLLSDLVELNADWVARHEQETYNVMGCGDSFDNYNDHHRLNLDEKQL
KLQYERIEIEPPTSTKAITSAILPAGFSFDRQPDLVGHPGPSPSIILQALTMSNANDGINLERLETIGDSFLKYAITTYL
YITYENVHEGKLSHLRSKQVANLNLYRLGRRKRLGEYMIATKFEPHDNWLPPCYYVPKELEKALIEAKIPTHHWKLADLL
DIKNLSSVQICEMVREKADALGLEQNGGAQNGQLDDSNDSCNDFSCFIPYNLVSQHSIPDKSIADCVEALIGAYLIECGP
RGALLFMAWLGVRVLPITRQLDGGNQEQRIPGSTKPNAENVVTVYGAWPTPRSPLLHFAPNATEELDQLLSGFEEFEESL
GYKFRDRSYLLQAMTHASYTPNRLTDCYQRLEFLGDAVLDYLITRHLYEDPRQHSPGALTDLRSALVNNTIFASLAVRHG
FHKFFRHLSPGLNDVIDRFVRIQQENGHCISEEYYLLSEEECDDAEDVEVPKALGDVFESIAGAIFLDSNMSLDVVWHVY
SNMMSPEIEQFSNSVPKSPIRELLELEPETAKFGKPEKLADGRRVRVTVDVFCKGTFRGIGRNYRIAKCTAAKCALRQLK
KQGLIAKKD
;
A
2 'polyribonucleotide' GAGGUAGUAGGUUGUAUAGUA E
3 'polyribonucleotide' CUAUACAACCUACUACCUCUCU F
4 'polypeptide(L)'
;MDQENFHGSSLPQQLQNLHIQPQQASPNPVQTGFAPRRHYNNLVGLGNGNAVSGSPVKGAPLGQRHVKLKKEKISAQVAQ
LSQPGQLQLSDVGDPALAGGSGLQGGVGLMGVILPSDEALKFVSETDANGLAMKTPVSILQELLSRRGITPGYELVQIEG
AIHEPTFRFRVSFKDKDTPFTAMGAGRSKKEAKHAAARALIDKLIGAQLPESPSSSAGPSVTGLTVAGSGGDGNANATGG
GDASDKTVGNPIGWLQEMCMQRRWPPPSYETETEVGLPHERLFTIACSILNYREMGKGKSKKIAKRLAAHRMWMRLQETP
IDSGKISDSICGELEGEPRSSENYYGELKDISVPTLTTQHSNKVSQFHKTLKNATGKKLLKLQKTCLKNNKIDYIKLLGE
IATENQFEVTYVDIEEKTFSGQFQCLVQLSTLPVGVCHGSGPTAADAQRHAAQNALEYLKIMTKK
;
K
#
# COMPACT_ATOMS: atom_id res chain seq x y z
N ASN A 9 -3.52 -21.89 7.17
CA ASN A 9 -2.68 -22.79 7.95
C ASN A 9 -3.56 -23.64 8.87
N LEU A 10 -4.76 -23.13 9.14
CA LEU A 10 -5.84 -23.82 9.85
C LEU A 10 -5.42 -24.24 11.25
N HIS A 11 -5.20 -23.22 12.09
CA HIS A 11 -4.91 -23.42 13.51
C HIS A 11 -6.21 -23.77 14.25
N THR A 12 -6.62 -25.03 14.09
CA THR A 12 -7.77 -25.52 14.86
C THR A 12 -7.33 -25.67 16.30
N THR A 13 -7.52 -24.61 17.06
CA THR A 13 -6.75 -24.42 18.28
C THR A 13 -7.62 -24.90 19.45
N VAL A 14 -7.00 -25.07 20.61
CA VAL A 14 -7.70 -25.32 21.87
C VAL A 14 -7.77 -23.96 22.52
N PHE A 15 -8.46 -23.90 23.66
CA PHE A 15 -9.62 -23.04 23.80
C PHE A 15 -9.48 -21.66 23.15
N THR A 16 -8.59 -20.79 23.67
CA THR A 16 -8.15 -19.49 23.17
C THR A 16 -6.79 -19.13 23.75
N PRO A 17 -5.69 -19.37 23.06
CA PRO A 17 -4.38 -18.98 23.62
C PRO A 17 -4.19 -17.47 23.61
N ARG A 18 -4.38 -16.83 24.76
CA ARG A 18 -4.27 -15.39 24.82
C ARG A 18 -2.79 -14.99 24.85
N ASP A 19 -2.54 -13.70 24.70
CA ASP A 19 -1.20 -13.12 24.75
C ASP A 19 -0.60 -13.36 26.13
N PHE A 20 0.58 -13.99 26.14
CA PHE A 20 1.13 -14.56 27.36
C PHE A 20 1.62 -13.49 28.31
N GLN A 21 2.17 -12.40 27.77
CA GLN A 21 2.47 -11.23 28.59
C GLN A 21 1.20 -10.62 29.16
N VAL A 22 0.14 -10.55 28.35
CA VAL A 22 -1.14 -10.04 28.82
C VAL A 22 -1.77 -11.01 29.81
N GLU A 23 -1.53 -12.31 29.63
CA GLU A 23 -2.03 -13.30 30.57
C GLU A 23 -1.41 -13.12 31.94
N LEU A 24 -0.07 -12.97 31.98
CA LEU A 24 0.64 -12.66 33.22
C LEU A 24 0.23 -11.30 33.77
N LEU A 25 -0.11 -10.38 32.88
CA LEU A 25 -0.57 -9.05 33.26
C LEU A 25 -1.91 -9.11 34.00
N ALA A 26 -2.82 -9.95 33.52
CA ALA A 26 -4.11 -10.10 34.17
C ALA A 26 -3.96 -10.80 35.51
N THR A 27 -3.05 -11.77 35.59
CA THR A 27 -2.79 -12.41 36.88
C THR A 27 -2.21 -11.43 37.88
N ALA A 28 -1.35 -10.51 37.40
CA ALA A 28 -0.87 -9.43 38.24
C ALA A 28 -1.99 -8.48 38.63
N TYR A 29 -2.97 -8.31 37.74
CA TYR A 29 -4.10 -7.43 38.01
C TYR A 29 -5.00 -8.03 39.09
N GLU A 30 -5.06 -9.36 39.18
CA GLU A 30 -5.91 -9.98 40.19
C GLU A 30 -5.27 -9.93 41.57
N ARG A 31 -4.13 -10.58 41.73
CA ARG A 31 -3.55 -10.84 43.04
C ARG A 31 -2.11 -10.33 43.08
N ASN A 32 -1.53 -10.37 44.27
CA ASN A 32 -0.12 -10.09 44.43
C ASN A 32 0.68 -11.16 43.70
N THR A 33 1.74 -10.74 43.03
CA THR A 33 2.30 -11.55 41.96
C THR A 33 3.81 -11.42 41.89
N ILE A 34 4.49 -12.55 41.73
CA ILE A 34 5.87 -12.61 41.29
C ILE A 34 5.84 -13.15 39.86
N ILE A 35 6.26 -12.32 38.92
CA ILE A 35 6.21 -12.67 37.51
C ILE A 35 7.44 -13.53 37.20
N CYS A 36 7.18 -14.73 36.69
CA CYS A 36 8.22 -15.65 36.21
C CYS A 36 8.42 -15.50 34.71
N LEU A 37 9.22 -14.51 34.33
CA LEU A 37 9.59 -14.36 32.93
C LEU A 37 11.01 -13.81 32.85
N GLY A 38 11.72 -14.21 31.80
CA GLY A 38 13.14 -13.91 31.71
C GLY A 38 13.50 -12.59 31.06
N HIS A 39 12.87 -12.30 29.92
CA HIS A 39 13.20 -11.11 29.14
C HIS A 39 12.77 -9.86 29.91
N ARG A 40 13.69 -8.90 30.06
CA ARG A 40 13.34 -7.71 30.82
C ARG A 40 12.54 -6.70 30.00
N SER A 41 12.58 -6.80 28.66
CA SER A 41 11.79 -5.89 27.84
C SER A 41 10.31 -6.20 27.95
N SER A 42 9.97 -7.48 27.87
CA SER A 42 8.59 -7.90 28.08
C SER A 42 8.14 -7.59 29.49
N LYS A 43 9.04 -7.74 30.47
CA LYS A 43 8.70 -7.40 31.84
C LYS A 43 8.50 -5.90 32.02
N GLU A 44 9.23 -5.07 31.28
CA GLU A 44 8.96 -3.63 31.27
C GLU A 44 7.60 -3.31 30.67
N PHE A 45 7.23 -4.02 29.59
CA PHE A 45 5.91 -3.77 28.99
C PHE A 45 4.79 -4.14 29.94
N ILE A 46 4.96 -5.26 30.65
CA ILE A 46 3.97 -5.67 31.62
C ILE A 46 3.90 -4.69 32.79
N ALA A 47 5.06 -4.22 33.26
CA ALA A 47 5.08 -3.25 34.35
C ALA A 47 4.44 -1.94 33.94
N LEU A 48 4.75 -1.47 32.72
CA LEU A 48 4.18 -0.25 32.19
C LEU A 48 2.67 -0.34 32.08
N LYS A 49 2.18 -1.46 31.58
CA LYS A 49 0.73 -1.57 31.38
C LYS A 49 0.01 -1.73 32.71
N LEU A 50 0.64 -2.38 33.71
CA LEU A 50 -0.03 -2.51 35.00
C LEU A 50 -0.06 -1.16 35.72
N LEU A 51 1.00 -0.37 35.58
CA LEU A 51 0.99 1.02 36.03
C LEU A 51 -0.10 1.83 35.35
N GLN A 52 -0.29 1.62 34.05
CA GLN A 52 -1.36 2.32 33.35
C GLN A 52 -2.73 1.90 33.85
N GLU A 53 -2.90 0.60 34.17
CA GLU A 53 -4.21 0.13 34.62
C GLU A 53 -4.53 0.60 36.03
N LEU A 54 -3.54 0.59 36.92
CA LEU A 54 -3.80 1.07 38.27
C LEU A 54 -3.68 2.58 38.41
N SER A 55 -3.30 3.28 37.33
CA SER A 55 -3.28 4.73 37.34
C SER A 55 -4.66 5.32 37.58
N ARG A 56 -5.69 4.71 36.99
CA ARG A 56 -7.05 5.17 37.19
C ARG A 56 -7.49 4.97 38.63
N ARG A 57 -7.16 3.83 39.23
CA ARG A 57 -7.48 3.60 40.64
C ARG A 57 -6.71 4.56 41.53
N ALA A 58 -5.47 4.87 41.16
CA ALA A 58 -4.65 5.80 41.93
C ALA A 58 -5.19 7.22 41.86
N ARG A 59 -5.72 7.62 40.70
CA ARG A 59 -6.30 8.94 40.59
C ARG A 59 -7.62 9.02 41.34
N ARG A 60 -8.56 8.11 41.08
CA ARG A 60 -9.89 8.24 41.67
C ARG A 60 -9.89 7.85 43.15
N HIS A 61 -8.82 7.24 43.63
CA HIS A 61 -8.63 7.04 45.06
C HIS A 61 -7.64 8.02 45.67
N GLY A 62 -7.05 8.89 44.87
CA GLY A 62 -6.03 9.82 45.36
C GLY A 62 -4.76 9.14 45.81
N ARG A 63 -4.39 8.03 45.16
CA ARG A 63 -3.28 7.19 45.58
C ARG A 63 -2.08 7.41 44.66
N VAL A 64 -0.98 6.72 44.97
CA VAL A 64 0.26 6.81 44.21
C VAL A 64 0.78 5.41 43.89
N SER A 65 1.76 5.34 42.99
CA SER A 65 2.38 4.08 42.61
C SER A 65 3.90 4.22 42.68
N VAL A 66 4.56 3.18 43.20
CA VAL A 66 5.99 3.17 43.44
C VAL A 66 6.62 2.01 42.67
N TYR A 67 7.70 2.29 41.94
CA TYR A 67 8.47 1.28 41.22
C TYR A 67 9.86 1.20 41.86
N LEU A 68 10.18 0.06 42.47
CA LEU A 68 11.47 -0.12 43.12
C LEU A 68 12.41 -0.87 42.20
N SER A 69 13.59 -0.29 41.96
CA SER A 69 14.58 -0.87 41.08
C SER A 69 15.97 -0.76 41.67
N CYS A 70 16.95 -1.35 40.98
CA CYS A 70 18.26 -1.64 41.54
C CYS A 70 19.35 -0.71 41.02
N GLU A 71 19.45 -0.58 39.70
CA GLU A 71 20.46 0.24 39.05
C GLU A 71 20.20 1.74 39.20
N VAL A 72 19.04 2.11 39.73
CA VAL A 72 18.66 3.50 39.88
C VAL A 72 19.57 4.17 40.91
N GLY A 73 19.89 5.44 40.69
CA GLY A 73 20.77 6.16 41.58
C GLY A 73 22.24 5.87 41.43
N THR A 74 22.64 5.17 40.37
CA THR A 74 24.05 4.90 40.10
C THR A 74 24.60 5.76 38.98
N SER A 75 23.95 5.75 37.82
CA SER A 75 24.41 6.48 36.65
C SER A 75 23.55 7.71 36.41
N THR A 76 24.17 8.75 35.83
CA THR A 76 23.53 10.07 35.76
C THR A 76 22.35 10.09 34.81
N GLU A 77 22.43 9.34 33.70
CA GLU A 77 21.32 9.30 32.76
C GLU A 77 20.15 8.54 33.38
N PRO A 78 18.91 8.87 33.01
CA PRO A 78 17.77 8.14 33.55
C PRO A 78 17.70 6.72 33.00
N CYS A 79 17.10 5.84 33.80
CA CYS A 79 16.94 4.45 33.40
C CYS A 79 15.96 4.31 32.24
N SER A 80 15.95 3.12 31.64
CA SER A 80 15.11 2.88 30.46
C SER A 80 13.63 2.98 30.80
N ILE A 81 13.23 2.40 31.92
CA ILE A 81 11.81 2.31 32.26
C ILE A 81 11.25 3.69 32.57
N TYR A 82 12.10 4.59 33.11
CA TYR A 82 11.69 5.97 33.28
C TYR A 82 11.46 6.66 31.95
N THR A 83 12.30 6.37 30.95
CA THR A 83 12.14 6.96 29.64
C THR A 83 10.86 6.50 28.97
N MET A 84 10.49 5.23 29.17
CA MET A 84 9.21 4.75 28.64
C MET A 84 8.01 5.37 29.37
N LEU A 85 8.03 5.41 30.71
CA LEU A 85 6.92 6.03 31.44
C LEU A 85 6.85 7.54 31.30
N THR A 86 7.89 8.21 30.81
CA THR A 86 7.69 9.60 30.43
C THR A 86 7.41 9.77 28.95
N HIS A 87 7.67 8.75 28.14
CA HIS A 87 7.43 8.82 26.71
C HIS A 87 6.08 8.25 26.29
N LEU A 88 5.69 7.08 26.79
CA LEU A 88 4.52 6.39 26.27
C LEU A 88 3.33 6.37 27.23
N THR A 89 3.39 7.13 28.31
CA THR A 89 2.23 7.31 29.16
C THR A 89 1.95 8.79 29.27
N ASP A 90 0.83 9.11 29.91
CA ASP A 90 0.51 10.46 30.32
C ASP A 90 0.89 10.72 31.76
N LEU A 91 1.66 9.81 32.35
CA LEU A 91 1.83 9.75 33.78
C LEU A 91 2.95 10.69 34.24
N ARG A 92 2.69 11.41 35.33
CA ARG A 92 3.72 12.21 35.99
C ARG A 92 4.72 11.28 36.64
N VAL A 93 5.80 10.98 35.94
CA VAL A 93 6.77 9.99 36.37
C VAL A 93 8.07 10.71 36.68
N TRP A 94 8.70 10.36 37.80
CA TRP A 94 9.83 11.11 38.31
C TRP A 94 11.03 10.18 38.50
N GLN A 95 12.21 10.69 38.17
CA GLN A 95 13.46 9.95 38.28
C GLN A 95 14.34 10.57 39.35
N GLU A 96 14.94 9.71 40.19
CA GLU A 96 15.80 10.18 41.28
C GLU A 96 17.25 10.12 40.81
N GLN A 97 17.94 11.25 40.92
CA GLN A 97 19.33 11.33 40.48
C GLN A 97 20.23 10.60 41.47
N PRO A 98 21.42 10.14 41.03
CA PRO A 98 22.41 9.60 41.97
C PRO A 98 22.81 10.63 43.00
N ASP A 99 22.58 10.30 44.27
CA ASP A 99 22.58 11.26 45.40
C ASP A 99 21.75 12.49 45.07
N MET A 100 20.45 12.25 44.92
CA MET A 100 19.44 13.27 44.66
C MET A 100 19.32 14.17 45.87
N GLN A 101 19.46 15.48 45.66
CA GLN A 101 19.05 16.46 46.65
C GLN A 101 17.70 17.05 46.24
N ILE A 102 16.75 17.07 47.17
CA ILE A 102 15.34 17.34 46.89
C ILE A 102 15.13 18.81 46.50
N PRO A 103 14.71 19.08 45.27
CA PRO A 103 14.32 20.46 44.95
C PRO A 103 12.95 20.78 45.54
N PHE A 104 12.72 22.07 45.74
CA PHE A 104 11.54 22.51 46.50
C PHE A 104 10.26 22.33 45.70
N ASP A 105 10.35 22.29 44.37
CA ASP A 105 9.16 22.17 43.52
C ASP A 105 8.78 20.74 43.21
N HIS A 106 9.52 19.76 43.74
CA HIS A 106 9.31 18.35 43.44
C HIS A 106 8.58 17.66 44.59
N CYS A 107 7.47 16.96 44.27
CA CYS A 107 6.85 16.12 45.29
C CYS A 107 6.11 14.92 44.71
N TRP A 108 6.17 13.86 45.52
CA TRP A 108 5.53 12.55 45.39
C TRP A 108 4.02 12.59 45.56
N THR A 109 3.50 13.61 46.26
CA THR A 109 2.06 13.82 46.29
C THR A 109 1.52 14.29 44.95
N ASP A 110 2.37 14.86 44.10
CA ASP A 110 1.98 15.33 42.78
C ASP A 110 2.82 14.67 41.68
N TYR A 111 3.21 13.41 41.88
CA TYR A 111 3.80 12.60 40.83
C TYR A 111 3.04 11.27 40.77
N HIS A 112 2.71 10.84 39.55
CA HIS A 112 1.92 9.63 39.38
C HIS A 112 2.72 8.40 39.78
N VAL A 113 3.83 8.15 39.11
CA VAL A 113 4.69 7.00 39.38
C VAL A 113 6.02 7.50 39.89
N SER A 114 6.51 6.92 40.99
CA SER A 114 7.79 7.28 41.57
C SER A 114 8.74 6.09 41.46
N ILE A 115 9.76 6.20 40.62
CA ILE A 115 10.78 5.16 40.51
C ILE A 115 11.86 5.47 41.55
N LEU A 116 11.98 4.61 42.56
CA LEU A 116 12.77 4.90 43.74
C LEU A 116 13.67 3.72 44.11
N ARG A 117 14.73 4.03 44.85
CA ARG A 117 15.56 3.00 45.47
C ARG A 117 14.78 2.30 46.60
N PRO A 118 15.09 1.03 46.87
CA PRO A 118 14.54 0.40 48.07
C PRO A 118 14.95 1.08 49.35
N GLU A 119 16.20 1.55 49.43
CA GLU A 119 16.66 2.33 50.57
C GLU A 119 15.97 3.68 50.64
N GLY A 120 15.75 4.32 49.49
CA GLY A 120 15.04 5.57 49.47
C GLY A 120 13.61 5.44 49.94
N PHE A 121 12.91 4.42 49.43
CA PHE A 121 11.51 4.21 49.82
C PHE A 121 11.41 3.74 51.27
N LEU A 122 12.41 2.99 51.74
CA LEU A 122 12.50 2.65 53.16
C LEU A 122 12.62 3.90 54.02
N TYR A 123 13.47 4.86 53.58
CA TYR A 123 13.57 6.14 54.25
C TYR A 123 12.26 6.93 54.19
N LEU A 124 11.48 6.74 53.12
CA LEU A 124 10.24 7.48 52.97
C LEU A 124 9.19 6.97 53.96
N LEU A 125 9.13 5.66 54.11
CA LEU A 125 8.18 5.10 55.07
C LEU A 125 8.67 5.33 56.50
N GLU A 126 9.98 5.49 56.69
CA GLU A 126 10.46 5.81 58.03
C GLU A 126 10.04 7.21 58.46
N THR A 127 10.10 8.18 57.54
CA THR A 127 9.97 9.59 57.89
C THR A 127 8.59 10.17 57.58
N ARG A 128 7.62 9.33 57.21
CA ARG A 128 6.26 9.71 56.83
C ARG A 128 6.21 10.69 55.66
N GLU A 129 7.21 10.66 54.78
CA GLU A 129 7.17 11.50 53.59
C GLU A 129 6.41 10.81 52.47
N LEU A 130 6.09 9.52 52.63
CA LEU A 130 5.14 8.82 51.80
C LEU A 130 4.46 7.76 52.66
N LEU A 131 3.15 7.62 52.50
CA LEU A 131 2.34 6.75 53.32
C LEU A 131 2.02 5.46 52.57
N LEU A 132 2.04 4.33 53.29
CA LEU A 132 1.85 3.02 52.66
C LEU A 132 0.41 2.84 52.18
N SER A 133 -0.56 3.39 52.91
CA SER A 133 -1.95 3.27 52.49
C SER A 133 -2.22 4.15 51.27
N ARG A 134 -1.47 5.24 51.12
CA ARG A 134 -1.53 6.02 49.90
C ARG A 134 -0.83 5.34 48.74
N VAL A 135 0.10 4.42 49.02
CA VAL A 135 0.70 3.63 47.96
C VAL A 135 -0.31 2.61 47.46
N GLU A 136 -0.52 2.58 46.15
CA GLU A 136 -1.38 1.59 45.52
C GLU A 136 -0.60 0.38 45.03
N LEU A 137 0.61 0.57 44.54
CA LEU A 137 1.38 -0.48 43.91
C LEU A 137 2.84 -0.38 44.32
N ILE A 138 3.46 -1.53 44.56
CA ILE A 138 4.91 -1.61 44.74
C ILE A 138 5.44 -2.67 43.78
N VAL A 139 6.40 -2.30 42.94
CA VAL A 139 6.97 -3.20 41.96
C VAL A 139 8.46 -3.35 42.26
N LEU A 140 8.92 -4.59 42.33
CA LEU A 140 10.28 -4.93 42.73
C LEU A 140 11.04 -5.46 41.52
N GLU A 141 12.10 -4.77 41.14
CA GLU A 141 12.87 -5.19 39.97
C GLU A 141 13.86 -6.26 40.38
N ASP A 142 13.72 -7.45 39.78
CA ASP A 142 14.55 -8.63 40.04
C ASP A 142 14.60 -8.98 41.53
N CYS A 143 13.42 -9.28 42.08
CA CYS A 143 13.29 -9.61 43.50
C CYS A 143 13.79 -10.99 43.85
N HIS A 144 14.21 -11.80 42.86
CA HIS A 144 14.88 -13.06 43.16
C HIS A 144 16.36 -12.85 43.50
N ASP A 145 16.85 -11.63 43.42
CA ASP A 145 18.16 -11.29 43.95
C ASP A 145 18.15 -11.42 45.48
N SER A 146 19.22 -12.02 46.00
CA SER A 146 19.38 -12.14 47.44
C SER A 146 19.70 -10.80 48.10
N ALA A 147 20.52 -10.00 47.42
CA ALA A 147 20.91 -8.71 47.97
C ALA A 147 19.72 -7.76 48.07
N VAL A 148 18.84 -7.77 47.07
CA VAL A 148 17.69 -6.87 47.17
C VAL A 148 16.64 -7.48 48.07
N TYR A 149 16.69 -8.81 48.29
CA TYR A 149 15.88 -9.41 49.34
C TYR A 149 16.27 -8.86 50.70
N GLN A 150 17.59 -8.78 50.95
CA GLN A 150 18.06 -8.19 52.19
C GLN A 150 17.76 -6.70 52.26
N ARG A 151 17.76 -6.03 51.10
CA ARG A 151 17.43 -4.61 51.06
C ARG A 151 15.96 -4.36 51.40
N ILE A 152 15.06 -5.23 50.92
CA ILE A 152 13.64 -5.09 51.24
C ILE A 152 13.23 -5.83 52.50
N ARG A 153 14.17 -6.51 53.16
CA ARG A 153 13.90 -7.11 54.47
C ARG A 153 13.43 -6.11 55.53
N PRO A 154 14.04 -4.93 55.74
CA PRO A 154 13.39 -3.97 56.65
C PRO A 154 12.11 -3.41 56.08
N LEU A 155 12.03 -3.29 54.75
CA LEU A 155 10.83 -2.79 54.08
C LEU A 155 9.63 -3.70 54.34
N PHE A 156 9.80 -4.99 54.13
CA PHE A 156 8.68 -5.90 54.29
C PHE A 156 8.46 -6.27 55.75
N GLU A 157 9.55 -6.56 56.48
CA GLU A 157 9.42 -7.03 57.84
C GLU A 157 9.14 -5.90 58.84
N ASN A 158 9.24 -4.64 58.41
CA ASN A 158 8.88 -3.55 59.30
C ASN A 158 7.62 -2.81 58.89
N HIS A 159 7.22 -2.88 57.62
CA HIS A 159 6.10 -2.08 57.15
C HIS A 159 5.01 -2.88 56.45
N ILE A 160 5.38 -3.90 55.68
CA ILE A 160 4.40 -4.58 54.82
C ILE A 160 3.64 -5.64 55.61
N MET A 161 4.37 -6.54 56.28
CA MET A 161 3.71 -7.48 57.18
C MET A 161 2.94 -6.83 58.35
N PRO A 162 3.44 -5.80 59.07
CA PRO A 162 2.59 -5.20 60.12
C PRO A 162 1.35 -4.48 59.59
N ALA A 163 1.35 -4.07 58.32
CA ALA A 163 0.16 -3.48 57.75
C ALA A 163 -0.92 -4.53 57.53
N PRO A 164 -2.20 -4.18 57.76
CA PRO A 164 -3.27 -5.13 57.48
C PRO A 164 -3.43 -5.34 55.98
N PRO A 165 -3.96 -6.49 55.55
CA PRO A 165 -4.15 -6.74 54.11
C PRO A 165 -5.15 -5.80 53.44
N ALA A 166 -6.03 -5.15 54.21
CA ALA A 166 -6.86 -4.10 53.66
C ALA A 166 -6.02 -2.89 53.23
N ASP A 167 -5.04 -2.51 54.05
CA ASP A 167 -4.18 -1.37 53.73
C ASP A 167 -2.96 -1.74 52.90
N ARG A 168 -2.74 -3.03 52.64
CA ARG A 168 -1.57 -3.44 51.87
C ARG A 168 -1.72 -3.07 50.40
N PRO A 169 -0.77 -2.36 49.81
CA PRO A 169 -0.80 -2.13 48.37
C PRO A 169 -0.54 -3.42 47.59
N ARG A 170 -0.97 -3.40 46.33
CA ARG A 170 -0.78 -4.53 45.45
C ARG A 170 0.71 -4.64 45.12
N ILE A 171 1.23 -5.87 45.07
CA ILE A 171 2.66 -6.09 45.04
C ILE A 171 3.00 -6.90 43.79
N LEU A 172 3.98 -6.44 43.02
CA LEU A 172 4.49 -7.16 41.85
C LEU A 172 6.00 -7.25 41.93
N GLY A 173 6.55 -8.43 41.65
CA GLY A 173 7.98 -8.61 41.53
C GLY A 173 8.43 -9.20 40.21
N LEU A 174 9.16 -8.42 39.41
CA LEU A 174 9.56 -8.83 38.05
C LEU A 174 10.73 -9.80 38.14
N ALA A 175 10.45 -11.02 38.60
CA ALA A 175 11.62 -11.83 38.90
C ALA A 175 12.07 -12.60 37.66
N GLY A 176 13.27 -13.16 37.76
CA GLY A 176 13.78 -14.03 36.73
C GLY A 176 13.08 -15.36 36.79
N PRO A 177 13.32 -16.22 35.80
CA PRO A 177 12.60 -17.49 35.76
C PRO A 177 13.08 -18.48 36.82
N LEU A 178 12.21 -19.43 37.14
CA LEU A 178 12.45 -20.38 38.24
C LEU A 178 13.33 -21.54 37.82
N HIS A 179 13.58 -21.72 36.53
CA HIS A 179 14.67 -22.57 36.10
C HIS A 179 15.99 -21.81 36.06
N SER A 180 16.03 -20.63 36.65
CA SER A 180 17.17 -19.73 36.63
C SER A 180 17.36 -19.12 38.01
N ALA A 181 17.22 -19.93 39.05
CA ALA A 181 17.27 -19.43 40.41
C ALA A 181 18.64 -19.60 41.07
N GLY A 182 19.54 -20.37 40.46
CA GLY A 182 20.85 -20.61 41.04
C GLY A 182 20.85 -21.43 42.32
N CYS A 183 19.97 -22.43 42.39
CA CYS A 183 19.94 -23.33 43.54
C CYS A 183 19.70 -24.74 43.04
N GLU A 184 20.04 -25.71 43.89
CA GLU A 184 19.52 -27.06 43.72
C GLU A 184 18.03 -27.07 44.00
N LEU A 185 17.35 -28.10 43.47
CA LEU A 185 15.90 -28.14 43.41
C LEU A 185 15.26 -28.13 44.80
N GLN A 186 15.86 -28.86 45.75
CA GLN A 186 15.46 -28.80 47.16
C GLN A 186 15.53 -27.38 47.70
N GLN A 187 16.69 -26.76 47.55
CA GLN A 187 16.89 -25.40 48.05
C GLN A 187 16.18 -24.39 47.17
N LEU A 188 15.88 -24.75 45.92
CA LEU A 188 15.02 -23.93 45.07
C LEU A 188 13.60 -23.87 45.64
N SER A 189 13.04 -25.02 45.99
CA SER A 189 11.69 -25.05 46.55
C SER A 189 11.64 -24.35 47.90
N ALA A 190 12.68 -24.52 48.72
CA ALA A 190 12.75 -23.80 50.00
C ALA A 190 12.83 -22.28 49.80
N MET A 191 13.68 -21.83 48.86
CA MET A 191 13.80 -20.43 48.53
C MET A 191 12.48 -19.89 47.99
N LEU A 192 11.77 -20.71 47.21
CA LEU A 192 10.44 -20.35 46.75
C LEU A 192 9.52 -20.07 47.93
N ALA A 193 9.31 -21.07 48.80
CA ALA A 193 8.28 -20.97 49.84
C ALA A 193 8.58 -19.82 50.81
N THR A 194 9.87 -19.61 51.11
CA THR A 194 10.26 -18.44 51.89
C THR A 194 10.02 -17.15 51.12
N LEU A 195 10.14 -17.20 49.78
CA LEU A 195 9.90 -15.99 49.00
C LEU A 195 8.42 -15.63 48.92
N GLU A 196 7.51 -16.60 48.71
CA GLU A 196 6.09 -16.25 48.72
C GLU A 196 5.63 -15.79 50.11
N GLN A 197 6.13 -16.43 51.18
CA GLN A 197 5.73 -15.95 52.49
C GLN A 197 6.38 -14.60 52.80
N SER A 198 7.51 -14.31 52.16
CA SER A 198 8.24 -13.08 52.43
C SER A 198 7.54 -11.87 51.84
N VAL A 199 7.40 -11.83 50.50
CA VAL A 199 6.86 -10.64 49.85
C VAL A 199 5.35 -10.66 49.72
N LEU A 200 4.67 -11.65 50.33
CA LEU A 200 3.21 -11.80 50.32
C LEU A 200 2.65 -11.88 48.91
N CYS A 201 3.31 -12.67 48.06
CA CYS A 201 2.86 -12.88 46.68
C CYS A 201 2.75 -14.37 46.43
N GLN A 202 2.43 -14.70 45.19
CA GLN A 202 2.50 -16.05 44.66
C GLN A 202 3.23 -16.03 43.33
N ILE A 203 3.86 -17.15 42.99
CA ILE A 203 4.48 -17.29 41.69
C ILE A 203 3.39 -17.39 40.63
N GLU A 204 3.44 -16.49 39.65
CA GLU A 204 2.62 -16.64 38.45
C GLU A 204 3.59 -16.78 37.30
N SER A 205 3.47 -17.87 36.54
CA SER A 205 4.57 -18.27 35.69
C SER A 205 4.29 -18.03 34.21
N ALA A 206 3.28 -18.71 33.64
CA ALA A 206 2.63 -18.49 32.34
C ALA A 206 3.53 -17.98 31.22
N SER A 207 4.70 -18.58 31.07
CA SER A 207 5.59 -18.27 29.97
C SER A 207 5.12 -19.00 28.73
N ASP A 208 5.85 -18.84 27.62
CA ASP A 208 5.66 -19.71 26.47
C ASP A 208 5.99 -21.16 26.83
N ILE A 209 6.99 -21.33 27.69
CA ILE A 209 7.33 -22.63 28.26
C ILE A 209 6.13 -23.22 29.00
N VAL A 210 5.52 -22.41 29.88
CA VAL A 210 4.34 -22.87 30.61
C VAL A 210 3.17 -23.04 29.64
N THR A 211 3.08 -22.17 28.62
CA THR A 211 1.99 -22.22 27.66
C THR A 211 1.98 -23.53 26.89
N VAL A 212 3.14 -24.06 26.56
CA VAL A 212 3.10 -25.34 25.87
C VAL A 212 2.97 -26.48 26.87
N LEU A 213 3.51 -26.32 28.08
CA LEU A 213 3.43 -27.43 29.04
C LEU A 213 2.00 -27.64 29.56
N ARG A 214 1.13 -26.63 29.49
CA ARG A 214 -0.26 -26.85 29.88
C ARG A 214 -1.28 -26.46 28.81
N TYR A 215 -1.18 -25.26 28.21
CA TYR A 215 -2.22 -24.82 27.27
C TYR A 215 -2.09 -25.52 25.92
N CYS A 216 -0.90 -25.93 25.55
CA CYS A 216 -0.80 -26.74 24.35
C CYS A 216 -0.81 -28.22 24.70
N SER A 217 -0.99 -29.05 23.67
CA SER A 217 -1.07 -30.49 23.87
C SER A 217 0.26 -31.05 24.31
N ARG A 218 0.21 -32.12 25.09
CA ARG A 218 1.39 -32.70 25.72
C ARG A 218 2.23 -33.46 24.71
N PRO A 219 3.50 -33.11 24.52
CA PRO A 219 4.39 -34.00 23.76
C PRO A 219 5.04 -35.03 24.67
N HIS A 220 4.86 -36.31 24.35
CA HIS A 220 5.49 -37.36 25.12
C HIS A 220 6.99 -37.38 24.84
N GLU A 221 7.78 -37.35 25.90
CA GLU A 221 9.22 -37.20 25.80
C GLU A 221 9.89 -38.56 25.79
N TYR A 222 10.65 -38.83 24.74
CA TYR A 222 11.33 -40.13 24.58
C TYR A 222 12.83 -39.89 24.55
N ILE A 223 13.56 -40.71 25.30
CA ILE A 223 14.97 -40.47 25.62
C ILE A 223 15.78 -41.68 25.17
N VAL A 224 16.62 -41.48 24.14
CA VAL A 224 17.41 -42.54 23.54
C VAL A 224 18.88 -42.25 23.81
N GLN A 225 19.55 -43.21 24.44
CA GLN A 225 20.95 -43.05 24.81
C GLN A 225 21.85 -43.20 23.59
N CYS A 226 23.14 -43.00 23.79
CA CYS A 226 24.13 -43.19 22.74
C CYS A 226 25.35 -43.85 23.35
N ALA A 227 25.74 -44.99 22.80
CA ALA A 227 26.80 -45.81 23.37
C ALA A 227 28.18 -45.27 22.99
N PRO A 228 29.20 -45.53 23.83
CA PRO A 228 30.57 -45.17 23.43
C PRO A 228 31.13 -46.08 22.35
N PHE A 229 32.36 -45.83 21.91
CA PHE A 229 32.83 -46.35 20.63
C PHE A 229 34.17 -47.03 20.81
N GLU A 230 34.34 -48.13 20.09
CA GLU A 230 35.60 -48.86 20.03
C GLU A 230 36.14 -48.83 18.61
N MET A 231 37.30 -49.42 18.37
CA MET A 231 37.97 -49.29 17.08
C MET A 231 38.15 -50.64 16.39
N ASP A 232 37.75 -50.71 15.12
CA ASP A 232 38.19 -51.78 14.25
C ASP A 232 39.56 -51.46 13.67
N GLU A 233 40.06 -52.35 12.80
CA GLU A 233 41.45 -52.32 12.32
C GLU A 233 41.79 -51.02 11.60
N LEU A 234 40.87 -50.54 10.75
CA LEU A 234 41.02 -49.23 10.14
C LEU A 234 41.04 -48.14 11.19
N SER A 235 40.15 -48.22 12.19
CA SER A 235 40.14 -47.22 13.24
C SER A 235 41.29 -47.42 14.23
N LEU A 236 41.83 -48.64 14.34
CA LEU A 236 43.09 -48.80 15.07
C LEU A 236 44.25 -48.08 14.37
N VAL A 237 44.31 -48.16 13.04
CA VAL A 237 45.34 -47.43 12.31
C VAL A 237 45.12 -45.92 12.44
N LEU A 238 43.86 -45.48 12.41
CA LEU A 238 43.51 -44.08 12.61
C LEU A 238 43.94 -43.59 13.98
N ALA A 239 43.62 -44.36 15.02
CA ALA A 239 43.99 -44.00 16.39
C ALA A 239 45.50 -44.01 16.58
N ASP A 240 46.19 -44.98 15.96
CA ASP A 240 47.65 -45.08 16.05
C ASP A 240 48.33 -43.87 15.43
N VAL A 241 47.91 -43.49 14.22
CA VAL A 241 48.51 -42.34 13.53
C VAL A 241 48.20 -41.05 14.28
N LEU A 242 46.98 -40.93 14.82
CA LEU A 242 46.62 -39.73 15.57
C LEU A 242 47.35 -39.60 16.90
N ASN A 243 47.53 -40.70 17.65
CA ASN A 243 48.25 -40.57 18.92
C ASN A 243 49.75 -40.39 18.69
N THR A 244 50.26 -40.93 17.58
CA THR A 244 51.64 -40.64 17.19
C THR A 244 51.81 -39.14 16.89
N HIS A 245 50.83 -38.55 16.18
CA HIS A 245 50.91 -37.12 15.86
C HIS A 245 50.71 -36.26 17.12
N LYS A 246 49.86 -36.69 18.06
CA LYS A 246 49.70 -35.95 19.29
C LYS A 246 50.94 -36.03 20.18
N SER A 247 51.53 -37.23 20.27
CA SER A 247 52.69 -37.38 21.14
C SER A 247 53.93 -36.74 20.52
N PHE A 248 53.96 -36.59 19.19
CA PHE A 248 54.99 -35.77 18.58
C PHE A 248 54.74 -34.29 18.86
N LEU A 249 53.51 -33.82 18.67
CA LEU A 249 53.20 -32.39 18.71
C LEU A 249 53.30 -31.81 20.11
N LEU A 250 53.24 -32.67 21.14
CA LEU A 250 53.51 -32.22 22.49
C LEU A 250 54.95 -31.76 22.64
N ASP A 251 55.89 -32.47 22.01
CA ASP A 251 57.29 -32.13 22.08
C ASP A 251 57.76 -31.21 20.96
N HIS A 252 56.89 -30.83 20.02
CA HIS A 252 57.32 -29.93 18.97
C HIS A 252 57.49 -28.52 19.52
N ARG A 253 58.54 -27.84 19.07
CA ARG A 253 59.10 -26.70 19.78
C ARG A 253 58.89 -25.40 19.02
N TYR A 254 58.34 -24.40 19.71
CA TYR A 254 58.36 -23.01 19.27
C TYR A 254 58.72 -22.19 20.52
N ASP A 255 60.00 -21.99 20.74
CA ASP A 255 60.48 -21.32 21.96
C ASP A 255 60.66 -19.83 21.73
N ASP A 278 46.19 -23.97 18.89
CA ASP A 278 45.37 -24.04 17.68
C ASP A 278 45.48 -25.35 16.86
N PRO A 279 46.65 -26.01 16.76
CA PRO A 279 46.62 -27.43 16.37
C PRO A 279 45.87 -28.30 17.37
N LEU A 280 45.90 -27.94 18.65
CA LEU A 280 45.19 -28.69 19.68
C LEU A 280 43.68 -28.64 19.51
N ASN A 281 43.14 -27.58 18.88
CA ASN A 281 41.71 -27.56 18.55
C ASN A 281 41.36 -28.63 17.54
N VAL A 282 42.19 -28.77 16.49
CA VAL A 282 42.01 -29.82 15.49
C VAL A 282 42.17 -31.19 16.12
N ILE A 283 43.14 -31.33 17.02
CA ILE A 283 43.33 -32.58 17.78
C ILE A 283 42.09 -32.92 18.60
N ASN A 284 41.63 -31.98 19.40
CA ASN A 284 40.59 -32.20 20.39
C ASN A 284 39.22 -32.33 19.77
N SER A 285 39.04 -31.88 18.52
CA SER A 285 37.79 -32.16 17.82
C SER A 285 37.86 -33.41 16.97
N LEU A 286 39.02 -33.71 16.38
CA LEU A 286 39.15 -34.89 15.55
C LEU A 286 39.11 -36.18 16.35
N LEU A 287 39.63 -36.17 17.58
CA LEU A 287 39.48 -37.36 18.43
C LEU A 287 38.03 -37.60 18.83
N VAL A 288 37.27 -36.53 19.09
CA VAL A 288 35.87 -36.69 19.48
C VAL A 288 35.03 -37.18 18.31
N VAL A 289 35.27 -36.66 17.10
CA VAL A 289 34.50 -37.13 15.97
C VAL A 289 34.95 -38.52 15.53
N LEU A 290 36.15 -38.93 15.94
CA LEU A 290 36.54 -40.33 15.75
C LEU A 290 35.84 -41.24 16.77
N HIS A 291 35.88 -40.87 18.04
CA HIS A 291 35.33 -41.66 19.14
C HIS A 291 33.83 -41.51 19.32
N GLU A 292 33.14 -40.78 18.44
CA GLU A 292 31.70 -40.65 18.57
C GLU A 292 30.92 -41.00 17.31
N MET A 293 31.51 -40.90 16.11
CA MET A 293 30.77 -41.28 14.91
C MET A 293 31.44 -42.39 14.10
N GLY A 294 32.76 -42.34 13.93
CA GLY A 294 33.44 -43.33 13.13
C GLY A 294 34.22 -42.75 11.96
N PRO A 295 34.84 -43.62 11.14
CA PRO A 295 35.83 -43.14 10.16
C PRO A 295 35.26 -42.32 9.00
N TRP A 296 34.03 -42.61 8.57
CA TRP A 296 33.41 -41.86 7.47
C TRP A 296 33.19 -40.41 7.87
N CYS A 297 32.55 -40.19 9.01
CA CYS A 297 32.41 -38.84 9.53
C CYS A 297 33.72 -38.26 10.03
N THR A 298 34.72 -39.10 10.30
CA THR A 298 36.05 -38.57 10.60
C THR A 298 36.69 -37.92 9.37
N GLN A 299 36.59 -38.56 8.20
CA GLN A 299 37.12 -37.85 7.02
C GLN A 299 36.18 -36.75 6.56
N ARG A 300 34.88 -36.82 6.89
CA ARG A 300 34.03 -35.68 6.57
C ARG A 300 34.13 -34.55 7.61
N ALA A 301 34.85 -34.75 8.71
CA ALA A 301 35.34 -33.64 9.53
C ALA A 301 36.73 -33.20 9.14
N ALA A 302 37.52 -34.11 8.57
CA ALA A 302 38.79 -33.73 7.94
C ALA A 302 38.54 -32.83 6.73
N HIS A 303 37.39 -33.00 6.08
CA HIS A 303 36.82 -32.03 5.14
C HIS A 303 36.90 -30.59 5.65
N HIS A 304 36.20 -30.34 6.75
CA HIS A 304 36.11 -29.00 7.33
C HIS A 304 37.47 -28.53 7.85
N PHE A 305 38.23 -29.43 8.49
CA PHE A 305 39.47 -28.99 9.11
C PHE A 305 40.59 -28.80 8.10
N TYR A 306 40.63 -29.57 7.01
CA TYR A 306 41.63 -29.30 5.98
C TYR A 306 41.23 -28.09 5.15
N GLN A 307 39.93 -27.83 5.00
CA GLN A 307 39.49 -26.57 4.40
C GLN A 307 39.89 -25.37 5.26
N CYS A 308 39.87 -25.53 6.59
CA CYS A 308 40.38 -24.48 7.47
C CYS A 308 41.89 -24.32 7.33
N ASN A 309 42.63 -25.44 7.31
CA ASN A 309 44.09 -25.37 7.30
C ASN A 309 44.64 -24.88 5.96
N GLU A 310 43.93 -25.14 4.85
CA GLU A 310 44.35 -24.66 3.54
C GLU A 310 44.35 -23.14 3.43
N LYS A 311 43.55 -22.45 4.25
CA LYS A 311 43.64 -21.00 4.38
C LYS A 311 44.57 -20.57 5.49
N LEU A 312 44.50 -21.21 6.66
CA LEU A 312 45.22 -20.72 7.83
C LEU A 312 46.69 -21.11 7.85
N LYS A 313 47.16 -21.94 6.91
CA LYS A 313 48.60 -22.12 6.75
C LYS A 313 49.19 -21.07 5.83
N VAL A 314 48.35 -20.41 5.02
CA VAL A 314 48.82 -19.35 4.15
C VAL A 314 48.67 -17.99 4.81
N LYS A 315 47.66 -17.83 5.66
CA LYS A 315 47.41 -16.55 6.32
C LYS A 315 48.38 -16.24 7.45
N THR A 316 49.25 -17.20 7.86
CA THR A 316 50.08 -16.91 9.01
C THR A 316 51.41 -16.28 8.60
N PRO A 317 51.93 -15.33 9.38
CA PRO A 317 53.22 -14.71 9.04
C PRO A 317 54.43 -15.44 9.63
N HIS A 318 54.21 -16.22 10.68
CA HIS A 318 55.31 -16.91 11.34
C HIS A 318 55.63 -18.21 10.59
N GLU A 319 56.91 -18.42 10.30
CA GLU A 319 57.32 -19.56 9.48
C GLU A 319 57.24 -20.88 10.26
N ARG A 320 57.54 -20.87 11.56
CA ARG A 320 57.42 -22.10 12.33
C ARG A 320 55.98 -22.43 12.66
N HIS A 321 55.14 -21.40 12.87
CA HIS A 321 53.70 -21.62 12.95
C HIS A 321 53.13 -22.10 11.63
N TYR A 322 53.69 -21.62 10.50
CA TYR A 322 53.32 -22.16 9.20
C TYR A 322 53.71 -23.63 9.06
N LEU A 323 54.88 -24.00 9.56
CA LEU A 323 55.31 -25.40 9.54
C LEU A 323 54.40 -26.26 10.40
N LEU A 324 53.99 -25.74 11.57
CA LEU A 324 53.10 -26.48 12.46
C LEU A 324 51.71 -26.68 11.84
N TYR A 325 51.15 -25.61 11.26
CA TYR A 325 49.85 -25.70 10.63
C TYR A 325 49.88 -26.59 9.40
N CYS A 326 50.96 -26.56 8.62
CA CYS A 326 51.03 -27.41 7.46
C CYS A 326 51.33 -28.87 7.81
N LEU A 327 51.98 -29.15 8.95
CA LEU A 327 52.13 -30.55 9.35
C LEU A 327 50.81 -31.11 9.88
N VAL A 328 50.00 -30.29 10.56
CA VAL A 328 48.65 -30.73 10.90
C VAL A 328 47.80 -30.94 9.64
N SER A 329 47.98 -30.09 8.64
CA SER A 329 47.30 -30.25 7.36
C SER A 329 47.70 -31.54 6.65
N THR A 330 49.00 -31.88 6.69
CA THR A 330 49.43 -33.15 6.09
C THR A 330 48.94 -34.35 6.90
N ALA A 331 48.78 -34.19 8.22
CA ALA A 331 48.17 -35.27 9.00
C ALA A 331 46.72 -35.50 8.61
N LEU A 332 45.98 -34.41 8.34
CA LEU A 332 44.63 -34.55 7.79
C LEU A 332 44.65 -35.18 6.40
N ILE A 333 45.69 -34.89 5.61
CA ILE A 333 45.87 -35.56 4.31
C ILE A 333 46.08 -37.06 4.51
N GLN A 334 46.85 -37.45 5.54
CA GLN A 334 47.00 -38.87 5.89
C GLN A 334 45.67 -39.52 6.20
N LEU A 335 44.89 -38.90 7.10
CA LEU A 335 43.64 -39.53 7.54
C LEU A 335 42.63 -39.63 6.41
N TYR A 336 42.54 -38.59 5.57
CA TYR A 336 41.66 -38.64 4.41
C TYR A 336 42.12 -39.68 3.39
N SER A 337 43.43 -39.83 3.23
CA SER A 337 43.95 -40.84 2.31
C SER A 337 43.67 -42.26 2.79
N LEU A 338 43.83 -42.53 4.10
CA LEU A 338 43.46 -43.83 4.66
C LEU A 338 41.96 -44.11 4.54
N CYS A 339 41.12 -43.12 4.81
CA CYS A 339 39.69 -43.39 4.79
C CYS A 339 39.15 -43.44 3.37
N GLU A 340 39.84 -42.80 2.42
CA GLU A 340 39.52 -43.00 1.02
C GLU A 340 40.04 -44.35 0.51
N HIS A 341 41.11 -44.86 1.12
CA HIS A 341 41.66 -46.18 0.85
C HIS A 341 41.00 -47.27 1.67
N ALA A 342 39.77 -47.06 2.14
CA ALA A 342 39.17 -47.96 3.12
C ALA A 342 37.89 -48.60 2.61
N PHE A 343 37.07 -47.85 1.89
CA PHE A 343 35.80 -48.38 1.39
C PHE A 343 35.51 -48.04 -0.07
N HIS A 344 36.32 -47.21 -0.71
CA HIS A 344 36.25 -47.08 -2.16
C HIS A 344 37.36 -47.88 -2.86
N ARG A 345 38.41 -48.24 -2.13
CA ARG A 345 39.56 -48.94 -2.68
C ARG A 345 39.64 -50.39 -2.22
N HIS A 346 39.31 -50.68 -0.96
CA HIS A 346 39.31 -52.05 -0.46
C HIS A 346 38.19 -52.89 -1.06
N LEU A 347 37.04 -52.29 -1.34
CA LEU A 347 35.95 -53.01 -1.96
C LEU A 347 36.07 -52.85 -3.47
N SER A 353 25.32 -48.04 -0.89
CA SER A 353 26.37 -48.12 0.13
C SER A 353 25.81 -47.80 1.52
N ARG A 354 24.53 -48.11 1.71
CA ARG A 354 23.94 -47.98 3.05
C ARG A 354 24.53 -48.99 4.02
N GLN A 355 24.86 -50.20 3.54
CA GLN A 355 25.60 -51.14 4.38
C GLN A 355 27.03 -50.66 4.64
N THR A 356 27.62 -49.92 3.69
CA THR A 356 28.97 -49.41 3.88
C THR A 356 29.00 -48.29 4.92
N ILE A 357 28.00 -47.40 4.92
CA ILE A 357 27.95 -46.35 5.93
C ILE A 357 27.50 -46.90 7.27
N GLU A 358 26.66 -47.95 7.27
CA GLU A 358 26.22 -48.54 8.52
C GLU A 358 27.31 -49.40 9.17
N ARG A 359 28.24 -49.93 8.37
CA ARG A 359 29.34 -50.76 8.86
C ARG A 359 30.28 -50.00 9.79
N TYR A 360 30.92 -48.97 9.27
CA TYR A 360 31.95 -48.26 10.03
C TYR A 360 31.32 -47.26 10.99
N SER A 361 30.49 -46.36 10.45
CA SER A 361 29.79 -45.40 11.30
C SER A 361 28.71 -46.12 12.11
N SER A 362 28.62 -45.77 13.39
CA SER A 362 27.65 -46.32 14.31
C SER A 362 26.24 -45.94 13.87
N PRO A 363 25.23 -46.79 14.11
CA PRO A 363 23.86 -46.48 13.63
C PRO A 363 23.22 -45.27 14.28
N LYS A 364 23.20 -45.21 15.62
CA LYS A 364 22.73 -44.07 16.42
C LYS A 364 21.34 -43.57 16.07
N VAL A 365 21.24 -42.91 14.91
CA VAL A 365 20.12 -42.08 14.49
C VAL A 365 18.95 -42.93 13.99
N ARG A 366 19.08 -44.26 14.07
CA ARG A 366 18.05 -45.20 13.66
C ARG A 366 16.72 -45.02 14.39
N ARG A 367 16.76 -44.87 15.72
CA ARG A 367 15.54 -44.67 16.50
C ARG A 367 14.90 -43.31 16.19
N LEU A 368 15.71 -42.26 16.00
CA LEU A 368 15.19 -40.97 15.59
C LEU A 368 14.53 -41.05 14.21
N LEU A 369 15.16 -41.80 13.30
CA LEU A 369 14.59 -41.99 11.97
C LEU A 369 13.28 -42.75 12.03
N GLN A 370 13.19 -43.79 12.88
CA GLN A 370 11.92 -44.52 13.02
C GLN A 370 10.85 -43.65 13.67
N THR A 371 11.27 -42.73 14.54
CA THR A 371 10.34 -41.75 15.11
C THR A 371 9.75 -40.85 14.03
N LEU A 372 10.59 -40.44 13.07
CA LEU A 372 10.03 -39.65 11.97
C LEU A 372 9.38 -40.51 10.87
N ARG A 373 9.64 -41.82 10.81
CA ARG A 373 8.95 -42.69 9.86
C ARG A 373 7.57 -43.12 10.32
N CYS A 374 7.34 -43.21 11.62
CA CYS A 374 5.99 -43.57 12.07
C CYS A 374 4.99 -42.44 11.88
N PHE A 375 5.45 -41.22 11.64
CA PHE A 375 4.60 -40.07 11.39
C PHE A 375 4.28 -39.89 9.91
N LYS A 376 4.63 -40.85 9.07
CA LYS A 376 4.38 -40.79 7.64
C LYS A 376 2.89 -40.93 7.31
N THR A 492 -0.65 -33.44 10.13
CA THR A 492 0.36 -33.10 9.14
C THR A 492 1.72 -32.91 9.81
N LEU A 493 2.71 -33.71 9.38
CA LEU A 493 4.01 -33.74 10.02
C LEU A 493 4.79 -32.47 9.71
N CYS A 494 5.17 -31.73 10.75
CA CYS A 494 6.08 -30.60 10.64
C CYS A 494 7.21 -30.89 11.62
N ALA A 495 8.15 -31.72 11.18
CA ALA A 495 9.22 -32.19 12.04
C ALA A 495 10.26 -31.09 12.20
N LEU A 496 10.66 -30.81 13.43
CA LEU A 496 11.58 -29.73 13.70
C LEU A 496 12.77 -30.33 14.44
N ILE A 497 13.99 -30.00 14.02
CA ILE A 497 15.20 -30.47 14.69
C ILE A 497 15.97 -29.25 15.18
N TYR A 498 16.43 -29.30 16.43
CA TYR A 498 17.02 -28.14 17.07
C TYR A 498 18.43 -28.43 17.55
N CYS A 499 19.30 -27.43 17.39
CA CYS A 499 20.69 -27.48 17.81
C CYS A 499 21.07 -26.10 18.34
N ASN A 500 22.37 -25.85 18.48
CA ASN A 500 22.86 -24.57 18.98
C ASN A 500 23.88 -23.91 18.06
N GLN A 501 24.28 -24.57 16.97
CA GLN A 501 25.22 -24.01 16.02
C GLN A 501 24.55 -23.92 14.65
N ASN A 502 24.84 -22.83 13.93
CA ASN A 502 24.28 -22.63 12.60
C ASN A 502 24.77 -23.69 11.60
N HIS A 503 26.07 -24.01 11.64
CA HIS A 503 26.66 -24.96 10.70
C HIS A 503 26.17 -26.37 10.94
N THR A 504 25.89 -26.72 12.21
CA THR A 504 25.28 -28.01 12.51
C THR A 504 23.88 -28.11 11.93
N ALA A 505 23.12 -27.01 11.98
CA ALA A 505 21.80 -26.97 11.36
C ALA A 505 21.90 -27.13 9.84
N ARG A 506 22.89 -26.48 9.22
CA ARG A 506 23.07 -26.62 7.77
C ARG A 506 23.46 -28.05 7.38
N VAL A 507 24.38 -28.66 8.13
CA VAL A 507 24.84 -30.00 7.78
C VAL A 507 23.77 -31.04 8.08
N LEU A 508 22.91 -30.79 9.09
CA LEU A 508 21.81 -31.71 9.34
C LEU A 508 20.71 -31.54 8.30
N PHE A 509 20.51 -30.32 7.79
CA PHE A 509 19.61 -30.14 6.65
C PHE A 509 20.11 -30.90 5.43
N GLU A 510 21.42 -30.88 5.21
CA GLU A 510 22.00 -31.64 4.11
C GLU A 510 21.84 -33.15 4.33
N LEU A 511 21.97 -33.61 5.58
CA LEU A 511 21.80 -35.03 5.87
C LEU A 511 20.36 -35.49 5.67
N LEU A 512 19.39 -34.73 6.17
CA LEU A 512 17.99 -35.05 5.92
C LEU A 512 17.64 -34.94 4.43
N ALA A 513 18.27 -34.00 3.72
CA ALA A 513 18.05 -33.91 2.27
C ALA A 513 18.56 -35.15 1.54
N GLU A 514 19.79 -35.58 1.85
CA GLU A 514 20.35 -36.74 1.16
C GLU A 514 19.66 -38.04 1.55
N ILE A 515 19.11 -38.10 2.77
CA ILE A 515 18.35 -39.30 3.13
C ILE A 515 16.94 -39.23 2.57
N SER A 516 16.47 -38.03 2.21
CA SER A 516 15.20 -37.92 1.52
C SER A 516 15.31 -38.39 0.07
N ARG A 517 16.39 -38.00 -0.61
CA ARG A 517 16.55 -38.43 -2.00
C ARG A 517 17.01 -39.88 -2.10
N ARG A 518 17.81 -40.35 -1.15
CA ARG A 518 18.36 -41.69 -1.25
C ARG A 518 17.34 -42.76 -0.86
N ASP A 519 16.74 -42.62 0.30
CA ASP A 519 15.81 -43.64 0.78
C ASP A 519 14.47 -43.52 0.06
N PRO A 520 13.94 -44.62 -0.50
CA PRO A 520 12.64 -44.52 -1.19
C PRO A 520 11.47 -44.33 -0.23
N ASP A 521 11.57 -44.84 0.98
CA ASP A 521 10.51 -44.65 1.96
C ASP A 521 10.54 -43.25 2.57
N LEU A 522 11.65 -42.52 2.43
CA LEU A 522 11.80 -41.20 3.01
C LEU A 522 11.68 -40.08 1.99
N LYS A 523 11.05 -40.35 0.84
CA LYS A 523 10.87 -39.31 -0.17
C LYS A 523 9.89 -38.24 0.31
N PHE A 524 8.95 -38.60 1.19
CA PHE A 524 7.93 -37.66 1.64
C PHE A 524 8.48 -36.54 2.52
N LEU A 525 9.70 -36.71 3.04
CA LEU A 525 10.35 -35.64 3.79
C LEU A 525 10.77 -34.52 2.85
N ARG A 526 10.01 -33.43 2.84
CA ARG A 526 10.36 -32.26 2.03
C ARG A 526 11.49 -31.52 2.74
N CYS A 527 12.69 -31.62 2.20
CA CYS A 527 13.86 -30.97 2.78
C CYS A 527 14.47 -29.99 1.79
N THR A 539 30.63 -3.28 6.41
CA THR A 539 30.93 -3.16 4.99
C THR A 539 30.83 -4.52 4.30
N GLU A 540 30.74 -4.47 2.96
CA GLU A 540 30.54 -5.65 2.12
C GLU A 540 29.36 -6.51 2.54
N PRO A 541 28.13 -6.06 2.31
CA PRO A 541 26.94 -6.79 2.77
C PRO A 541 26.37 -7.81 1.79
N LYS A 542 27.09 -8.13 0.72
CA LYS A 542 26.53 -9.00 -0.33
C LYS A 542 26.47 -10.46 0.12
N GLU A 543 27.54 -10.93 0.78
CA GLU A 543 27.56 -12.32 1.23
C GLU A 543 26.58 -12.55 2.37
N ALA A 544 26.28 -11.50 3.15
CA ALA A 544 25.26 -11.61 4.19
C ALA A 544 23.89 -11.84 3.58
N GLU A 545 23.57 -11.14 2.49
CA GLU A 545 22.29 -11.35 1.83
C GLU A 545 22.24 -12.67 1.08
N LEU A 546 23.37 -13.10 0.50
CA LEU A 546 23.40 -14.41 -0.15
C LEU A 546 23.18 -15.53 0.87
N GLU A 547 23.80 -15.40 2.05
CA GLU A 547 23.59 -16.34 3.14
C GLU A 547 22.16 -16.28 3.69
N HIS A 548 21.61 -15.07 3.81
CA HIS A 548 20.26 -14.90 4.34
C HIS A 548 19.22 -15.47 3.36
N ARG A 549 19.42 -15.25 2.06
CA ARG A 549 18.52 -15.80 1.06
C ARG A 549 18.64 -17.32 0.99
N ARG A 550 19.86 -17.85 1.13
CA ARG A 550 20.05 -19.30 1.17
C ARG A 550 19.38 -19.92 2.38
N GLN A 551 19.51 -19.28 3.56
CA GLN A 551 18.93 -19.89 4.75
C GLN A 551 17.41 -19.82 4.72
N GLU A 552 16.83 -18.72 4.20
CA GLU A 552 15.37 -18.69 4.10
C GLU A 552 14.85 -19.63 3.01
N GLU A 553 15.64 -19.88 1.96
CA GLU A 553 15.27 -20.91 0.98
C GLU A 553 15.26 -22.29 1.63
N VAL A 554 16.28 -22.57 2.46
CA VAL A 554 16.34 -23.82 3.22
C VAL A 554 15.14 -23.95 4.16
N LEU A 555 14.80 -22.85 4.85
CA LEU A 555 13.68 -22.88 5.79
C LEU A 555 12.35 -23.09 5.07
N LYS A 556 12.18 -22.48 3.90
CA LYS A 556 10.96 -22.68 3.13
C LYS A 556 10.86 -24.11 2.62
N ARG A 557 11.97 -24.69 2.17
CA ARG A 557 11.95 -26.04 1.63
C ARG A 557 11.68 -27.08 2.72
N PHE A 558 12.24 -26.89 3.92
CA PHE A 558 11.99 -27.89 4.97
C PHE A 558 10.64 -27.67 5.64
N ARG A 559 10.23 -26.42 5.86
CA ARG A 559 9.02 -26.16 6.63
C ARG A 559 7.76 -26.50 5.84
N MET A 560 7.76 -26.22 4.54
CA MET A 560 6.62 -26.54 3.69
C MET A 560 6.75 -27.94 3.11
N LEU A 566 12.04 -28.21 10.56
CA LEU A 566 12.96 -27.10 10.34
C LEU A 566 14.19 -27.40 11.17
N ILE A 567 15.35 -27.46 10.52
CA ILE A 567 16.57 -27.73 11.27
C ILE A 567 17.01 -26.41 11.88
N GLY A 568 16.51 -26.11 13.09
CA GLY A 568 16.67 -24.81 13.68
C GLY A 568 17.83 -24.72 14.65
N THR A 569 17.94 -23.56 15.29
CA THR A 569 19.00 -23.22 16.24
C THR A 569 18.36 -22.43 17.37
N SER A 570 19.19 -21.69 18.11
CA SER A 570 18.72 -20.91 19.25
C SER A 570 17.84 -19.74 18.84
N VAL A 571 17.86 -19.32 17.58
CA VAL A 571 17.09 -18.15 17.17
C VAL A 571 15.63 -18.50 16.95
N LEU A 572 15.35 -19.77 16.61
CA LEU A 572 13.97 -20.20 16.34
C LEU A 572 13.32 -20.74 17.61
N GLU A 573 13.46 -19.99 18.69
CA GLU A 573 13.04 -20.41 20.02
C GLU A 573 11.96 -19.53 20.60
N GLU A 574 12.08 -18.22 20.43
CA GLU A 574 11.03 -17.28 20.81
C GLU A 574 10.75 -16.36 19.63
N GLY A 575 9.48 -16.00 19.48
CA GLY A 575 9.06 -15.07 18.43
C GLY A 575 8.64 -15.68 17.10
N ILE A 576 9.33 -16.73 16.67
CA ILE A 576 9.06 -17.32 15.37
C ILE A 576 7.77 -18.13 15.44
N ASP A 577 6.85 -17.87 14.50
CA ASP A 577 5.58 -18.57 14.45
C ASP A 577 5.63 -19.61 13.33
N VAL A 578 5.35 -20.86 13.67
CA VAL A 578 5.38 -21.99 12.75
C VAL A 578 4.06 -22.75 12.90
N PRO A 579 3.64 -23.56 11.91
CA PRO A 579 2.46 -24.41 12.11
C PRO A 579 2.70 -25.49 13.15
N LYS A 580 1.59 -26.09 13.58
CA LYS A 580 1.61 -27.07 14.67
C LYS A 580 2.32 -28.35 14.25
N CYS A 581 3.09 -28.92 15.17
CA CYS A 581 4.06 -29.95 14.88
C CYS A 581 3.68 -31.27 15.53
N ASN A 582 4.13 -32.37 14.92
CA ASN A 582 4.15 -33.69 15.55
C ASN A 582 5.47 -34.01 16.23
N LEU A 583 6.60 -33.54 15.70
CA LEU A 583 7.88 -34.00 16.22
C LEU A 583 8.84 -32.84 16.45
N VAL A 584 9.47 -32.86 17.62
CA VAL A 584 10.53 -31.94 18.01
C VAL A 584 11.73 -32.77 18.44
N VAL A 585 12.91 -32.48 17.88
CA VAL A 585 14.11 -33.28 18.09
C VAL A 585 15.11 -32.48 18.92
N ARG A 586 15.70 -33.13 19.93
CA ARG A 586 16.86 -32.63 20.65
C ARG A 586 18.01 -33.62 20.50
N TRP A 587 18.80 -33.46 19.44
CA TRP A 587 20.02 -34.25 19.29
C TRP A 587 21.04 -33.87 20.36
N ASP A 588 21.20 -32.58 20.61
CA ASP A 588 22.12 -32.11 21.63
C ASP A 588 21.51 -32.36 23.01
N PRO A 589 22.24 -32.98 23.93
CA PRO A 589 21.72 -33.17 25.30
C PRO A 589 21.53 -31.84 26.00
N PRO A 590 20.30 -31.54 26.42
CA PRO A 590 20.02 -30.21 26.99
C PRO A 590 20.59 -29.99 28.37
N THR A 591 21.55 -29.07 28.47
CA THR A 591 22.07 -28.68 29.78
C THR A 591 21.20 -27.62 30.44
N THR A 592 20.29 -27.00 29.70
CA THR A 592 19.46 -25.92 30.20
C THR A 592 17.99 -26.24 29.97
N TYR A 593 17.18 -26.04 31.00
CA TYR A 593 15.75 -26.34 30.91
C TYR A 593 15.03 -25.34 30.03
N ARG A 594 15.45 -24.07 30.07
CA ARG A 594 14.77 -23.01 29.33
C ARG A 594 14.85 -23.25 27.84
N SER A 595 16.06 -23.54 27.34
CA SER A 595 16.24 -23.88 25.93
C SER A 595 15.58 -25.20 25.59
N TYR A 596 15.58 -26.15 26.54
CA TYR A 596 14.97 -27.46 26.33
C TYR A 596 13.46 -27.34 26.08
N VAL A 597 12.78 -26.51 26.87
CA VAL A 597 11.34 -26.47 26.67
C VAL A 597 11.00 -25.45 25.58
N GLN A 598 11.87 -24.48 25.28
CA GLN A 598 11.64 -23.69 24.07
C GLN A 598 11.81 -24.52 22.80
N CYS A 599 12.68 -25.52 22.81
CA CYS A 599 12.67 -26.50 21.72
C CYS A 599 11.40 -27.33 21.76
N LYS A 600 11.08 -27.90 22.93
CA LYS A 600 9.94 -28.81 23.10
C LYS A 600 8.59 -28.11 22.86
N GLY A 601 8.58 -26.78 22.85
CA GLY A 601 7.37 -25.98 22.82
C GLY A 601 6.61 -26.00 21.51
N ARG A 602 7.09 -26.73 20.52
CA ARG A 602 6.50 -26.59 19.20
C ARG A 602 5.59 -27.77 18.84
N ALA A 603 5.82 -28.93 19.45
CA ALA A 603 5.05 -30.13 19.14
C ALA A 603 3.64 -30.00 19.71
N ARG A 604 2.63 -29.88 18.82
CA ARG A 604 1.31 -29.50 19.30
C ARG A 604 0.15 -30.23 18.62
N ALA A 605 0.41 -31.21 17.75
CA ALA A 605 -0.65 -31.62 16.84
C ALA A 605 -1.60 -32.65 17.43
N ALA A 606 -1.36 -33.12 18.67
CA ALA A 606 -2.30 -33.90 19.49
C ALA A 606 -2.81 -35.18 18.82
N PRO A 607 -2.02 -36.25 18.77
CA PRO A 607 -0.74 -36.47 19.45
C PRO A 607 0.48 -35.87 18.75
N ALA A 608 1.46 -35.51 19.57
CA ALA A 608 2.75 -35.04 19.12
C ALA A 608 3.78 -35.55 20.10
N TYR A 609 5.02 -35.68 19.64
CA TYR A 609 6.07 -36.31 20.43
C TYR A 609 7.28 -35.40 20.54
N HIS A 610 8.09 -35.63 21.57
CA HIS A 610 9.36 -34.93 21.78
C HIS A 610 10.46 -35.97 21.92
N VAL A 611 11.60 -35.72 21.28
CA VAL A 611 12.74 -36.62 21.33
C VAL A 611 13.87 -35.94 22.09
N ILE A 612 14.42 -36.65 23.08
CA ILE A 612 15.68 -36.29 23.72
C ILE A 612 16.71 -37.31 23.27
N LEU A 613 17.81 -36.86 22.72
CA LEU A 613 18.93 -37.72 22.37
C LEU A 613 20.12 -37.35 23.25
N VAL A 614 20.53 -38.27 24.12
CA VAL A 614 21.71 -38.06 24.97
C VAL A 614 22.90 -38.56 24.17
N ALA A 615 23.40 -37.70 23.29
CA ALA A 615 24.54 -38.03 22.44
C ALA A 615 25.83 -37.42 23.01
N SER A 762 24.69 -43.99 38.22
CA SER A 762 25.78 -43.54 37.36
C SER A 762 25.48 -42.15 36.80
N THR A 763 26.12 -41.86 35.66
CA THR A 763 25.82 -40.62 34.94
C THR A 763 24.40 -40.65 34.39
N THR A 764 23.94 -41.83 33.96
CA THR A 764 22.55 -41.98 33.54
C THR A 764 21.59 -41.72 34.69
N LYS A 765 21.93 -42.19 35.89
CA LYS A 765 21.07 -41.92 37.05
C LYS A 765 21.09 -40.45 37.42
N ASP A 766 22.22 -39.76 37.21
CA ASP A 766 22.28 -38.34 37.52
C ASP A 766 21.50 -37.51 36.51
N LEU A 767 21.52 -37.89 35.23
CA LEU A 767 20.66 -37.19 34.28
C LEU A 767 19.19 -37.53 34.50
N VAL A 768 18.90 -38.73 34.99
CA VAL A 768 17.55 -39.07 35.44
C VAL A 768 17.13 -38.17 36.60
N HIS A 769 18.06 -37.89 37.53
CA HIS A 769 17.77 -36.94 38.59
C HIS A 769 17.57 -35.53 38.03
N GLN A 770 18.26 -35.21 36.94
CA GLN A 770 18.12 -33.88 36.36
C GLN A 770 16.75 -33.70 35.67
N MET A 771 16.28 -34.72 34.95
CA MET A 771 14.93 -34.62 34.40
C MET A 771 13.88 -34.75 35.50
N ALA A 772 14.21 -35.42 36.60
CA ALA A 772 13.33 -35.39 37.76
C ALA A 772 13.22 -33.97 38.31
N GLN A 773 14.34 -33.25 38.32
CA GLN A 773 14.32 -31.85 38.69
C GLN A 773 13.50 -31.02 37.70
N TYR A 774 13.63 -31.32 36.41
CA TYR A 774 12.92 -30.56 35.38
C TYR A 774 11.42 -30.81 35.45
N ARG A 775 11.02 -32.06 35.62
CA ARG A 775 9.60 -32.39 35.80
C ARG A 775 9.07 -31.82 37.12
N GLU A 776 9.90 -31.77 38.16
CA GLU A 776 9.43 -31.28 39.44
C GLU A 776 9.28 -29.77 39.44
N ILE A 777 10.20 -29.04 38.80
CA ILE A 777 10.01 -27.60 38.68
C ILE A 777 8.86 -27.31 37.71
N GLU A 778 8.65 -28.21 36.73
CA GLU A 778 7.47 -28.10 35.88
C GLU A 778 6.19 -28.25 36.68
N GLN A 779 6.20 -29.16 37.65
CA GLN A 779 5.03 -29.32 38.52
C GLN A 779 4.85 -28.11 39.44
N MET A 780 5.93 -27.52 39.95
CA MET A 780 5.78 -26.28 40.72
C MET A 780 5.25 -25.13 39.85
N LEU A 781 5.74 -25.03 38.62
CA LEU A 781 5.27 -24.01 37.68
C LEU A 781 3.79 -24.16 37.39
N LEU A 782 3.35 -25.38 37.06
CA LEU A 782 1.94 -25.58 36.74
C LEU A 782 1.07 -25.45 37.99
N SER A 783 1.57 -25.87 39.15
CA SER A 783 0.72 -25.90 40.34
C SER A 783 0.51 -24.51 40.91
N LYS A 784 1.55 -23.69 41.00
CA LYS A 784 1.37 -22.41 41.68
C LYS A 784 0.84 -21.32 40.76
N CYS A 785 0.59 -21.63 39.50
CA CYS A 785 0.31 -20.63 38.48
C CYS A 785 -1.13 -20.13 38.52
N ALA A 786 -1.52 -19.58 37.38
CA ALA A 786 -2.85 -19.11 37.04
C ALA A 786 -3.80 -20.25 36.73
N ASN A 787 -4.87 -19.95 36.00
CA ASN A 787 -5.88 -20.92 35.59
C ASN A 787 -5.27 -22.11 34.86
N THR A 788 -5.65 -23.30 35.29
CA THR A 788 -5.00 -24.52 34.87
C THR A 788 -5.56 -24.99 33.54
N GLU A 789 -5.24 -26.22 33.19
CA GLU A 789 -5.82 -26.94 32.09
C GLU A 789 -6.51 -28.18 32.63
N PRO A 790 -7.73 -28.49 32.18
CA PRO A 790 -8.37 -29.72 32.63
C PRO A 790 -7.68 -30.93 32.06
N PRO A 791 -7.62 -32.03 32.79
CA PRO A 791 -6.92 -33.23 32.31
C PRO A 791 -7.67 -33.88 31.16
N GLU A 792 -6.96 -34.76 30.45
CA GLU A 792 -7.45 -35.34 29.20
C GLU A 792 -8.58 -36.35 29.39
N GLN A 793 -8.86 -36.75 30.63
CA GLN A 793 -9.99 -37.65 30.87
C GLN A 793 -11.31 -36.96 30.58
N GLU A 794 -11.38 -35.65 30.82
CA GLU A 794 -12.58 -34.88 30.51
C GLU A 794 -12.78 -34.79 29.00
N GLN A 795 -11.69 -34.65 28.25
CA GLN A 795 -11.80 -34.68 26.79
C GLN A 795 -12.14 -36.08 26.30
N CYS A 796 -11.69 -37.11 27.01
CA CYS A 796 -12.05 -38.49 26.68
C CYS A 796 -13.55 -38.73 26.86
N GLU A 797 -14.12 -38.27 27.97
CA GLU A 797 -15.55 -38.47 28.19
C GLU A 797 -16.38 -37.57 27.29
N ALA A 798 -15.81 -36.42 26.87
CA ALA A 798 -16.50 -35.60 25.87
C ALA A 798 -16.52 -36.29 24.51
N GLU A 799 -15.42 -36.96 24.15
CA GLU A 799 -15.37 -37.75 22.92
C GLU A 799 -16.35 -38.91 22.99
N ARG A 800 -16.53 -39.48 24.19
CA ARG A 800 -17.55 -40.52 24.38
C ARG A 800 -18.96 -39.96 24.22
N PHE A 801 -19.23 -38.82 24.85
CA PHE A 801 -20.59 -38.26 24.89
C PHE A 801 -21.02 -37.72 23.53
N SER A 802 -20.08 -37.18 22.75
CA SER A 802 -20.44 -36.50 21.51
C SER A 802 -20.63 -37.44 20.34
N ALA A 803 -20.45 -38.76 20.54
CA ALA A 803 -20.50 -39.70 19.43
C ALA A 803 -21.90 -39.84 18.85
N CYS A 804 -22.92 -39.89 19.71
CA CYS A 804 -24.28 -40.08 19.26
C CYS A 804 -25.07 -38.78 19.16
N LEU A 805 -24.54 -37.68 19.68
CA LEU A 805 -25.24 -36.40 19.59
C LEU A 805 -25.18 -35.85 18.17
N ALA A 806 -26.31 -35.35 17.71
CA ALA A 806 -26.45 -34.84 16.35
C ALA A 806 -26.21 -33.34 16.32
N ALA A 807 -25.52 -32.88 15.27
CA ALA A 807 -25.10 -31.49 15.19
C ALA A 807 -26.28 -30.56 14.97
N TYR A 808 -26.12 -29.32 15.42
CA TYR A 808 -27.09 -28.27 15.10
C TYR A 808 -26.92 -27.80 13.66
N ARG A 809 -28.03 -27.46 13.03
CA ARG A 809 -28.05 -27.00 11.65
C ARG A 809 -28.61 -25.58 11.61
N PRO A 810 -28.14 -24.73 10.70
CA PRO A 810 -28.73 -23.39 10.59
C PRO A 810 -30.14 -23.41 10.04
N LYS A 811 -30.40 -24.29 9.08
CA LYS A 811 -31.74 -24.51 8.53
C LYS A 811 -32.17 -25.91 8.91
N PRO A 812 -33.19 -26.07 9.77
CA PRO A 812 -33.55 -27.40 10.29
C PRO A 812 -34.09 -28.35 9.23
N HIS A 813 -34.65 -27.82 8.14
CA HIS A 813 -35.11 -28.70 7.08
C HIS A 813 -33.94 -29.27 6.28
N LEU A 814 -32.84 -28.52 6.20
CA LEU A 814 -31.68 -28.98 5.46
C LEU A 814 -30.82 -29.85 6.36
N LEU A 815 -30.72 -31.14 6.01
CA LEU A 815 -29.92 -32.07 6.80
C LEU A 815 -28.43 -31.89 6.52
N THR A 816 -28.08 -31.48 5.30
CA THR A 816 -26.69 -31.39 4.87
C THR A 816 -26.12 -29.98 5.02
N GLY A 817 -26.61 -29.21 5.98
CA GLY A 817 -26.12 -27.85 6.15
C GLY A 817 -24.83 -27.76 6.93
N ALA A 818 -24.63 -26.64 7.64
CA ALA A 818 -23.46 -26.49 8.48
C ALA A 818 -23.62 -27.35 9.72
N SER A 819 -22.80 -28.39 9.82
CA SER A 819 -22.85 -29.31 10.96
C SER A 819 -21.97 -28.73 12.06
N VAL A 820 -22.60 -28.25 13.14
CA VAL A 820 -21.89 -27.72 14.29
C VAL A 820 -22.48 -28.32 15.55
N ASP A 821 -21.61 -28.81 16.44
CA ASP A 821 -22.02 -29.51 17.65
C ASP A 821 -21.07 -29.18 18.79
N LEU A 822 -21.11 -29.96 19.87
CA LEU A 822 -20.11 -29.81 20.94
C LEU A 822 -18.70 -30.13 20.44
N GLY A 823 -18.57 -31.08 19.52
CA GLY A 823 -17.27 -31.53 19.05
C GLY A 823 -16.56 -30.59 18.09
N SER A 824 -17.24 -29.55 17.60
CA SER A 824 -16.60 -28.59 16.71
C SER A 824 -17.02 -27.15 17.00
N ALA A 825 -17.50 -26.86 18.21
CA ALA A 825 -17.93 -25.51 18.53
C ALA A 825 -16.74 -24.57 18.77
N ILE A 826 -15.73 -25.06 19.50
CA ILE A 826 -14.59 -24.24 19.86
C ILE A 826 -13.77 -23.89 18.62
N ALA A 827 -13.67 -24.82 17.67
CA ALA A 827 -12.95 -24.57 16.43
C ALA A 827 -13.61 -23.46 15.63
N LEU A 828 -14.94 -23.45 15.58
CA LEU A 828 -15.66 -22.41 14.85
C LEU A 828 -15.53 -21.06 15.55
N VAL A 829 -15.58 -21.06 16.88
CA VAL A 829 -15.37 -19.81 17.62
C VAL A 829 -13.98 -19.26 17.35
N ASN A 830 -12.95 -20.12 17.37
CA ASN A 830 -11.58 -19.65 17.19
C ASN A 830 -11.31 -19.21 15.76
N LYS A 831 -11.90 -19.90 14.77
CA LYS A 831 -11.75 -19.47 13.39
C LYS A 831 -12.42 -18.11 13.17
N TYR A 832 -13.58 -17.90 13.81
CA TYR A 832 -14.21 -16.58 13.71
C TYR A 832 -13.38 -15.51 14.41
N CYS A 833 -12.75 -15.85 15.54
CA CYS A 833 -11.89 -14.88 16.22
C CYS A 833 -10.68 -14.54 15.36
N ALA A 834 -10.17 -15.50 14.61
CA ALA A 834 -9.00 -15.25 13.76
C ALA A 834 -9.36 -14.46 12.50
N ARG A 835 -10.59 -14.61 11.99
CA ARG A 835 -10.90 -13.95 10.72
C ARG A 835 -11.39 -12.52 10.86
N LEU A 836 -11.36 -11.94 12.06
CA LEU A 836 -11.68 -10.53 12.24
C LEU A 836 -10.58 -9.65 11.65
N PRO A 837 -10.86 -8.38 11.37
CA PRO A 837 -9.80 -7.50 10.87
C PRO A 837 -8.73 -7.22 11.92
N SER A 838 -7.49 -7.56 11.57
CA SER A 838 -6.36 -7.43 12.47
C SER A 838 -5.10 -7.28 11.63
N ASP A 839 -4.13 -6.58 12.20
CA ASP A 839 -2.79 -6.50 11.62
C ASP A 839 -1.88 -7.50 12.34
N THR A 840 -0.57 -7.40 12.09
CA THR A 840 0.40 -8.32 12.66
C THR A 840 0.44 -8.22 14.18
N PHE A 841 0.33 -7.01 14.70
CA PHE A 841 0.52 -6.76 16.12
C PHE A 841 -0.68 -7.21 16.94
N THR A 842 -1.84 -7.35 16.30
CA THR A 842 -3.08 -7.69 16.98
C THR A 842 -3.21 -9.20 17.09
N LYS A 843 -3.51 -9.69 18.30
CA LYS A 843 -3.78 -11.12 18.54
C LYS A 843 -5.15 -11.24 19.20
N LEU A 844 -6.17 -11.50 18.37
CA LEU A 844 -7.55 -11.50 18.82
C LEU A 844 -7.94 -12.86 19.39
N THR A 845 -8.28 -12.87 20.67
CA THR A 845 -8.70 -14.09 21.36
C THR A 845 -9.88 -13.76 22.24
N ALA A 846 -10.51 -14.82 22.75
CA ALA A 846 -11.71 -14.71 23.57
C ALA A 846 -11.44 -15.14 25.01
N LEU A 847 -11.96 -14.36 25.95
CA LEU A 847 -11.60 -14.45 27.37
C LEU A 847 -12.61 -15.32 28.10
N TRP A 848 -12.15 -16.40 28.74
CA TRP A 848 -13.09 -17.45 29.11
C TRP A 848 -13.00 -17.63 30.62
N ARG A 849 -14.04 -17.27 31.36
CA ARG A 849 -14.06 -17.42 32.81
C ARG A 849 -14.85 -18.67 33.18
N CYS A 850 -14.31 -19.48 34.09
CA CYS A 850 -15.06 -20.61 34.63
C CYS A 850 -15.42 -20.42 36.09
N THR A 851 -16.49 -21.10 36.51
CA THR A 851 -17.11 -20.91 37.81
C THR A 851 -17.67 -22.24 38.30
N ARG A 852 -17.38 -22.56 39.55
CA ARG A 852 -17.86 -23.76 40.21
C ARG A 852 -19.19 -23.50 40.90
N ASN A 853 -20.10 -24.48 40.83
CA ASN A 853 -21.31 -24.44 41.64
C ASN A 853 -21.72 -25.88 41.95
N GLU A 854 -22.64 -26.02 42.91
CA GLU A 854 -23.06 -27.33 43.39
C GLU A 854 -24.56 -27.49 43.19
N ARG A 855 -24.97 -28.57 42.54
CA ARG A 855 -26.38 -28.87 42.32
C ARG A 855 -26.62 -30.34 42.60
N ALA A 856 -27.57 -30.61 43.51
CA ALA A 856 -27.88 -31.95 44.05
C ALA A 856 -26.63 -32.62 44.61
N GLY A 857 -25.75 -31.83 45.22
CA GLY A 857 -24.50 -32.33 45.74
C GLY A 857 -23.45 -32.64 44.70
N VAL A 858 -23.70 -32.33 43.44
CA VAL A 858 -22.82 -32.69 42.33
C VAL A 858 -22.21 -31.41 41.76
N THR A 859 -20.92 -31.48 41.44
CA THR A 859 -20.18 -30.32 40.99
C THR A 859 -20.50 -30.01 39.52
N LEU A 860 -20.84 -28.75 39.24
CA LEU A 860 -21.03 -28.29 37.88
C LEU A 860 -20.23 -27.01 37.68
N PHE A 861 -20.10 -26.63 36.41
CA PHE A 861 -19.24 -25.53 36.02
C PHE A 861 -19.92 -24.67 34.96
N GLN A 862 -20.02 -23.38 35.26
CA GLN A 862 -20.49 -22.33 34.36
C GLN A 862 -19.31 -21.67 33.67
N TYR A 863 -19.46 -21.36 32.39
CA TYR A 863 -18.33 -20.99 31.56
C TYR A 863 -18.65 -19.77 30.71
N THR A 864 -18.44 -18.58 31.28
CA THR A 864 -18.78 -17.34 30.61
C THR A 864 -17.73 -17.04 29.55
N LEU A 865 -18.12 -17.14 28.29
CA LEU A 865 -17.28 -16.88 27.14
C LEU A 865 -17.44 -15.43 26.73
N ARG A 866 -16.33 -14.77 26.33
CA ARG A 866 -16.40 -13.42 25.76
C ARG A 866 -15.54 -13.28 24.51
N LEU A 867 -16.17 -13.09 23.35
CA LEU A 867 -15.63 -12.86 22.01
C LEU A 867 -14.94 -11.51 21.89
N PRO A 868 -14.02 -11.35 20.90
CA PRO A 868 -13.17 -10.15 20.87
C PRO A 868 -13.92 -8.85 20.63
N ILE A 869 -13.18 -7.74 20.77
CA ILE A 869 -13.79 -6.43 20.67
C ILE A 869 -14.14 -6.07 19.23
N ASN A 870 -13.47 -6.68 18.23
CA ASN A 870 -13.80 -6.36 16.83
C ASN A 870 -15.13 -6.95 16.42
N SER A 871 -15.47 -8.11 16.97
CA SER A 871 -16.70 -8.78 16.59
C SER A 871 -17.91 -7.95 17.04
N PRO A 872 -18.98 -7.93 16.25
CA PRO A 872 -20.16 -7.11 16.63
C PRO A 872 -20.97 -7.69 17.78
N LEU A 873 -20.63 -8.87 18.26
CA LEU A 873 -21.29 -9.48 19.41
C LEU A 873 -20.65 -8.96 20.69
N LYS A 874 -21.37 -8.09 21.41
CA LYS A 874 -20.75 -7.35 22.50
C LYS A 874 -21.34 -7.70 23.87
N HIS A 875 -21.94 -8.87 24.02
CA HIS A 875 -22.38 -9.31 25.33
C HIS A 875 -21.82 -10.69 25.62
N ASP A 876 -21.88 -11.09 26.87
CA ASP A 876 -21.23 -12.31 27.30
C ASP A 876 -22.11 -13.50 26.98
N ILE A 877 -21.60 -14.44 26.18
CA ILE A 877 -22.30 -15.70 25.99
C ILE A 877 -22.10 -16.52 27.26
N VAL A 878 -23.19 -16.82 27.95
CA VAL A 878 -23.11 -17.58 29.18
C VAL A 878 -23.49 -19.01 28.86
N GLY A 879 -22.59 -19.95 29.14
CA GLY A 879 -22.91 -21.34 28.95
C GLY A 879 -23.75 -21.88 30.08
N LEU A 880 -24.26 -23.08 29.88
CA LEU A 880 -25.08 -23.68 30.92
C LEU A 880 -24.36 -24.88 31.52
N PRO A 881 -24.54 -25.13 32.83
CA PRO A 881 -23.63 -26.06 33.53
C PRO A 881 -23.74 -27.51 33.08
N MET A 882 -22.56 -28.12 33.01
CA MET A 882 -22.21 -29.48 32.66
C MET A 882 -21.35 -30.02 33.80
N PRO A 883 -21.15 -31.35 33.88
CA PRO A 883 -20.41 -31.89 35.06
C PRO A 883 -18.98 -31.42 35.18
N THR A 884 -18.24 -31.30 34.09
CA THR A 884 -16.82 -31.01 34.13
C THR A 884 -16.52 -29.70 33.40
N GLN A 885 -15.23 -29.46 33.22
CA GLN A 885 -14.78 -28.25 32.54
C GLN A 885 -15.01 -28.32 31.04
N THR A 886 -14.75 -29.49 30.44
CA THR A 886 -14.67 -29.59 28.99
C THR A 886 -16.05 -29.57 28.34
N LEU A 887 -17.05 -30.19 28.96
CA LEU A 887 -18.38 -30.14 28.39
C LEU A 887 -18.98 -28.76 28.57
N ALA A 888 -18.65 -28.07 29.67
CA ALA A 888 -19.02 -26.67 29.82
C ALA A 888 -18.37 -25.80 28.76
N ARG A 889 -17.14 -26.17 28.38
CA ARG A 889 -16.41 -25.46 27.34
C ARG A 889 -17.09 -25.60 25.99
N ARG A 890 -17.43 -26.84 25.62
CA ARG A 890 -18.05 -27.08 24.34
C ARG A 890 -19.47 -26.52 24.27
N LEU A 891 -20.21 -26.56 25.38
CA LEU A 891 -21.54 -25.97 25.38
C LEU A 891 -21.48 -24.45 25.32
N ALA A 892 -20.49 -23.84 25.99
CA ALA A 892 -20.35 -22.38 25.91
C ALA A 892 -20.00 -21.94 24.51
N ALA A 893 -19.15 -22.70 23.82
CA ALA A 893 -18.80 -22.33 22.46
C ALA A 893 -19.94 -22.61 21.48
N LEU A 894 -20.77 -23.62 21.75
CA LEU A 894 -21.89 -23.86 20.84
C LEU A 894 -23.02 -22.86 21.05
N GLN A 895 -23.24 -22.45 22.30
CA GLN A 895 -24.16 -21.35 22.55
C GLN A 895 -23.67 -20.05 21.93
N ALA A 896 -22.35 -19.85 21.92
CA ALA A 896 -21.80 -18.68 21.22
C ALA A 896 -21.98 -18.78 19.72
N CYS A 897 -21.88 -19.99 19.16
CA CYS A 897 -22.09 -20.14 17.71
C CYS A 897 -23.53 -19.87 17.31
N VAL A 898 -24.50 -20.37 18.09
CA VAL A 898 -25.90 -20.11 17.77
C VAL A 898 -26.24 -18.63 18.03
N GLU A 899 -25.63 -18.02 19.04
CA GLU A 899 -25.85 -16.61 19.28
C GLU A 899 -25.27 -15.75 18.16
N LEU A 900 -24.15 -16.17 17.57
CA LEU A 900 -23.66 -15.53 16.34
C LEU A 900 -24.65 -15.67 15.20
N HIS A 901 -25.14 -16.90 14.96
CA HIS A 901 -26.01 -17.12 13.81
C HIS A 901 -27.37 -16.43 13.97
N ARG A 902 -27.75 -16.07 15.19
CA ARG A 902 -28.93 -15.21 15.36
C ARG A 902 -28.71 -13.83 14.78
N ILE A 903 -27.47 -13.34 14.76
CA ILE A 903 -27.17 -12.06 14.12
C ILE A 903 -26.33 -12.25 12.86
N GLY A 904 -26.23 -13.48 12.34
CA GLY A 904 -25.71 -13.75 11.01
C GLY A 904 -24.26 -13.44 10.72
N GLU A 905 -23.35 -13.84 11.60
CA GLU A 905 -21.93 -13.55 11.44
C GLU A 905 -21.11 -14.73 10.96
N LEU A 906 -21.72 -15.90 10.76
CA LEU A 906 -20.94 -17.10 10.51
C LEU A 906 -20.29 -17.08 9.13
N ASP A 907 -19.07 -17.60 9.06
CA ASP A 907 -18.17 -17.39 7.92
C ASP A 907 -17.55 -18.70 7.42
N LYS A 915 -15.28 -9.22 2.74
CA LYS A 915 -15.51 -8.16 1.77
C LYS A 915 -16.47 -8.61 0.70
N GLU A 916 -15.95 -9.42 -0.23
CA GLU A 916 -16.71 -9.82 -1.41
C GLU A 916 -17.87 -10.74 -1.05
N GLY A 917 -17.79 -11.42 0.10
CA GLY A 917 -18.94 -12.16 0.58
C GLY A 917 -20.09 -11.24 0.96
N PHE A 918 -19.77 -10.06 1.48
CA PHE A 918 -20.80 -9.10 1.85
C PHE A 918 -21.39 -8.44 0.61
N ARG A 919 -22.70 -8.20 0.67
CA ARG A 919 -23.42 -7.45 -0.35
C ARG A 919 -24.33 -6.46 0.36
N ALA A 920 -24.82 -5.48 -0.39
CA ALA A 920 -25.53 -4.36 0.21
C ALA A 920 -26.92 -4.76 0.69
N LEU A 921 -27.52 -3.88 1.48
CA LEU A 921 -28.84 -4.08 2.06
C LEU A 921 -29.92 -3.28 1.34
N GLU A 922 -29.54 -2.45 0.36
CA GLU A 922 -30.48 -1.68 -0.43
C GLU A 922 -30.30 -2.02 -1.91
N PRO A 923 -31.41 -2.04 -2.70
CA PRO A 923 -31.41 -2.79 -3.98
C PRO A 923 -30.48 -2.31 -5.10
N ASP A 924 -30.51 -1.03 -5.47
CA ASP A 924 -29.77 -0.59 -6.64
C ASP A 924 -28.25 -0.58 -6.42
N TRP A 925 -27.85 -0.50 -5.15
CA TRP A 925 -26.46 -0.66 -4.76
C TRP A 925 -25.90 -2.00 -5.21
N GLU A 926 -26.66 -3.07 -5.03
CA GLU A 926 -26.25 -4.38 -5.47
C GLU A 926 -26.77 -4.73 -6.86
N CYS A 927 -27.57 -3.85 -7.47
CA CYS A 927 -28.03 -4.12 -8.84
C CYS A 927 -26.92 -3.86 -9.85
N PHE A 928 -26.55 -2.59 -10.03
CA PHE A 928 -25.61 -2.11 -11.05
C PHE A 928 -25.96 -2.66 -12.44
N GLU A 929 -27.09 -2.18 -12.97
CA GLU A 929 -27.66 -2.64 -14.23
C GLU A 929 -26.72 -2.30 -15.38
N LEU A 930 -26.14 -3.33 -15.99
CA LEU A 930 -25.28 -3.14 -17.14
C LEU A 930 -26.12 -2.94 -18.41
N GLU A 931 -25.67 -2.06 -19.29
CA GLU A 931 -26.31 -1.88 -20.58
C GLU A 931 -26.10 -3.14 -21.41
N PRO A 932 -27.13 -3.62 -22.17
CA PRO A 932 -27.09 -4.93 -22.84
C PRO A 932 -25.88 -5.26 -23.71
N GLU A 933 -25.55 -4.42 -24.69
CA GLU A 933 -24.32 -4.68 -25.44
C GLU A 933 -23.08 -4.27 -24.63
N ASP A 934 -23.21 -3.28 -23.74
CA ASP A 934 -22.08 -2.96 -22.86
C ASP A 934 -21.83 -4.07 -21.86
N GLU A 935 -22.87 -4.85 -21.53
CA GLU A 935 -22.69 -6.02 -20.68
C GLU A 935 -21.78 -7.05 -21.34
N GLN A 936 -22.08 -7.42 -22.59
CA GLN A 936 -21.24 -8.42 -23.26
C GLN A 936 -19.88 -7.83 -23.64
N ILE A 937 -19.80 -6.49 -23.73
CA ILE A 937 -18.48 -5.84 -23.79
C ILE A 937 -17.71 -6.08 -22.49
N VAL A 938 -18.41 -6.07 -21.34
CA VAL A 938 -17.74 -6.36 -20.07
C VAL A 938 -17.28 -7.82 -20.00
N GLN A 939 -18.13 -8.79 -20.35
CA GLN A 939 -17.62 -10.17 -20.29
C GLN A 939 -16.65 -10.54 -21.42
N LEU A 940 -16.59 -9.79 -22.51
CA LEU A 940 -15.51 -9.99 -23.47
C LEU A 940 -14.30 -9.21 -22.98
N SER A 941 -13.42 -9.89 -22.24
CA SER A 941 -12.27 -9.23 -21.63
C SER A 941 -11.14 -8.99 -22.62
N ASP A 942 -11.23 -9.54 -23.84
CA ASP A 942 -10.20 -9.28 -24.85
C ASP A 942 -10.25 -7.84 -25.35
N GLU A 943 -11.44 -7.25 -25.37
CA GLU A 943 -11.59 -5.84 -25.71
C GLU A 943 -11.03 -4.98 -24.59
N PRO A 944 -10.64 -3.73 -24.90
CA PRO A 944 -10.30 -2.78 -23.82
C PRO A 944 -11.50 -2.55 -22.91
N ARG A 945 -11.21 -2.50 -21.61
CA ARG A 945 -12.27 -2.59 -20.61
C ARG A 945 -13.05 -1.28 -20.55
N PRO A 946 -14.36 -1.34 -20.29
CA PRO A 946 -15.14 -0.11 -20.13
C PRO A 946 -14.74 0.61 -18.85
N GLY A 947 -14.86 1.94 -18.89
CA GLY A 947 -14.38 2.76 -17.81
C GLY A 947 -12.90 3.05 -17.86
N THR A 948 -12.19 2.50 -18.84
CA THR A 948 -10.77 2.76 -19.02
C THR A 948 -10.57 3.71 -20.19
N THR A 949 -9.38 4.32 -20.23
CA THR A 949 -9.04 5.25 -21.30
C THR A 949 -8.86 4.54 -22.63
N LYS A 950 -8.54 3.24 -22.61
CA LYS A 950 -8.14 2.52 -23.81
C LYS A 950 -9.30 2.18 -24.73
N ARG A 951 -10.54 2.40 -24.31
CA ARG A 951 -11.70 2.20 -25.17
C ARG A 951 -12.37 3.55 -25.42
N ARG A 952 -12.61 3.85 -26.70
CA ARG A 952 -13.19 5.12 -27.12
C ARG A 952 -14.48 4.88 -27.89
N GLN A 953 -15.47 5.72 -27.63
CA GLN A 953 -16.74 5.67 -28.33
C GLN A 953 -16.98 6.97 -29.07
N TYR A 954 -17.57 6.88 -30.26
CA TYR A 954 -17.80 8.02 -31.13
C TYR A 954 -19.20 8.56 -30.87
N TYR A 955 -19.28 9.77 -30.35
CA TYR A 955 -20.55 10.39 -30.01
C TYR A 955 -20.90 11.48 -30.99
N TYR A 956 -22.20 11.71 -31.13
CA TYR A 956 -22.67 12.86 -31.89
C TYR A 956 -22.44 14.15 -31.13
N LYS A 957 -21.94 15.16 -31.81
CA LYS A 957 -21.95 16.50 -31.24
C LYS A 957 -23.37 17.01 -31.28
N ARG A 958 -23.97 17.20 -30.12
CA ARG A 958 -25.33 17.72 -30.13
C ARG A 958 -25.35 19.18 -30.50
N ILE A 959 -25.96 19.48 -31.64
CA ILE A 959 -26.41 20.83 -31.91
C ILE A 959 -27.44 21.19 -30.82
N ALA A 960 -27.36 22.42 -30.33
CA ALA A 960 -28.12 22.84 -29.16
C ALA A 960 -29.62 22.80 -29.43
N SER A 961 -30.39 22.74 -28.33
CA SER A 961 -31.83 22.62 -28.43
C SER A 961 -32.46 23.87 -29.02
N GLU A 962 -31.92 25.04 -28.69
CA GLU A 962 -32.41 26.28 -29.23
C GLU A 962 -31.99 26.51 -30.67
N PHE A 963 -31.14 25.66 -31.23
CA PHE A 963 -30.67 25.81 -32.60
C PHE A 963 -31.23 24.74 -33.53
N CYS A 964 -32.12 23.89 -33.04
CA CYS A 964 -32.76 22.87 -33.86
C CYS A 964 -34.23 23.19 -34.00
N ASP A 965 -34.75 23.07 -35.23
CA ASP A 965 -36.13 23.43 -35.60
C ASP A 965 -36.48 24.86 -35.21
N CYS A 966 -35.52 25.76 -35.34
CA CYS A 966 -35.75 27.18 -35.11
C CYS A 966 -35.53 28.00 -36.38
N ARG A 967 -35.57 27.35 -37.54
CA ARG A 967 -35.31 28.05 -38.80
C ARG A 967 -36.44 29.04 -39.09
N PRO A 968 -36.12 30.29 -39.43
CA PRO A 968 -37.15 31.26 -39.74
C PRO A 968 -37.87 30.91 -41.05
N VAL A 969 -39.19 30.86 -40.98
CA VAL A 969 -40.03 30.57 -42.13
C VAL A 969 -40.90 31.79 -42.40
N ALA A 970 -41.51 31.80 -43.59
CA ALA A 970 -42.31 32.93 -44.04
C ALA A 970 -43.56 33.10 -43.19
N GLY A 971 -43.79 34.32 -42.72
CA GLY A 971 -44.94 34.60 -41.90
C GLY A 971 -44.68 34.54 -40.41
N ALA A 972 -43.76 33.68 -40.00
CA ALA A 972 -43.48 33.50 -38.58
C ALA A 972 -42.71 34.70 -38.05
N PRO A 973 -43.16 35.33 -36.96
CA PRO A 973 -42.32 36.34 -36.29
C PRO A 973 -41.13 35.67 -35.64
N CYS A 974 -39.98 36.33 -35.73
CA CYS A 974 -38.73 35.68 -35.38
C CYS A 974 -37.91 36.54 -34.43
N TYR A 975 -37.15 35.87 -33.58
CA TYR A 975 -36.18 36.50 -32.70
C TYR A 975 -34.90 36.86 -33.44
N LEU A 976 -34.39 38.05 -33.16
CA LEU A 976 -33.17 38.56 -33.74
C LEU A 976 -32.20 38.93 -32.63
N TYR A 977 -31.00 38.34 -32.67
CA TYR A 977 -29.92 38.66 -31.75
C TYR A 977 -28.77 39.27 -32.52
N PHE A 978 -28.31 40.42 -32.08
CA PHE A 978 -27.07 40.99 -32.56
C PHE A 978 -25.91 40.35 -31.82
N ILE A 979 -24.93 39.85 -32.58
CA ILE A 979 -23.72 39.29 -32.01
C ILE A 979 -22.83 40.46 -31.64
N GLN A 980 -22.95 40.93 -30.40
CA GLN A 980 -22.24 42.14 -30.01
C GLN A 980 -20.83 41.79 -29.55
N LEU A 981 -19.85 42.37 -30.24
CA LEU A 981 -18.44 42.21 -29.94
C LEU A 981 -17.96 43.45 -29.21
N THR A 982 -16.98 43.28 -28.34
CA THR A 982 -16.39 44.45 -27.67
C THR A 982 -14.94 44.14 -27.36
N LEU A 983 -14.02 44.92 -27.93
CA LEU A 983 -12.60 44.74 -27.65
C LEU A 983 -12.27 45.31 -26.27
N GLN A 984 -11.70 44.48 -25.39
CA GLN A 984 -11.35 44.97 -24.06
C GLN A 984 -9.85 45.06 -23.82
N CYS A 985 -9.04 44.33 -24.56
CA CYS A 985 -7.59 44.40 -24.42
C CYS A 985 -6.93 44.55 -25.77
N PRO A 986 -6.38 45.72 -26.10
CA PRO A 986 -5.65 45.87 -27.37
C PRO A 986 -4.39 45.02 -27.38
N ILE A 987 -3.96 44.67 -28.59
CA ILE A 987 -2.84 43.73 -28.78
C ILE A 987 -1.55 44.37 -28.28
N PRO A 988 -0.62 43.61 -27.69
CA PRO A 988 0.67 44.20 -27.30
C PRO A 988 1.49 44.61 -28.52
N GLU A 989 2.28 45.67 -28.34
CA GLU A 989 3.16 46.11 -29.41
C GLU A 989 4.31 45.14 -29.61
N GLU A 990 4.66 44.38 -28.58
CA GLU A 990 5.54 43.23 -28.75
C GLU A 990 4.90 42.18 -29.65
N GLN A 991 3.59 41.98 -29.49
CA GLN A 991 2.88 41.09 -30.41
C GLN A 991 2.70 41.76 -31.77
N ASN A 992 2.54 43.08 -31.79
CA ASN A 992 2.25 43.82 -33.02
C ASN A 992 3.53 43.92 -33.84
N THR A 993 3.77 42.89 -34.65
CA THR A 993 4.98 42.82 -35.46
C THR A 993 4.93 43.85 -36.59
N ARG A 994 3.84 43.89 -37.34
CA ARG A 994 3.74 44.75 -38.50
C ARG A 994 3.29 46.16 -38.17
N GLY A 995 3.04 46.45 -36.89
CA GLY A 995 2.78 47.81 -36.44
C GLY A 995 1.50 48.42 -36.95
N ARG A 996 0.45 47.62 -37.09
CA ARG A 996 -0.77 48.11 -37.72
C ARG A 996 -1.58 48.96 -36.74
N LYS A 997 -2.54 49.68 -37.32
CA LYS A 997 -3.59 50.33 -36.53
C LYS A 997 -4.42 49.26 -35.83
N ILE A 998 -4.83 49.54 -34.60
CA ILE A 998 -5.71 48.64 -33.85
C ILE A 998 -7.15 48.96 -34.22
N TYR A 999 -7.88 47.95 -34.69
CA TYR A 999 -9.25 48.09 -35.17
C TYR A 999 -10.24 47.53 -34.16
N PRO A 1000 -10.98 48.37 -33.43
CA PRO A 1000 -12.01 47.87 -32.52
C PRO A 1000 -13.21 47.35 -33.30
N PRO A 1001 -13.66 46.13 -33.01
CA PRO A 1001 -14.78 45.57 -33.78
C PRO A 1001 -16.12 46.20 -33.48
N GLU A 1002 -16.23 47.01 -32.43
CA GLU A 1002 -17.47 47.75 -32.22
C GLU A 1002 -17.57 48.97 -33.14
N ASP A 1003 -16.47 49.34 -33.81
CA ASP A 1003 -16.53 50.42 -34.79
C ASP A 1003 -17.08 49.98 -36.13
N ALA A 1004 -17.33 48.67 -36.30
CA ALA A 1004 -17.89 48.16 -37.54
C ALA A 1004 -19.32 48.64 -37.70
N GLN A 1005 -19.58 49.44 -38.73
CA GLN A 1005 -20.95 49.80 -39.06
C GLN A 1005 -21.76 48.59 -39.51
N GLN A 1006 -21.11 47.60 -40.09
CA GLN A 1006 -21.75 46.35 -40.43
C GLN A 1006 -21.20 45.25 -39.53
N GLY A 1007 -22.07 44.62 -38.75
CA GLY A 1007 -21.71 43.46 -37.95
C GLY A 1007 -22.38 42.21 -38.49
N PHE A 1008 -22.69 41.27 -37.62
CA PHE A 1008 -23.44 40.08 -38.02
C PHE A 1008 -24.49 39.79 -36.98
N GLY A 1009 -25.60 39.15 -37.41
CA GLY A 1009 -26.68 38.85 -36.50
C GLY A 1009 -27.24 37.46 -36.75
N ILE A 1010 -27.97 36.95 -35.76
CA ILE A 1010 -28.54 35.61 -35.84
C ILE A 1010 -30.07 35.75 -35.75
N LEU A 1011 -30.75 35.16 -36.73
CA LEU A 1011 -32.21 35.08 -36.80
C LEU A 1011 -32.64 33.66 -36.47
N THR A 1012 -33.48 33.53 -35.44
CA THR A 1012 -33.90 32.24 -34.91
C THR A 1012 -35.29 32.39 -34.31
N THR A 1013 -36.06 31.31 -34.31
CA THR A 1013 -37.42 31.40 -33.78
C THR A 1013 -37.54 30.86 -32.37
N LYS A 1014 -36.59 30.05 -31.91
CA LYS A 1014 -36.59 29.60 -30.53
C LYS A 1014 -35.67 30.49 -29.71
N ARG A 1015 -36.18 30.98 -28.59
CA ARG A 1015 -35.44 31.96 -27.78
C ARG A 1015 -34.22 31.34 -27.12
N ILE A 1016 -33.08 31.99 -27.29
CA ILE A 1016 -31.83 31.63 -26.62
C ILE A 1016 -31.92 32.09 -25.18
N PRO A 1017 -31.57 31.25 -24.20
CA PRO A 1017 -31.59 31.68 -22.80
C PRO A 1017 -30.46 32.64 -22.48
N LYS A 1018 -30.39 33.04 -21.22
CA LYS A 1018 -29.31 33.93 -20.81
C LYS A 1018 -27.97 33.21 -20.84
N LEU A 1019 -27.00 33.81 -21.52
CA LEU A 1019 -25.71 33.19 -21.74
C LEU A 1019 -24.60 34.13 -21.28
N SER A 1020 -23.50 33.52 -20.86
CA SER A 1020 -22.33 34.27 -20.42
C SER A 1020 -21.61 34.90 -21.61
N ALA A 1021 -20.98 36.05 -21.37
CA ALA A 1021 -20.19 36.71 -22.39
C ALA A 1021 -18.76 36.18 -22.36
N PHE A 1022 -18.32 35.50 -23.42
CA PHE A 1022 -17.02 34.83 -23.39
C PHE A 1022 -16.02 35.57 -24.27
N SER A 1023 -14.74 35.28 -24.07
CA SER A 1023 -13.69 36.02 -24.76
C SER A 1023 -13.07 35.20 -25.88
N ILE A 1024 -12.85 35.85 -27.03
CA ILE A 1024 -12.07 35.32 -28.14
C ILE A 1024 -10.86 36.25 -28.35
N PHE A 1025 -9.91 35.79 -29.15
CA PHE A 1025 -8.61 36.45 -29.25
C PHE A 1025 -8.17 36.51 -30.71
N THR A 1026 -8.47 37.63 -31.38
CA THR A 1026 -8.05 37.86 -32.75
C THR A 1026 -6.87 38.83 -32.80
N ARG A 1027 -6.60 39.32 -34.00
CA ARG A 1027 -5.50 40.25 -34.26
C ARG A 1027 -5.62 41.52 -33.44
N SER A 1028 -6.84 42.03 -33.28
CA SER A 1028 -7.03 43.21 -32.45
C SER A 1028 -6.86 42.91 -30.97
N GLY A 1029 -6.93 41.63 -30.58
CA GLY A 1029 -6.59 41.21 -29.24
C GLY A 1029 -7.72 40.43 -28.59
N GLU A 1030 -8.01 40.75 -27.34
CA GLU A 1030 -9.06 40.09 -26.58
C GLU A 1030 -10.38 40.80 -26.83
N VAL A 1031 -11.30 40.11 -27.51
CA VAL A 1031 -12.60 40.63 -27.87
C VAL A 1031 -13.65 39.79 -27.14
N LYS A 1032 -14.42 40.44 -26.28
CA LYS A 1032 -15.54 39.80 -25.61
C LYS A 1032 -16.73 39.65 -26.55
N VAL A 1033 -17.42 38.52 -26.44
CA VAL A 1033 -18.52 38.12 -27.29
C VAL A 1033 -19.75 38.00 -26.41
N SER A 1034 -20.84 38.69 -26.80
CA SER A 1034 -22.13 38.51 -26.14
C SER A 1034 -23.21 38.55 -27.21
N LEU A 1035 -24.40 38.08 -26.86
CA LEU A 1035 -25.55 38.16 -27.76
C LEU A 1035 -26.60 39.06 -27.13
N GLU A 1036 -27.24 39.89 -27.96
CA GLU A 1036 -28.24 40.84 -27.46
C GLU A 1036 -29.50 40.74 -28.31
N LEU A 1037 -30.64 40.58 -27.65
CA LEU A 1037 -31.92 40.50 -28.35
C LEU A 1037 -32.39 41.84 -28.90
N ALA A 1038 -32.88 41.81 -30.13
CA ALA A 1038 -33.59 42.94 -30.70
C ALA A 1038 -35.03 42.94 -30.23
N LYS A 1039 -35.54 44.12 -29.90
CA LYS A 1039 -36.87 44.23 -29.30
C LYS A 1039 -37.96 43.89 -30.30
N GLU A 1040 -37.90 44.48 -31.49
CA GLU A 1040 -38.96 44.32 -32.48
C GLU A 1040 -38.65 43.09 -33.34
N ARG A 1041 -39.61 42.17 -33.41
CA ARG A 1041 -39.39 40.89 -34.05
C ARG A 1041 -39.38 41.05 -35.57
N VAL A 1042 -38.91 40.01 -36.25
CA VAL A 1042 -38.70 40.03 -37.70
C VAL A 1042 -39.63 39.01 -38.33
N ILE A 1043 -40.44 39.46 -39.29
CA ILE A 1043 -41.26 38.58 -40.11
C ILE A 1043 -40.71 38.61 -41.51
N LEU A 1044 -40.40 37.43 -42.06
CA LEU A 1044 -39.73 37.33 -43.35
C LEU A 1044 -40.73 37.04 -44.46
N THR A 1045 -40.55 37.72 -45.59
CA THR A 1045 -41.21 37.38 -46.83
C THR A 1045 -40.44 36.27 -47.53
N SER A 1046 -41.00 35.79 -48.64
CA SER A 1046 -40.35 34.71 -49.39
C SER A 1046 -39.05 35.19 -50.03
N GLU A 1047 -39.07 36.39 -50.61
CA GLU A 1047 -37.87 36.89 -51.28
C GLU A 1047 -36.78 37.29 -50.28
N GLN A 1048 -37.18 37.72 -49.08
CA GLN A 1048 -36.19 37.96 -48.04
C GLN A 1048 -35.55 36.66 -47.57
N ILE A 1049 -36.33 35.57 -47.53
CA ILE A 1049 -35.79 34.25 -47.26
C ILE A 1049 -34.79 33.85 -48.35
N VAL A 1050 -35.13 34.11 -49.61
CA VAL A 1050 -34.27 33.73 -50.72
C VAL A 1050 -32.96 34.53 -50.68
N CYS A 1051 -33.03 35.82 -50.39
CA CYS A 1051 -31.79 36.61 -50.41
C CYS A 1051 -30.92 36.30 -49.20
N ILE A 1052 -31.53 36.02 -48.03
CA ILE A 1052 -30.72 35.64 -46.88
C ILE A 1052 -30.12 34.25 -47.05
N ASN A 1053 -30.81 33.35 -47.76
CA ASN A 1053 -30.20 32.07 -48.12
C ASN A 1053 -29.02 32.23 -49.08
N GLY A 1054 -29.18 33.10 -50.08
CA GLY A 1054 -28.05 33.40 -50.96
C GLY A 1054 -26.90 34.05 -50.22
N PHE A 1055 -27.22 34.89 -49.24
CA PHE A 1055 -26.19 35.52 -48.41
C PHE A 1055 -25.44 34.50 -47.56
N LEU A 1056 -26.16 33.54 -46.98
CA LEU A 1056 -25.48 32.49 -46.18
C LEU A 1056 -24.59 31.63 -47.06
N ASN A 1057 -25.08 31.25 -48.24
CA ASN A 1057 -24.27 30.44 -49.14
C ASN A 1057 -23.03 31.21 -49.59
N TYR A 1058 -23.18 32.51 -49.84
CA TYR A 1058 -22.05 33.33 -50.25
C TYR A 1058 -21.05 33.53 -49.10
N THR A 1059 -21.54 33.83 -47.90
CA THR A 1059 -20.66 34.17 -46.78
C THR A 1059 -19.90 32.94 -46.28
N PHE A 1060 -20.56 31.81 -46.16
CA PHE A 1060 -19.86 30.63 -45.67
C PHE A 1060 -19.38 29.72 -46.80
N THR A 1061 -19.48 30.18 -48.05
CA THR A 1061 -18.85 29.49 -49.17
C THR A 1061 -17.70 30.27 -49.79
N ASN A 1062 -17.78 31.59 -49.81
CA ASN A 1062 -16.80 32.37 -50.56
C ASN A 1062 -16.01 33.36 -49.71
N VAL A 1063 -16.65 34.07 -48.79
CA VAL A 1063 -15.92 35.05 -47.98
C VAL A 1063 -14.99 34.34 -46.99
N LEU A 1064 -15.48 33.29 -46.34
CA LEU A 1064 -14.64 32.51 -45.44
C LEU A 1064 -14.16 31.19 -46.05
N ARG A 1065 -14.83 30.71 -47.11
CA ARG A 1065 -14.58 29.41 -47.73
C ARG A 1065 -14.65 28.26 -46.74
N LEU A 1066 -15.58 28.33 -45.78
CA LEU A 1066 -15.78 27.21 -44.88
C LEU A 1066 -16.51 26.07 -45.55
N GLN A 1067 -17.20 26.34 -46.66
CA GLN A 1067 -17.86 25.27 -47.39
C GLN A 1067 -16.82 24.39 -48.06
N LYS A 1068 -16.97 23.09 -47.86
CA LYS A 1068 -16.02 22.13 -48.40
C LYS A 1068 -16.76 21.10 -49.23
N PHE A 1069 -16.12 19.97 -49.52
CA PHE A 1069 -16.77 18.94 -50.32
C PHE A 1069 -17.80 18.19 -49.48
N LEU A 1070 -18.76 17.55 -50.16
CA LEU A 1070 -19.80 16.70 -49.60
C LEU A 1070 -20.69 17.49 -48.64
N MET A 1071 -21.28 18.56 -49.17
CA MET A 1071 -21.70 19.69 -48.36
C MET A 1071 -22.72 20.48 -49.15
N LEU A 1072 -23.97 20.42 -48.72
CA LEU A 1072 -25.05 21.07 -49.44
C LEU A 1072 -25.66 22.15 -48.57
N PHE A 1073 -25.87 23.32 -49.15
CA PHE A 1073 -26.65 24.37 -48.51
C PHE A 1073 -28.13 24.00 -48.64
N ASP A 1074 -28.71 23.52 -47.54
CA ASP A 1074 -30.14 23.17 -47.49
C ASP A 1074 -30.85 24.10 -46.53
N PRO A 1075 -31.62 25.07 -47.02
CA PRO A 1075 -32.20 26.07 -46.10
C PRO A 1075 -33.34 25.55 -45.25
N ASP A 1076 -34.06 24.53 -45.70
CA ASP A 1076 -35.25 24.04 -45.03
C ASP A 1076 -34.95 22.91 -44.04
N SER A 1077 -33.77 22.91 -43.44
CA SER A 1077 -33.37 21.82 -42.57
C SER A 1077 -34.15 21.84 -41.26
N THR A 1078 -34.12 20.70 -40.57
CA THR A 1078 -34.71 20.57 -39.24
C THR A 1078 -33.67 20.61 -38.13
N GLU A 1079 -32.43 20.23 -38.43
CA GLU A 1079 -31.35 20.27 -37.47
C GLU A 1079 -30.25 21.20 -37.96
N ASN A 1080 -29.67 21.95 -37.01
CA ASN A 1080 -28.66 22.98 -37.27
C ASN A 1080 -29.17 24.01 -38.28
N CYS A 1081 -30.37 24.49 -38.03
CA CYS A 1081 -31.10 25.34 -38.97
C CYS A 1081 -31.35 26.71 -38.32
N VAL A 1082 -30.62 27.73 -38.79
CA VAL A 1082 -30.69 29.08 -38.25
C VAL A 1082 -30.15 30.02 -39.32
N PHE A 1083 -30.55 31.29 -39.26
CA PHE A 1083 -30.05 32.29 -40.21
C PHE A 1083 -29.05 33.25 -39.59
N ILE A 1084 -28.03 33.61 -40.37
CA ILE A 1084 -27.08 34.66 -40.03
C ILE A 1084 -27.25 35.77 -41.06
N VAL A 1085 -27.42 36.99 -40.59
CA VAL A 1085 -27.80 38.12 -41.44
C VAL A 1085 -26.78 39.23 -41.36
N PRO A 1086 -26.53 39.98 -42.44
CA PRO A 1086 -25.62 41.12 -42.33
C PRO A 1086 -26.34 42.31 -41.72
N THR A 1087 -26.05 42.58 -40.47
CA THR A 1087 -26.72 43.67 -39.82
C THR A 1087 -25.94 44.96 -40.03
N VAL A 1088 -26.63 46.09 -39.88
CA VAL A 1088 -25.99 47.39 -40.00
C VAL A 1088 -26.42 48.24 -38.81
N LYS A 1089 -25.48 49.01 -38.28
CA LYS A 1089 -25.80 50.12 -37.41
C LYS A 1089 -26.73 51.05 -38.19
N ALA A 1090 -27.89 51.35 -37.63
CA ALA A 1090 -28.78 52.30 -38.27
C ALA A 1090 -28.13 53.67 -38.26
N PRO A 1091 -28.22 54.44 -39.35
CA PRO A 1091 -27.64 55.80 -39.35
C PRO A 1091 -28.28 56.73 -38.33
N ALA A 1092 -29.57 56.54 -38.04
CA ALA A 1092 -30.19 57.27 -36.95
C ALA A 1092 -29.73 56.75 -35.59
N GLY A 1093 -29.70 55.43 -35.43
CA GLY A 1093 -29.33 54.82 -34.17
C GLY A 1093 -29.90 53.43 -34.02
N GLY A 1094 -29.14 52.52 -33.41
CA GLY A 1094 -29.54 51.13 -33.31
C GLY A 1094 -29.00 50.32 -34.46
N LYS A 1095 -29.41 49.05 -34.49
CA LYS A 1095 -28.95 48.11 -35.50
C LYS A 1095 -30.16 47.37 -36.05
N HIS A 1096 -30.12 47.05 -37.35
CA HIS A 1096 -31.21 46.32 -37.99
C HIS A 1096 -30.63 45.64 -39.22
N ILE A 1097 -31.47 44.85 -39.89
CA ILE A 1097 -31.00 44.09 -41.04
C ILE A 1097 -30.71 45.03 -42.20
N ASP A 1098 -29.51 44.94 -42.77
CA ASP A 1098 -29.12 45.80 -43.88
C ASP A 1098 -29.74 45.24 -45.16
N TRP A 1099 -30.84 45.85 -45.57
CA TRP A 1099 -31.56 45.35 -46.74
C TRP A 1099 -30.87 45.74 -48.04
N GLN A 1100 -30.32 46.95 -48.12
CA GLN A 1100 -29.63 47.35 -49.34
C GLN A 1100 -28.32 46.60 -49.51
N PHE A 1101 -27.69 46.20 -48.41
CA PHE A 1101 -26.53 45.32 -48.50
C PHE A 1101 -26.93 43.95 -49.03
N LEU A 1102 -28.10 43.46 -48.60
CA LEU A 1102 -28.60 42.19 -49.13
C LEU A 1102 -28.92 42.30 -50.60
N GLU A 1103 -29.39 43.47 -51.04
CA GLU A 1103 -29.57 43.73 -52.47
C GLU A 1103 -28.23 43.70 -53.20
N LEU A 1104 -27.19 44.23 -52.57
CA LEU A 1104 -25.85 44.20 -53.15
C LEU A 1104 -25.33 42.77 -53.30
N ILE A 1105 -25.56 41.93 -52.28
CA ILE A 1105 -25.14 40.54 -52.36
C ILE A 1105 -25.97 39.76 -53.38
N GLN A 1106 -27.25 40.14 -53.55
CA GLN A 1106 -28.06 39.58 -54.62
C GLN A 1106 -27.50 39.94 -55.99
N ALA A 1107 -27.12 41.20 -56.18
CA ALA A 1107 -26.52 41.62 -57.43
C ALA A 1107 -25.13 41.02 -57.60
N ASN A 1108 -24.32 41.07 -56.55
CA ASN A 1108 -22.96 40.52 -56.58
C ASN A 1108 -22.99 39.14 -55.96
N GLY A 1109 -23.40 38.16 -56.76
CA GLY A 1109 -23.40 36.79 -56.30
C GLY A 1109 -22.02 36.18 -56.43
N ASN A 1110 -21.93 34.99 -57.01
CA ASN A 1110 -20.63 34.39 -57.29
C ASN A 1110 -20.09 34.94 -58.61
N THR A 1111 -19.87 36.25 -58.66
CA THR A 1111 -19.45 36.91 -59.89
C THR A 1111 -17.93 36.85 -59.98
N MET A 1112 -17.42 36.37 -61.12
CA MET A 1112 -16.01 36.20 -61.34
C MET A 1112 -15.32 37.57 -61.39
N PRO A 1113 -14.18 37.73 -60.70
CA PRO A 1113 -13.39 38.96 -60.86
C PRO A 1113 -12.92 39.13 -62.31
N ARG A 1114 -13.13 40.33 -62.83
CA ARG A 1114 -12.97 40.62 -64.24
C ARG A 1114 -11.70 41.45 -64.46
N ALA A 1115 -10.89 41.04 -65.43
CA ALA A 1115 -9.70 41.80 -65.82
C ALA A 1115 -10.15 43.03 -66.59
N VAL A 1116 -10.08 44.19 -65.94
CA VAL A 1116 -10.56 45.43 -66.56
C VAL A 1116 -9.58 45.87 -67.65
N PRO A 1117 -10.05 46.39 -68.78
CA PRO A 1117 -9.13 46.76 -69.86
C PRO A 1117 -8.42 48.06 -69.57
N ASP A 1118 -7.54 48.42 -70.52
CA ASP A 1118 -6.71 49.62 -70.38
C ASP A 1118 -7.55 50.88 -70.43
N GLU A 1119 -8.61 50.88 -71.24
CA GLU A 1119 -9.44 52.06 -71.43
C GLU A 1119 -10.21 52.39 -70.15
N GLU A 1120 -10.61 51.37 -69.39
CA GLU A 1120 -11.33 51.62 -68.15
C GLU A 1120 -10.43 52.25 -67.10
N ARG A 1121 -9.21 51.74 -66.94
CA ARG A 1121 -8.27 52.31 -65.97
C ARG A 1121 -7.83 53.71 -66.40
N GLN A 1122 -7.73 53.95 -67.71
CA GLN A 1122 -7.48 55.30 -68.19
C GLN A 1122 -8.66 56.20 -67.86
N ALA A 1123 -9.88 55.67 -67.97
CA ALA A 1123 -11.06 56.48 -67.70
C ALA A 1123 -11.20 56.79 -66.21
N GLN A 1124 -11.07 55.77 -65.37
CA GLN A 1124 -11.30 55.97 -63.95
C GLN A 1124 -10.08 56.60 -63.28
N PRO A 1125 -10.26 57.61 -62.44
CA PRO A 1125 -9.16 58.05 -61.58
C PRO A 1125 -9.09 57.20 -60.33
N PHE A 1126 -8.22 57.54 -59.39
CA PHE A 1126 -8.10 56.79 -58.15
C PHE A 1126 -8.88 57.51 -57.05
N ASP A 1127 -9.90 56.85 -56.52
CA ASP A 1127 -10.61 57.34 -55.35
C ASP A 1127 -10.05 56.65 -54.12
N PRO A 1128 -9.56 57.40 -53.12
CA PRO A 1128 -9.07 56.74 -51.89
C PRO A 1128 -10.16 56.04 -51.10
N GLN A 1129 -11.35 56.63 -51.03
CA GLN A 1129 -12.40 56.08 -50.18
C GLN A 1129 -13.02 54.82 -50.76
N ARG A 1130 -12.83 54.58 -52.07
CA ARG A 1130 -13.14 53.27 -52.62
C ARG A 1130 -12.19 52.22 -52.06
N PHE A 1131 -10.92 52.58 -51.88
CA PHE A 1131 -9.89 51.65 -51.42
C PHE A 1131 -9.47 51.90 -49.98
N GLN A 1132 -10.18 52.76 -49.27
CA GLN A 1132 -9.97 52.92 -47.83
C GLN A 1132 -10.99 52.06 -47.11
N ASP A 1133 -10.51 51.21 -46.18
CA ASP A 1133 -11.31 50.33 -45.33
C ASP A 1133 -12.13 49.35 -46.19
N ALA A 1134 -11.41 48.55 -46.98
CA ALA A 1134 -12.04 47.63 -47.90
C ALA A 1134 -11.08 46.52 -48.28
N VAL A 1135 -11.63 45.39 -48.69
CA VAL A 1135 -10.83 44.26 -49.13
C VAL A 1135 -10.45 44.47 -50.59
N VAL A 1136 -9.16 44.37 -50.89
CA VAL A 1136 -8.58 44.96 -52.09
C VAL A 1136 -7.91 43.93 -53.00
N MET A 1137 -8.51 42.76 -53.10
CA MET A 1137 -8.25 41.60 -53.94
C MET A 1137 -7.74 41.94 -55.34
N PRO A 1138 -6.58 41.41 -55.75
CA PRO A 1138 -6.09 41.67 -57.12
C PRO A 1138 -6.76 40.77 -58.14
N TRP A 1139 -7.13 41.37 -59.29
CA TRP A 1139 -7.83 40.63 -60.32
C TRP A 1139 -6.90 39.94 -61.32
N TYR A 1140 -5.66 40.37 -61.44
CA TYR A 1140 -4.76 39.79 -62.42
C TYR A 1140 -4.21 38.44 -61.97
N ARG A 1141 -4.24 38.16 -60.67
CA ARG A 1141 -3.73 36.92 -60.11
C ARG A 1141 -4.82 36.21 -59.32
N ASN A 1142 -4.69 34.88 -59.25
CA ASN A 1142 -5.58 33.99 -58.49
C ASN A 1142 -7.03 34.09 -58.99
N GLN A 1143 -7.24 33.55 -60.19
CA GLN A 1143 -8.54 33.72 -60.85
C GLN A 1143 -9.61 32.84 -60.22
N ASP A 1144 -9.28 31.60 -59.84
CA ASP A 1144 -10.34 30.70 -59.38
C ASP A 1144 -10.57 30.81 -57.87
N GLN A 1145 -9.51 31.02 -57.10
CA GLN A 1145 -9.58 31.15 -55.64
C GLN A 1145 -8.84 32.43 -55.30
N PRO A 1146 -9.50 33.58 -55.40
CA PRO A 1146 -8.79 34.86 -55.25
C PRO A 1146 -8.31 35.10 -53.83
N GLN A 1147 -7.14 35.71 -53.73
CA GLN A 1147 -6.49 35.98 -52.46
C GLN A 1147 -7.02 37.31 -51.94
N TYR A 1148 -7.63 37.29 -50.77
CA TYR A 1148 -8.24 38.49 -50.23
C TYR A 1148 -7.23 39.21 -49.35
N PHE A 1149 -7.12 40.51 -49.51
CA PHE A 1149 -6.11 41.30 -48.84
C PHE A 1149 -6.77 42.42 -48.06
N TYR A 1150 -6.27 42.69 -46.86
CA TYR A 1150 -6.76 43.83 -46.11
C TYR A 1150 -6.17 45.12 -46.68
N VAL A 1151 -6.59 46.24 -46.10
CA VAL A 1151 -5.88 47.51 -46.29
C VAL A 1151 -5.10 47.76 -45.00
N ALA A 1152 -3.78 47.70 -45.10
CA ALA A 1152 -2.97 48.14 -43.97
C ALA A 1152 -2.78 49.65 -44.02
N GLU A 1153 -2.10 50.14 -45.06
CA GLU A 1153 -1.92 51.57 -45.25
C GLU A 1153 -2.01 51.91 -46.73
N ILE A 1154 -2.30 53.17 -47.00
CA ILE A 1154 -2.29 53.70 -48.35
C ILE A 1154 -1.14 54.70 -48.43
N CYS A 1155 -0.15 54.41 -49.29
CA CYS A 1155 1.06 55.22 -49.36
C CYS A 1155 0.93 56.21 -50.51
N PRO A 1156 0.94 57.52 -50.23
CA PRO A 1156 0.89 58.51 -51.30
C PRO A 1156 2.25 58.72 -51.96
N HIS A 1157 3.32 58.48 -51.19
CA HIS A 1157 4.66 58.70 -51.71
C HIS A 1157 5.04 57.63 -52.73
N LEU A 1158 4.47 56.43 -52.61
CA LEU A 1158 4.74 55.38 -53.57
C LEU A 1158 3.99 55.62 -54.87
N SER A 1159 4.43 54.92 -55.92
CA SER A 1159 3.91 55.09 -57.26
C SER A 1159 4.30 53.87 -58.07
N PRO A 1160 3.65 53.63 -59.21
CA PRO A 1160 4.17 52.61 -60.15
C PRO A 1160 5.55 52.92 -60.69
N LEU A 1161 5.97 54.18 -60.65
CA LEU A 1161 7.33 54.56 -60.98
C LEU A 1161 8.22 54.67 -59.75
N SER A 1162 7.72 54.35 -58.55
CA SER A 1162 8.57 54.34 -57.37
C SER A 1162 9.48 53.11 -57.38
N CYS A 1163 10.60 53.22 -56.66
CA CYS A 1163 11.72 52.30 -56.81
C CYS A 1163 11.39 50.89 -56.32
N PHE A 1164 11.79 49.91 -57.10
CA PHE A 1164 11.58 48.50 -56.76
C PHE A 1164 12.63 48.03 -55.76
N PRO A 1165 12.27 47.23 -54.76
CA PRO A 1165 13.28 46.71 -53.82
C PRO A 1165 14.22 45.70 -54.44
N GLY A 1166 13.70 44.76 -55.23
CA GLY A 1166 14.52 43.74 -55.83
C GLY A 1166 15.36 44.27 -56.97
N ASP A 1167 16.22 43.39 -57.47
CA ASP A 1167 17.25 43.76 -58.44
C ASP A 1167 16.87 43.42 -59.88
N ASN A 1168 16.10 42.35 -60.09
CA ASN A 1168 15.80 41.92 -61.45
C ASN A 1168 14.82 42.86 -62.13
N TYR A 1169 14.03 43.60 -61.36
CA TYR A 1169 13.09 44.55 -61.90
C TYR A 1169 13.42 45.94 -61.40
N ARG A 1170 13.20 46.93 -62.25
CA ARG A 1170 13.14 48.32 -61.81
C ARG A 1170 11.69 48.64 -61.43
N THR A 1171 11.36 49.93 -61.35
CA THR A 1171 10.14 50.50 -60.75
C THR A 1171 8.85 49.79 -61.19
N PHE A 1172 7.85 49.80 -60.29
CA PHE A 1172 6.72 48.89 -60.26
C PHE A 1172 5.95 48.78 -61.57
N LYS A 1173 5.88 49.87 -62.33
CA LYS A 1173 5.26 49.86 -63.64
C LYS A 1173 6.00 48.93 -64.59
N HIS A 1174 7.34 48.96 -64.55
CA HIS A 1174 8.14 48.03 -65.34
C HIS A 1174 7.97 46.59 -64.87
N TYR A 1175 7.75 46.38 -63.57
CA TYR A 1175 7.51 45.04 -63.05
C TYR A 1175 6.21 44.48 -63.63
N TYR A 1176 5.14 45.24 -63.52
CA TYR A 1176 3.85 44.76 -63.99
C TYR A 1176 3.82 44.69 -65.51
N LEU A 1177 4.66 45.47 -66.18
CA LEU A 1177 4.82 45.33 -67.62
C LEU A 1177 5.59 44.07 -68.00
N VAL A 1178 6.57 43.67 -67.19
CA VAL A 1178 7.43 42.56 -67.56
C VAL A 1178 6.81 41.22 -67.22
N LYS A 1179 6.39 41.02 -65.96
CA LYS A 1179 6.02 39.67 -65.53
C LYS A 1179 4.65 39.26 -66.06
N TYR A 1180 3.74 40.22 -66.21
CA TYR A 1180 2.39 39.92 -66.64
C TYR A 1180 2.07 40.40 -68.05
N GLY A 1181 2.80 41.39 -68.56
CA GLY A 1181 2.48 41.97 -69.84
C GLY A 1181 1.44 43.07 -69.78
N LEU A 1182 1.02 43.48 -68.59
CA LEU A 1182 -0.01 44.49 -68.44
C LEU A 1182 0.60 45.86 -68.18
N THR A 1183 0.10 46.87 -68.88
CA THR A 1183 0.61 48.23 -68.78
C THR A 1183 -0.21 48.98 -67.75
N ILE A 1184 0.46 49.52 -66.73
CA ILE A 1184 -0.20 50.38 -65.76
C ILE A 1184 -0.50 51.71 -66.45
N GLN A 1185 -1.78 52.01 -66.64
CA GLN A 1185 -2.16 53.19 -67.41
C GLN A 1185 -1.90 54.47 -66.65
N ASN A 1186 -2.23 54.50 -65.36
CA ASN A 1186 -1.98 55.66 -64.52
C ASN A 1186 -0.81 55.34 -63.61
N THR A 1187 0.32 55.99 -63.85
CA THR A 1187 1.50 55.86 -62.99
C THR A 1187 1.54 56.91 -61.88
N SER A 1188 0.54 57.78 -61.81
CA SER A 1188 0.49 58.82 -60.79
C SER A 1188 -0.34 58.42 -59.57
N GLN A 1189 -0.86 57.19 -59.54
CA GLN A 1189 -1.74 56.80 -58.45
C GLN A 1189 -0.92 56.41 -57.21
N PRO A 1190 -1.41 56.72 -56.02
CA PRO A 1190 -0.78 56.20 -54.79
C PRO A 1190 -0.95 54.70 -54.67
N LEU A 1191 -0.09 54.08 -53.87
CA LEU A 1191 -0.04 52.63 -53.80
C LEU A 1191 -0.57 52.12 -52.47
N LEU A 1192 -0.58 50.80 -52.32
CA LEU A 1192 -1.27 50.14 -51.23
C LEU A 1192 -0.32 49.21 -50.50
N ASP A 1193 -0.04 49.50 -49.24
CA ASP A 1193 0.54 48.47 -48.37
C ASP A 1193 -0.60 47.65 -47.79
N VAL A 1194 -0.58 46.35 -48.07
CA VAL A 1194 -1.67 45.45 -47.72
C VAL A 1194 -1.14 44.34 -46.83
N ASP A 1195 -2.07 43.63 -46.19
CA ASP A 1195 -1.77 42.48 -45.36
C ASP A 1195 -2.50 41.24 -45.88
N HIS A 1196 -1.99 40.08 -45.49
CA HIS A 1196 -2.74 38.85 -45.67
C HIS A 1196 -3.92 38.80 -44.69
N THR A 1197 -5.05 38.31 -45.19
CA THR A 1197 -6.22 38.13 -44.33
C THR A 1197 -6.08 36.85 -43.52
N SER A 1198 -6.95 36.72 -42.51
CA SER A 1198 -6.83 35.68 -41.49
C SER A 1198 -7.10 34.31 -42.10
N ALA A 1199 -6.07 33.48 -42.14
CA ALA A 1199 -6.17 32.20 -42.83
C ALA A 1199 -6.95 31.19 -42.00
N ARG A 1200 -6.46 30.87 -40.81
CA ARG A 1200 -7.23 30.03 -39.90
C ARG A 1200 -8.14 30.90 -39.05
N LEU A 1201 -9.30 30.36 -38.71
CA LEU A 1201 -10.30 31.21 -38.06
C LEU A 1201 -10.59 30.79 -36.63
N ASN A 1202 -9.74 29.97 -36.02
CA ASN A 1202 -9.83 29.63 -34.60
C ASN A 1202 -9.12 30.72 -33.81
N PHE A 1203 -9.86 31.42 -32.96
CA PHE A 1203 -9.28 32.50 -32.17
C PHE A 1203 -9.53 32.34 -30.69
N LEU A 1204 -9.85 31.12 -30.24
CA LEU A 1204 -10.28 30.94 -28.86
C LEU A 1204 -9.12 31.02 -27.88
N THR A 1205 -7.99 30.39 -28.21
CA THR A 1205 -6.81 30.47 -27.37
C THR A 1205 -6.05 31.73 -27.70
N PRO A 1206 -5.66 32.55 -26.72
CA PRO A 1206 -4.80 33.70 -27.00
C PRO A 1206 -3.46 33.25 -27.56
N ARG A 1207 -2.95 34.02 -28.50
CA ARG A 1207 -1.93 33.55 -29.43
C ARG A 1207 -0.54 33.49 -28.79
N TYR A 1208 -0.36 34.05 -27.59
CA TYR A 1208 0.97 34.29 -27.05
C TYR A 1208 1.10 33.89 -25.58
N VAL A 1209 0.24 33.01 -25.08
CA VAL A 1209 0.27 32.61 -23.68
C VAL A 1209 0.28 31.08 -23.59
N ASN A 1210 1.14 30.55 -22.72
CA ASN A 1210 1.15 29.13 -22.39
C ASN A 1210 -0.06 28.77 -21.54
N ARG A 1211 -0.21 27.47 -21.27
CA ARG A 1211 -1.34 27.05 -20.43
C ARG A 1211 -1.12 27.44 -18.96
N LYS A 1212 0.11 27.66 -18.54
CA LYS A 1212 0.38 28.10 -17.18
C LYS A 1212 0.29 29.61 -17.03
N GLY A 1213 -0.04 30.35 -18.08
CA GLY A 1213 -0.05 31.80 -18.00
C GLY A 1213 1.29 32.45 -18.24
N VAL A 1214 2.27 31.70 -18.74
CA VAL A 1214 3.61 32.21 -19.01
C VAL A 1214 3.68 32.67 -20.45
N ALA A 1215 4.12 33.91 -20.67
CA ALA A 1215 4.12 34.49 -22.01
C ALA A 1215 5.16 33.82 -22.90
N LEU A 1216 4.77 33.57 -24.14
CA LEU A 1216 5.68 33.03 -25.14
C LEU A 1216 6.67 34.11 -25.58
N PRO A 1217 7.83 33.71 -26.12
CA PRO A 1217 8.80 34.72 -26.57
C PRO A 1217 8.30 35.53 -27.75
N THR A 1218 8.37 36.85 -27.61
CA THR A 1218 7.97 37.77 -28.65
C THR A 1218 9.09 37.92 -29.67
N SER A 1219 8.81 38.69 -30.72
CA SER A 1219 9.79 38.89 -31.78
C SER A 1219 10.89 39.84 -31.32
N SER A 1220 12.06 39.72 -31.95
CA SER A 1220 13.18 40.58 -31.62
C SER A 1220 12.96 41.98 -32.20
N GLU A 1221 13.58 42.97 -31.54
CA GLU A 1221 13.40 44.37 -31.94
C GLU A 1221 14.01 44.63 -33.32
N GLU A 1222 15.11 43.96 -33.65
CA GLU A 1222 15.72 44.09 -34.96
C GLU A 1222 14.80 43.55 -36.05
N THR A 1223 14.23 42.36 -35.84
CA THR A 1223 13.34 41.78 -36.83
C THR A 1223 11.97 42.44 -36.83
N LYS A 1224 11.68 43.29 -35.83
CA LYS A 1224 10.51 44.15 -35.90
C LYS A 1224 10.80 45.38 -36.76
N ARG A 1225 11.82 46.16 -36.38
CA ARG A 1225 12.05 47.45 -37.03
C ARG A 1225 12.58 47.29 -38.44
N ALA A 1226 13.46 46.29 -38.68
CA ALA A 1226 14.06 46.11 -39.99
C ALA A 1226 13.02 45.72 -41.03
N LYS A 1227 12.10 44.84 -40.66
CA LYS A 1227 11.02 44.45 -41.56
C LYS A 1227 9.78 45.33 -41.40
N ARG A 1228 9.85 46.35 -40.55
CA ARG A 1228 8.77 47.34 -40.49
C ARG A 1228 8.84 48.36 -41.63
N GLU A 1229 10.04 48.68 -42.14
CA GLU A 1229 10.17 49.71 -43.16
C GLU A 1229 10.82 49.28 -44.46
N ASN A 1230 11.42 48.10 -44.53
CA ASN A 1230 12.01 47.67 -45.79
C ASN A 1230 10.95 47.29 -46.82
N LEU A 1231 11.28 47.47 -48.09
CA LEU A 1231 10.36 47.10 -49.16
C LEU A 1231 10.53 45.66 -49.63
N GLU A 1232 11.57 44.96 -49.15
CA GLU A 1232 11.70 43.55 -49.48
C GLU A 1232 10.63 42.72 -48.78
N GLN A 1233 10.34 43.04 -47.53
CA GLN A 1233 9.11 42.60 -46.89
C GLN A 1233 7.98 43.54 -47.29
N LYS A 1234 6.83 43.42 -46.60
CA LYS A 1234 5.57 44.12 -46.88
C LYS A 1234 5.03 43.81 -48.28
N GLN A 1235 3.84 44.33 -48.59
CA GLN A 1235 3.18 44.01 -49.85
C GLN A 1235 2.53 45.26 -50.40
N ILE A 1236 2.90 45.60 -51.64
CA ILE A 1236 2.48 46.86 -52.26
C ILE A 1236 1.70 46.54 -53.53
N LEU A 1237 0.52 47.15 -53.65
CA LEU A 1237 -0.40 46.91 -54.76
C LEU A 1237 -0.82 48.21 -55.43
N VAL A 1238 -1.16 48.08 -56.71
CA VAL A 1238 -1.65 49.15 -57.57
C VAL A 1238 -3.17 49.15 -57.58
N PRO A 1239 -3.83 50.27 -57.25
CA PRO A 1239 -5.30 50.27 -57.11
C PRO A 1239 -6.07 49.94 -58.37
N GLU A 1240 -5.57 50.33 -59.55
CA GLU A 1240 -6.28 49.94 -60.76
C GLU A 1240 -6.05 48.48 -61.10
N LEU A 1241 -5.11 47.81 -60.44
CA LEU A 1241 -4.89 46.39 -60.62
C LEU A 1241 -5.55 45.56 -59.53
N CYS A 1242 -6.61 46.10 -58.91
CA CYS A 1242 -7.32 45.41 -57.82
C CYS A 1242 -8.82 45.63 -57.95
N THR A 1243 -9.59 44.70 -57.41
CA THR A 1243 -11.04 44.80 -57.32
C THR A 1243 -11.45 44.93 -55.86
N VAL A 1244 -12.19 45.98 -55.53
CA VAL A 1244 -12.72 46.14 -54.18
C VAL A 1244 -13.82 45.08 -53.99
N HIS A 1245 -13.61 44.17 -53.05
CA HIS A 1245 -14.63 43.20 -52.71
C HIS A 1245 -15.79 43.88 -51.99
N PRO A 1246 -17.03 43.39 -52.19
CA PRO A 1246 -18.20 44.05 -51.57
C PRO A 1246 -18.20 44.09 -50.05
N PHE A 1247 -17.56 43.15 -49.37
CA PHE A 1247 -17.52 43.15 -47.92
C PHE A 1247 -16.56 44.22 -47.42
N PRO A 1248 -17.00 45.17 -46.60
CA PRO A 1248 -16.04 46.09 -45.96
C PRO A 1248 -15.18 45.36 -44.94
N ALA A 1249 -14.07 46.01 -44.58
CA ALA A 1249 -12.99 45.30 -43.90
C ALA A 1249 -13.33 45.02 -42.44
N SER A 1250 -14.04 45.94 -41.78
CA SER A 1250 -14.45 45.69 -40.40
C SER A 1250 -15.52 44.60 -40.35
N LEU A 1251 -16.38 44.58 -41.36
CA LEU A 1251 -17.28 43.46 -41.55
C LEU A 1251 -16.51 42.18 -41.83
N TRP A 1252 -15.36 42.27 -42.48
CA TRP A 1252 -14.54 41.08 -42.67
C TRP A 1252 -13.92 40.62 -41.35
N ARG A 1253 -13.61 41.57 -40.45
CA ARG A 1253 -13.05 41.21 -39.14
C ARG A 1253 -14.06 40.47 -38.28
N THR A 1254 -15.27 41.01 -38.16
CA THR A 1254 -16.27 40.26 -37.40
C THR A 1254 -16.73 39.01 -38.15
N ALA A 1255 -16.65 39.00 -39.48
CA ALA A 1255 -17.04 37.84 -40.27
C ALA A 1255 -16.05 36.71 -40.12
N VAL A 1256 -14.78 37.01 -39.85
CA VAL A 1256 -13.87 35.92 -39.52
C VAL A 1256 -13.92 35.62 -38.01
N CYS A 1257 -14.41 36.57 -37.20
CA CYS A 1257 -14.65 36.24 -35.79
C CYS A 1257 -15.77 35.24 -35.59
N LEU A 1258 -16.74 35.18 -36.50
CA LEU A 1258 -17.97 34.40 -36.29
C LEU A 1258 -17.82 32.91 -35.95
N PRO A 1259 -17.00 32.07 -36.62
CA PRO A 1259 -17.13 30.63 -36.37
C PRO A 1259 -16.72 30.18 -34.97
N CYS A 1260 -15.77 30.85 -34.32
CA CYS A 1260 -15.49 30.54 -32.93
C CYS A 1260 -16.59 31.05 -32.02
N ILE A 1261 -17.27 32.13 -32.40
CA ILE A 1261 -18.46 32.58 -31.65
C ILE A 1261 -19.54 31.52 -31.70
N LEU A 1262 -19.78 30.94 -32.88
CA LEU A 1262 -20.82 29.91 -32.99
C LEU A 1262 -20.45 28.64 -32.23
N TYR A 1263 -19.17 28.24 -32.27
CA TYR A 1263 -18.79 27.03 -31.55
C TYR A 1263 -18.85 27.24 -30.03
N ARG A 1264 -18.46 28.41 -29.55
CA ARG A 1264 -18.51 28.60 -28.12
C ARG A 1264 -19.93 28.84 -27.61
N ILE A 1265 -20.82 29.45 -28.40
CA ILE A 1265 -22.23 29.51 -28.01
C ILE A 1265 -22.86 28.12 -28.00
N ASN A 1266 -22.53 27.28 -28.98
CA ASN A 1266 -23.05 25.91 -28.95
C ASN A 1266 -22.52 25.15 -27.73
N GLY A 1267 -21.29 25.43 -27.31
CA GLY A 1267 -20.78 24.83 -26.08
C GLY A 1267 -21.51 25.29 -24.84
N LEU A 1268 -21.73 26.62 -24.72
CA LEU A 1268 -22.46 27.13 -23.56
C LEU A 1268 -23.89 26.62 -23.52
N LEU A 1269 -24.51 26.43 -24.68
CA LEU A 1269 -25.87 25.95 -24.68
C LEU A 1269 -25.97 24.46 -24.40
N LEU A 1270 -24.95 23.67 -24.73
CA LEU A 1270 -24.97 22.28 -24.28
C LEU A 1270 -24.80 22.18 -22.76
N ALA A 1271 -23.99 23.07 -22.18
CA ALA A 1271 -23.87 23.09 -20.73
C ALA A 1271 -25.15 23.56 -20.07
N ASP A 1272 -25.81 24.55 -20.65
CA ASP A 1272 -27.12 24.95 -20.14
C ASP A 1272 -28.17 23.88 -20.36
N ASP A 1273 -28.01 23.02 -21.37
CA ASP A 1273 -28.91 21.88 -21.55
C ASP A 1273 -28.72 20.84 -20.45
N ILE A 1274 -27.48 20.60 -20.02
CA ILE A 1274 -27.25 19.72 -18.87
C ILE A 1274 -27.86 20.29 -17.59
N ARG A 1275 -27.69 21.60 -17.38
CA ARG A 1275 -28.31 22.23 -16.22
C ARG A 1275 -29.84 22.16 -16.30
N LYS A 1276 -30.40 22.31 -17.51
CA LYS A 1276 -31.83 22.15 -17.71
C LYS A 1276 -32.29 20.74 -17.38
N GLN A 1277 -31.51 19.74 -17.77
CA GLN A 1277 -31.92 18.35 -17.56
C GLN A 1277 -31.91 17.99 -16.09
N VAL A 1278 -30.91 18.45 -15.34
CA VAL A 1278 -30.92 18.21 -13.90
C VAL A 1278 -32.05 18.97 -13.21
N SER A 1279 -32.26 20.24 -13.57
CA SER A 1279 -33.33 21.01 -12.94
C SER A 1279 -34.72 20.51 -13.32
N ALA A 1280 -34.85 19.80 -14.42
CA ALA A 1280 -36.12 19.16 -14.74
C ALA A 1280 -36.29 17.87 -13.98
N ASP A 1281 -35.31 16.97 -14.05
CA ASP A 1281 -35.52 15.63 -13.51
C ASP A 1281 -35.38 15.60 -12.00
N LEU A 1282 -34.89 16.67 -11.37
CA LEU A 1282 -34.70 16.57 -9.93
C LEU A 1282 -34.94 17.88 -9.19
N GLY A 1283 -35.47 18.89 -9.86
CA GLY A 1283 -35.78 20.16 -9.19
C GLY A 1283 -34.59 20.96 -8.69
N LEU A 1284 -33.49 20.97 -9.45
CA LEU A 1284 -32.30 21.73 -9.09
C LEU A 1284 -32.24 23.04 -9.86
N GLY A 1285 -33.12 23.96 -9.51
CA GLY A 1285 -33.12 25.29 -10.10
C GLY A 1285 -34.24 25.46 -11.11
N ARG A 1286 -34.25 26.64 -11.72
CA ARG A 1286 -35.29 26.99 -12.68
C ARG A 1286 -35.12 26.19 -13.96
N GLN A 1287 -36.24 25.76 -14.54
CA GLN A 1287 -36.20 24.82 -15.67
C GLN A 1287 -35.64 25.49 -16.92
N GLN A 1288 -36.29 26.57 -17.36
CA GLN A 1288 -35.81 27.39 -18.45
C GLN A 1288 -35.54 28.77 -17.89
N ILE A 1289 -34.26 29.10 -17.72
CA ILE A 1289 -33.88 30.38 -17.14
C ILE A 1289 -34.08 31.42 -18.23
N GLU A 1290 -35.23 32.09 -18.19
CA GLU A 1290 -35.58 33.06 -19.21
C GLU A 1290 -35.80 34.45 -18.64
N ASP A 1291 -35.51 34.64 -17.35
CA ASP A 1291 -35.57 35.98 -16.77
C ASP A 1291 -34.41 36.83 -17.29
N GLU A 1292 -34.72 38.07 -17.68
CA GLU A 1292 -33.70 38.92 -18.28
C GLU A 1292 -32.76 39.52 -17.25
N ASP A 1293 -33.21 39.69 -16.01
CA ASP A 1293 -32.40 40.35 -14.97
C ASP A 1293 -31.50 39.33 -14.25
N PHE A 1294 -30.69 38.65 -15.05
CA PHE A 1294 -29.80 37.60 -14.56
C PHE A 1294 -28.71 37.37 -15.59
N GLU A 1295 -27.48 37.22 -15.10
CA GLU A 1295 -26.34 37.01 -15.98
C GLU A 1295 -25.39 36.00 -15.33
N TRP A 1296 -24.59 35.37 -16.16
CA TRP A 1296 -23.67 34.34 -15.72
C TRP A 1296 -22.29 34.91 -15.42
N PRO A 1297 -21.44 34.16 -14.70
CA PRO A 1297 -20.03 34.53 -14.63
C PRO A 1297 -19.35 34.43 -15.99
N MET A 1298 -18.35 35.29 -16.18
CA MET A 1298 -17.61 35.35 -17.44
C MET A 1298 -16.80 34.08 -17.66
N LEU A 1299 -16.79 33.60 -18.90
CA LEU A 1299 -15.94 32.45 -19.25
C LEU A 1299 -14.51 32.94 -19.42
N ASP A 1300 -13.74 32.88 -18.34
CA ASP A 1300 -12.31 33.13 -18.38
C ASP A 1300 -11.54 31.83 -18.19
N PHE A 1301 -10.38 31.77 -18.82
CA PHE A 1301 -9.60 30.53 -18.84
C PHE A 1301 -8.65 30.41 -17.66
N GLY A 1302 -8.51 31.46 -16.85
CA GLY A 1302 -7.51 31.50 -15.81
C GLY A 1302 -6.17 32.06 -16.23
N TRP A 1303 -5.96 32.26 -17.53
CA TRP A 1303 -4.69 32.74 -18.06
C TRP A 1303 -4.64 34.25 -17.87
N SER A 1304 -3.82 34.69 -16.92
CA SER A 1304 -3.60 36.12 -16.71
C SER A 1304 -2.70 36.65 -17.82
N LEU A 1305 -3.27 37.46 -18.72
CA LEU A 1305 -2.51 38.02 -19.82
C LEU A 1305 -1.70 39.23 -19.35
N ALA A 1537 18.83 0.19 22.75
CA ALA A 1537 17.70 -0.69 23.02
C ALA A 1537 18.03 -2.13 22.67
N ASN A 1538 18.89 -2.32 21.67
CA ASN A 1538 19.35 -3.67 21.36
C ASN A 1538 20.34 -4.16 22.41
N GLU A 1539 21.21 -3.27 22.88
CA GLU A 1539 22.16 -3.64 23.93
C GLU A 1539 21.44 -3.95 25.23
N ARG A 1540 20.27 -3.35 25.45
CA ARG A 1540 19.44 -3.72 26.59
C ARG A 1540 18.86 -5.13 26.41
N GLN A 1541 18.49 -5.49 25.17
CA GLN A 1541 18.08 -6.87 24.89
C GLN A 1541 19.24 -7.84 25.05
N TYR A 1542 20.44 -7.40 24.69
CA TYR A 1542 21.64 -8.17 24.95
C TYR A 1542 21.88 -8.35 26.44
N GLN A 1543 21.58 -7.32 27.24
CA GLN A 1543 21.73 -7.41 28.70
C GLN A 1543 20.74 -8.39 29.31
N GLN A 1544 19.51 -8.37 28.81
CA GLN A 1544 18.50 -9.32 29.32
C GLN A 1544 18.75 -10.75 28.80
N THR A 1545 19.39 -10.87 27.63
CA THR A 1545 19.92 -12.17 27.21
C THR A 1545 21.05 -12.63 28.12
N LYS A 1546 21.93 -11.71 28.53
CA LYS A 1546 23.00 -12.02 29.48
C LYS A 1546 22.44 -12.46 30.82
N ASN A 1547 21.35 -11.81 31.27
CA ASN A 1547 20.68 -12.24 32.49
C ASN A 1547 20.09 -13.64 32.35
N LEU A 1548 19.57 -13.98 31.17
CA LEU A 1548 19.15 -15.37 30.95
C LEU A 1548 20.32 -16.35 30.93
N LEU A 1549 21.48 -15.95 30.43
CA LEU A 1549 22.45 -16.97 30.06
C LEU A 1549 23.38 -17.38 31.19
N ILE A 1550 24.04 -16.42 31.84
CA ILE A 1550 25.20 -16.71 32.67
C ILE A 1550 24.93 -16.50 34.17
N GLY A 1551 24.15 -15.49 34.54
CA GLY A 1551 23.96 -15.22 35.95
C GLY A 1551 23.05 -16.20 36.66
N PHE A 1552 21.75 -16.08 36.38
CA PHE A 1552 20.64 -16.93 36.87
C PHE A 1552 20.75 -17.34 38.34
N ASN A 1553 21.17 -16.39 39.18
CA ASN A 1553 21.79 -16.72 40.45
C ASN A 1553 20.83 -16.40 41.60
N PHE A 1554 21.38 -16.46 42.84
CA PHE A 1554 21.00 -15.75 44.06
C PHE A 1554 20.03 -16.52 44.95
N LYS A 1555 20.39 -16.62 46.24
CA LYS A 1555 19.73 -17.45 47.25
C LYS A 1555 19.68 -16.68 48.55
N HIS A 1556 18.55 -16.77 49.26
CA HIS A 1556 18.44 -16.05 50.52
C HIS A 1556 19.01 -16.85 51.70
N GLU A 1557 18.42 -17.99 52.02
CA GLU A 1557 18.75 -18.64 53.29
C GLU A 1557 18.73 -20.16 53.13
N ASP A 1558 19.35 -20.82 54.12
CA ASP A 1558 19.41 -22.28 54.13
C ASP A 1558 19.29 -22.89 55.53
N GLN A 1559 19.01 -22.08 56.57
CA GLN A 1559 19.10 -22.54 57.95
C GLN A 1559 17.94 -23.43 58.38
N LYS A 1560 16.88 -23.53 57.58
CA LYS A 1560 15.75 -24.40 57.91
C LYS A 1560 16.13 -25.82 57.45
N GLU A 1561 15.21 -26.78 57.52
CA GLU A 1561 15.45 -28.15 57.09
C GLU A 1561 14.80 -28.36 55.72
N PRO A 1562 15.56 -28.30 54.62
CA PRO A 1562 14.93 -28.28 53.30
C PRO A 1562 14.51 -29.66 52.82
N ALA A 1563 15.18 -30.73 53.27
CA ALA A 1563 14.83 -32.10 52.88
C ALA A 1563 13.64 -32.55 53.72
N THR A 1564 12.46 -32.08 53.33
CA THR A 1564 11.24 -32.28 54.11
C THR A 1564 10.56 -33.62 53.82
N ILE A 1565 11.33 -34.63 53.36
CA ILE A 1565 10.90 -35.99 53.02
C ILE A 1565 9.94 -36.02 51.83
N ARG A 1566 8.87 -35.20 51.89
CA ARG A 1566 7.94 -35.04 50.77
C ARG A 1566 8.64 -34.56 49.51
N TYR A 1567 9.72 -33.77 49.66
CA TYR A 1567 10.59 -33.50 48.52
C TYR A 1567 11.27 -34.77 48.03
N GLU A 1568 11.86 -35.53 48.96
CA GLU A 1568 12.52 -36.78 48.58
C GLU A 1568 11.51 -37.81 48.11
N GLU A 1569 10.31 -37.77 48.70
CA GLU A 1569 9.21 -38.62 48.23
C GLU A 1569 8.82 -38.28 46.80
N SER A 1570 8.72 -36.99 46.47
CA SER A 1570 8.37 -36.58 45.12
C SER A 1570 9.50 -36.89 44.15
N ILE A 1571 10.74 -36.78 44.61
CA ILE A 1571 11.90 -37.11 43.78
C ILE A 1571 11.90 -38.60 43.45
N ALA A 1572 11.69 -39.45 44.46
CA ALA A 1572 11.65 -40.89 44.23
C ALA A 1572 10.43 -41.29 43.42
N LYS A 1573 9.30 -40.61 43.63
CA LYS A 1573 8.09 -40.88 42.84
C LYS A 1573 8.30 -40.54 41.38
N LEU A 1574 8.94 -39.38 41.11
CA LEU A 1574 9.24 -39.02 39.74
C LEU A 1574 10.28 -39.96 39.14
N LYS A 1575 11.22 -40.44 39.96
CA LYS A 1575 12.20 -41.43 39.51
C LYS A 1575 11.52 -42.71 39.06
N THR A 1576 10.61 -43.22 39.88
CA THR A 1576 9.87 -44.43 39.54
C THR A 1576 8.96 -44.21 38.33
N GLU A 1577 8.33 -43.04 38.25
CA GLU A 1577 7.41 -42.76 37.16
C GLU A 1577 8.15 -42.56 35.84
N ILE A 1578 9.38 -42.04 35.89
CA ILE A 1578 10.16 -41.89 34.67
C ILE A 1578 10.75 -43.22 34.23
N GLU A 1579 11.30 -43.99 35.18
CA GLU A 1579 11.92 -45.26 34.83
C GLU A 1579 10.89 -46.30 34.38
N SER A 1580 9.72 -46.32 35.02
CA SER A 1580 8.72 -47.33 34.73
C SER A 1580 7.67 -46.88 33.72
N GLY A 1581 7.42 -45.58 33.62
CA GLY A 1581 6.36 -45.10 32.76
C GLY A 1581 6.73 -44.90 31.32
N GLY A 1582 7.94 -45.30 30.91
CA GLY A 1582 8.38 -45.11 29.55
C GLY A 1582 8.97 -43.75 29.27
N MET A 1583 9.01 -42.86 30.26
CA MET A 1583 9.74 -41.62 30.11
C MET A 1583 11.23 -41.87 29.98
N LEU A 1584 11.78 -42.76 30.83
CA LEU A 1584 13.11 -43.30 30.60
C LEU A 1584 12.99 -44.52 29.70
N VAL A 1585 13.42 -44.37 28.46
CA VAL A 1585 13.63 -45.51 27.58
C VAL A 1585 15.04 -46.01 27.85
N PRO A 1586 15.23 -47.25 28.27
CA PRO A 1586 16.58 -47.76 28.56
C PRO A 1586 17.40 -47.94 27.29
N HIS A 1587 18.67 -48.31 27.49
CA HIS A 1587 19.58 -48.47 26.35
C HIS A 1587 19.33 -49.76 25.59
N ASP A 1588 18.73 -50.77 26.23
CA ASP A 1588 18.38 -51.99 25.51
C ASP A 1588 17.00 -51.92 24.88
N GLN A 1589 16.03 -51.27 25.54
CA GLN A 1589 14.74 -50.99 24.94
C GLN A 1589 14.94 -49.98 23.82
N GLN A 1590 14.25 -50.17 22.70
CA GLN A 1590 14.51 -49.28 21.58
C GLN A 1590 13.75 -47.96 21.74
N LEU A 1591 12.42 -48.01 21.69
CA LEU A 1591 11.64 -46.85 21.31
C LEU A 1591 10.15 -47.22 21.36
N VAL A 1592 9.29 -46.22 21.52
CA VAL A 1592 7.83 -46.41 21.50
C VAL A 1592 7.14 -45.29 20.72
N LEU A 1593 6.72 -45.62 19.50
CA LEU A 1593 5.84 -44.77 18.67
C LEU A 1593 4.42 -45.33 18.60
N LYS A 1594 3.70 -45.28 19.71
CA LYS A 1594 2.30 -45.64 19.70
C LYS A 1594 1.45 -44.44 19.32
N ARG A 1595 0.27 -44.71 18.76
CA ARG A 1595 -0.65 -43.66 18.37
C ARG A 1595 -1.74 -43.49 19.43
N LYS A 1605 -25.03 -47.10 24.58
CA LYS A 1605 -25.18 -47.56 25.95
C LYS A 1605 -25.52 -46.36 26.83
N VAL A 1606 -25.97 -46.64 28.07
CA VAL A 1606 -26.65 -45.71 28.98
C VAL A 1606 -27.91 -45.14 28.35
N SER A 1607 -29.05 -45.36 29.02
CA SER A 1607 -30.34 -44.83 28.59
C SER A 1607 -30.29 -43.31 28.48
N MET A 1608 -31.08 -42.78 27.54
CA MET A 1608 -31.01 -41.35 27.22
C MET A 1608 -31.44 -40.52 28.41
N MET A 1609 -32.42 -41.01 29.15
CA MET A 1609 -32.83 -40.40 30.41
C MET A 1609 -31.76 -40.58 31.48
N GLU A 1610 -31.12 -41.75 31.51
CA GLU A 1610 -29.99 -41.95 32.41
C GLU A 1610 -28.79 -41.14 31.97
N LEU A 1611 -28.65 -40.93 30.66
CA LEU A 1611 -27.65 -39.99 30.14
C LEU A 1611 -27.95 -38.58 30.61
N LEU A 1612 -29.23 -38.23 30.74
CA LEU A 1612 -29.60 -36.93 31.29
C LEU A 1612 -29.26 -36.82 32.77
N LYS A 1613 -29.43 -37.91 33.53
CA LYS A 1613 -29.03 -37.86 34.93
C LYS A 1613 -27.53 -37.72 35.09
N GLN A 1614 -26.77 -38.47 34.29
CA GLN A 1614 -25.32 -38.38 34.34
C GLN A 1614 -24.85 -37.00 33.91
N LEU A 1615 -25.53 -36.43 32.90
CA LEU A 1615 -25.05 -35.20 32.30
C LEU A 1615 -25.62 -33.98 33.03
N LEU A 1616 -26.88 -34.02 33.44
CA LEU A 1616 -27.48 -32.96 34.24
C LEU A 1616 -27.97 -33.58 35.53
N PRO A 1617 -27.17 -33.54 36.60
CA PRO A 1617 -27.53 -34.21 37.84
C PRO A 1617 -28.56 -33.48 38.68
N TYR A 1618 -29.17 -32.42 38.17
CA TYR A 1618 -30.12 -31.61 38.91
C TYR A 1618 -31.55 -31.82 38.45
N VAL A 1619 -31.83 -32.96 37.83
CA VAL A 1619 -33.18 -33.31 37.39
C VAL A 1619 -33.54 -34.68 37.92
N ASN A 1620 -34.81 -35.04 37.74
CA ASN A 1620 -35.32 -36.31 38.22
C ASN A 1620 -35.40 -37.30 37.06
N GLU A 1621 -35.90 -38.50 37.35
CA GLU A 1621 -36.05 -39.52 36.32
C GLU A 1621 -37.45 -39.58 35.73
N ASP A 1622 -38.47 -39.13 36.45
CA ASP A 1622 -39.85 -39.18 35.99
C ASP A 1622 -40.35 -37.82 35.53
N VAL A 1623 -39.71 -36.74 35.98
CA VAL A 1623 -40.11 -35.39 35.57
C VAL A 1623 -39.86 -35.21 34.07
N LEU A 1624 -38.67 -35.57 33.61
CA LEU A 1624 -38.37 -35.42 32.20
C LEU A 1624 -38.91 -36.56 31.36
N ALA A 1625 -39.37 -37.65 31.98
CA ALA A 1625 -40.07 -38.69 31.26
C ALA A 1625 -41.37 -38.17 30.67
N LYS A 1626 -42.15 -37.44 31.48
CA LYS A 1626 -43.37 -36.84 30.99
C LYS A 1626 -43.10 -35.51 30.28
N LYS A 1627 -42.04 -34.80 30.68
CA LYS A 1627 -41.70 -33.53 30.03
C LYS A 1627 -41.25 -33.74 28.58
N LEU A 1628 -40.49 -34.79 28.33
CA LEU A 1628 -39.99 -35.00 26.97
C LEU A 1628 -41.04 -35.66 26.09
N GLY A 1629 -41.59 -36.79 26.53
CA GLY A 1629 -42.55 -37.53 25.75
C GLY A 1629 -41.93 -38.14 24.50
N ASP A 1630 -42.29 -37.58 23.34
CA ASP A 1630 -41.75 -38.05 22.08
C ASP A 1630 -40.28 -37.65 21.91
N ARG A 1631 -39.88 -36.55 22.56
CA ARG A 1631 -38.55 -35.98 22.37
C ARG A 1631 -37.45 -36.92 22.86
N ARG A 1632 -36.43 -37.07 22.04
CA ARG A 1632 -35.33 -37.98 22.31
C ARG A 1632 -34.15 -37.27 22.96
N GLU A 1633 -33.63 -36.23 22.34
CA GLU A 1633 -32.51 -35.46 22.88
C GLU A 1633 -32.93 -34.01 23.07
N LEU A 1634 -32.48 -33.40 24.15
CA LEU A 1634 -32.81 -32.01 24.43
C LEU A 1634 -31.85 -31.11 23.67
N LEU A 1635 -32.37 -30.37 22.71
CA LEU A 1635 -31.55 -29.44 21.96
C LEU A 1635 -31.30 -28.20 22.83
N LEU A 1636 -30.53 -27.24 22.31
CA LEU A 1636 -29.97 -26.15 23.10
C LEU A 1636 -31.05 -25.26 23.70
N SER A 1637 -32.10 -24.99 22.92
CA SER A 1637 -33.25 -24.26 23.45
C SER A 1637 -33.94 -25.06 24.54
N ASP A 1638 -34.05 -26.39 24.35
CA ASP A 1638 -34.64 -27.24 25.38
C ASP A 1638 -33.76 -27.30 26.62
N LEU A 1639 -32.44 -27.25 26.45
CA LEU A 1639 -31.55 -27.21 27.61
C LEU A 1639 -31.68 -25.90 28.36
N VAL A 1640 -31.88 -24.78 27.64
CA VAL A 1640 -32.11 -23.50 28.28
C VAL A 1640 -33.45 -23.50 29.03
N GLU A 1641 -34.48 -24.09 28.42
CA GLU A 1641 -35.77 -24.24 29.09
C GLU A 1641 -35.66 -25.10 30.33
N LEU A 1642 -34.88 -26.19 30.27
CA LEU A 1642 -34.73 -27.07 31.41
C LEU A 1642 -33.97 -26.39 32.54
N ASN A 1643 -32.95 -25.60 32.20
CA ASN A 1643 -32.23 -24.87 33.24
C ASN A 1643 -33.07 -23.74 33.81
N ALA A 1644 -33.94 -23.14 32.99
CA ALA A 1644 -34.89 -22.16 33.50
C ALA A 1644 -35.88 -22.81 34.45
N ASP A 1645 -36.32 -24.02 34.13
CA ASP A 1645 -37.20 -24.77 35.02
C ASP A 1645 -36.50 -25.13 36.32
N TRP A 1646 -35.20 -25.45 36.26
CA TRP A 1646 -34.51 -25.82 37.50
C TRP A 1646 -34.19 -24.61 38.36
N VAL A 1647 -33.87 -23.46 37.73
CA VAL A 1647 -33.65 -22.27 38.52
C VAL A 1647 -34.99 -21.71 39.02
N ALA A 1648 -36.09 -22.11 38.38
CA ALA A 1648 -37.40 -21.87 38.97
C ALA A 1648 -37.67 -22.84 40.13
N ARG A 1649 -37.26 -24.09 39.99
CA ARG A 1649 -37.45 -25.08 41.06
C ARG A 1649 -36.35 -25.03 42.10
N HIS A 1650 -35.29 -24.26 41.86
CA HIS A 1650 -34.25 -24.01 42.85
C HIS A 1650 -33.86 -22.55 42.69
N GLU A 1651 -34.48 -21.69 43.50
CA GLU A 1651 -34.47 -20.24 43.25
C GLU A 1651 -33.27 -19.53 43.86
N GLN A 1652 -32.35 -20.24 44.50
CA GLN A 1652 -31.16 -19.63 45.07
C GLN A 1652 -29.93 -20.33 44.53
N GLU A 1653 -29.01 -19.55 43.94
CA GLU A 1653 -27.88 -20.11 43.23
C GLU A 1653 -26.59 -19.45 43.73
N THR A 1654 -25.54 -20.26 43.85
CA THR A 1654 -24.25 -19.80 44.35
C THR A 1654 -23.19 -19.97 43.27
N TYR A 1655 -22.10 -19.23 43.41
CA TYR A 1655 -21.07 -19.20 42.37
C TYR A 1655 -19.73 -18.88 43.01
N ASN A 1656 -18.68 -19.43 42.42
CA ASN A 1656 -17.32 -19.30 42.95
C ASN A 1656 -16.38 -18.87 41.83
N VAL A 1657 -15.46 -17.97 42.17
CA VAL A 1657 -14.43 -17.52 41.23
C VAL A 1657 -13.42 -18.66 41.12
N MET A 1658 -13.29 -19.20 39.92
CA MET A 1658 -12.30 -20.25 39.70
C MET A 1658 -11.33 -19.80 38.61
N GLY A 1659 -10.04 -20.03 38.86
CA GLY A 1659 -9.01 -19.69 37.89
C GLY A 1659 -8.75 -18.20 37.87
N CYS A 1660 -8.06 -17.77 36.82
CA CYS A 1660 -7.87 -16.34 36.60
C CYS A 1660 -8.78 -15.82 35.49
N GLY A 1661 -10.03 -16.31 35.47
CA GLY A 1661 -11.09 -15.63 34.74
C GLY A 1661 -11.21 -14.22 35.27
N ASP A 1662 -10.72 -13.28 34.46
CA ASP A 1662 -10.08 -12.10 35.00
C ASP A 1662 -11.04 -11.07 35.58
N SER A 1663 -10.48 -10.15 36.35
CA SER A 1663 -11.21 -8.99 36.84
C SER A 1663 -10.95 -7.74 36.01
N PHE A 1664 -10.29 -7.89 34.86
CA PHE A 1664 -10.28 -6.86 33.81
C PHE A 1664 -11.67 -6.32 33.52
N ASP A 1665 -12.58 -7.20 33.10
CA ASP A 1665 -13.78 -6.76 32.40
C ASP A 1665 -14.80 -6.15 33.34
N ASN A 1666 -15.26 -6.93 34.32
CA ASN A 1666 -16.31 -6.60 35.28
C ASN A 1666 -17.64 -6.25 34.62
N TYR A 1667 -18.64 -5.89 35.42
CA TYR A 1667 -19.93 -5.35 35.00
C TYR A 1667 -20.76 -6.31 34.13
N ASN A 1668 -20.29 -6.56 32.90
CA ASN A 1668 -20.89 -7.57 32.01
C ASN A 1668 -20.92 -8.95 32.64
N ASP A 1669 -19.91 -9.27 33.44
CA ASP A 1669 -19.76 -10.56 34.06
C ASP A 1669 -19.60 -10.49 35.58
N HIS A 1670 -19.51 -9.31 36.15
CA HIS A 1670 -19.19 -9.07 37.56
C HIS A 1670 -19.90 -7.82 38.03
N HIS A 1671 -19.38 -7.23 39.12
CA HIS A 1671 -19.73 -5.93 39.71
C HIS A 1671 -21.10 -5.92 40.36
N ARG A 1672 -22.15 -6.15 39.56
CA ARG A 1672 -23.49 -6.27 40.14
C ARG A 1672 -23.57 -7.47 41.07
N LEU A 1673 -23.26 -8.66 40.54
CA LEU A 1673 -23.29 -9.94 41.26
C LEU A 1673 -24.65 -10.18 41.92
N ASN A 1674 -25.71 -9.86 41.19
CA ASN A 1674 -27.08 -9.99 41.68
C ASN A 1674 -27.88 -10.82 40.67
N LEU A 1675 -27.73 -12.15 40.78
CA LEU A 1675 -28.57 -13.16 40.11
C LEU A 1675 -28.58 -13.09 38.58
N ASP A 1676 -27.69 -12.31 37.99
CA ASP A 1676 -27.63 -12.12 36.53
C ASP A 1676 -26.61 -13.08 35.95
N GLU A 1677 -26.87 -14.36 36.16
CA GLU A 1677 -25.75 -15.29 36.23
C GLU A 1677 -26.01 -16.62 35.52
N LYS A 1678 -27.17 -16.81 34.89
CA LYS A 1678 -27.47 -18.13 34.35
C LYS A 1678 -27.93 -18.14 32.90
N GLN A 1679 -28.53 -17.06 32.42
CA GLN A 1679 -28.88 -16.96 31.01
C GLN A 1679 -28.89 -15.48 30.62
N LEU A 1680 -29.21 -15.20 29.35
CA LEU A 1680 -29.05 -13.87 28.75
C LEU A 1680 -30.19 -12.94 29.16
N LYS A 1681 -30.05 -12.33 30.33
CA LYS A 1681 -31.03 -11.36 30.80
C LYS A 1681 -30.60 -9.94 30.48
N LEU A 1703 -18.36 26.68 8.82
CA LEU A 1703 -18.21 27.49 7.63
C LEU A 1703 -17.27 28.66 7.93
N PRO A 1704 -15.97 28.45 7.77
CA PRO A 1704 -15.03 29.56 7.93
C PRO A 1704 -15.12 30.53 6.77
N ALA A 1705 -14.95 31.82 7.09
CA ALA A 1705 -15.04 32.88 6.09
C ALA A 1705 -13.88 32.78 5.10
N GLY A 1706 -12.71 32.36 5.57
CA GLY A 1706 -11.59 32.12 4.69
C GLY A 1706 -11.69 30.76 4.02
N PHE A 1707 -12.73 30.61 3.18
CA PHE A 1707 -13.08 29.47 2.34
C PHE A 1707 -13.53 28.27 3.18
N SER A 1708 -14.65 27.65 2.82
CA SER A 1708 -15.20 26.58 3.61
C SER A 1708 -15.19 25.28 2.81
N PHE A 1709 -15.57 24.21 3.50
CA PHE A 1709 -15.67 22.90 2.90
C PHE A 1709 -17.09 22.39 2.87
N ASP A 1710 -17.89 22.77 3.85
CA ASP A 1710 -19.32 22.45 3.89
C ASP A 1710 -20.17 23.67 3.57
N ARG A 1711 -19.72 24.50 2.64
CA ARG A 1711 -20.42 25.71 2.22
C ARG A 1711 -21.72 25.34 1.54
N GLN A 1712 -22.85 25.62 2.20
CA GLN A 1712 -24.16 25.16 1.73
C GLN A 1712 -25.03 26.36 1.38
N PRO A 1713 -25.14 26.69 0.09
CA PRO A 1713 -26.09 27.73 -0.30
C PRO A 1713 -27.50 27.17 -0.37
N ASP A 1714 -28.47 28.07 -0.58
CA ASP A 1714 -29.86 27.66 -0.68
C ASP A 1714 -30.08 26.83 -1.94
N LEU A 1715 -31.08 25.96 -1.91
CA LEU A 1715 -31.43 25.16 -3.08
C LEU A 1715 -32.80 25.52 -3.63
N VAL A 1716 -33.50 26.47 -3.03
CA VAL A 1716 -34.84 26.87 -3.46
C VAL A 1716 -34.71 28.24 -4.10
N GLY A 1717 -34.92 28.31 -5.42
CA GLY A 1717 -34.71 29.53 -6.16
C GLY A 1717 -33.29 29.77 -6.61
N HIS A 1718 -32.37 28.89 -6.27
CA HIS A 1718 -31.00 29.01 -6.72
C HIS A 1718 -30.90 28.55 -8.17
N PRO A 1719 -30.41 29.39 -9.08
CA PRO A 1719 -30.31 28.99 -10.49
C PRO A 1719 -29.34 27.85 -10.74
N GLY A 1720 -28.36 27.65 -9.85
CA GLY A 1720 -27.48 26.51 -9.93
C GLY A 1720 -26.10 26.86 -10.43
N PRO A 1721 -25.39 25.86 -10.93
CA PRO A 1721 -24.07 26.12 -11.54
C PRO A 1721 -24.22 26.79 -12.89
N SER A 1722 -23.35 27.75 -13.13
CA SER A 1722 -23.34 28.45 -14.41
C SER A 1722 -22.96 27.49 -15.53
N PRO A 1723 -23.50 27.69 -16.74
CA PRO A 1723 -23.05 26.88 -17.88
C PRO A 1723 -21.62 27.19 -18.29
N SER A 1724 -21.03 28.26 -17.80
CA SER A 1724 -19.60 28.45 -17.96
C SER A 1724 -18.83 27.30 -17.32
N ILE A 1725 -19.13 27.02 -16.05
CA ILE A 1725 -18.37 26.02 -15.31
C ILE A 1725 -18.79 24.60 -15.69
N ILE A 1726 -20.06 24.39 -16.03
CA ILE A 1726 -20.49 23.10 -16.55
C ILE A 1726 -19.85 22.84 -17.91
N LEU A 1727 -19.69 23.90 -18.72
CA LEU A 1727 -18.92 23.79 -19.96
C LEU A 1727 -17.47 23.48 -19.68
N GLN A 1728 -16.91 24.10 -18.64
CA GLN A 1728 -15.52 23.84 -18.27
C GLN A 1728 -15.33 22.38 -17.89
N ALA A 1729 -16.28 21.82 -17.15
CA ALA A 1729 -16.19 20.42 -16.78
C ALA A 1729 -16.48 19.51 -17.96
N LEU A 1730 -17.24 20.00 -18.94
CA LEU A 1730 -17.51 19.19 -20.13
C LEU A 1730 -16.28 19.07 -21.01
N THR A 1731 -15.57 20.16 -21.27
CA THR A 1731 -14.50 20.13 -22.25
C THR A 1731 -13.21 19.63 -21.59
N MET A 1732 -12.50 18.75 -22.28
CA MET A 1732 -11.37 18.10 -21.67
C MET A 1732 -10.13 18.96 -21.75
N SER A 1733 -8.99 18.32 -21.53
CA SER A 1733 -7.69 18.91 -21.82
C SER A 1733 -7.22 18.60 -23.22
N ASN A 1734 -7.73 17.53 -23.84
CA ASN A 1734 -7.46 17.17 -25.22
C ASN A 1734 -7.89 18.26 -26.19
N ALA A 1735 -8.87 19.08 -25.85
CA ALA A 1735 -9.36 20.12 -26.73
C ALA A 1735 -8.45 21.34 -26.76
N ASN A 1736 -7.34 21.33 -26.02
CA ASN A 1736 -6.29 22.36 -26.01
C ASN A 1736 -6.81 23.74 -25.60
N ASP A 1737 -8.03 23.81 -25.07
CA ASP A 1737 -8.60 25.09 -24.75
C ASP A 1737 -8.13 25.52 -23.38
N GLY A 1738 -8.39 26.77 -23.05
CA GLY A 1738 -7.89 27.26 -21.79
C GLY A 1738 -8.70 26.90 -20.58
N ILE A 1739 -9.82 26.19 -20.74
CA ILE A 1739 -10.60 25.69 -19.63
C ILE A 1739 -10.57 24.18 -19.63
N ASN A 1740 -10.42 23.60 -18.44
CA ASN A 1740 -10.17 22.19 -18.30
C ASN A 1740 -11.00 21.59 -17.18
N LEU A 1741 -11.30 20.31 -17.32
CA LEU A 1741 -12.04 19.56 -16.32
C LEU A 1741 -11.21 19.19 -15.10
N GLU A 1742 -9.89 19.23 -15.20
CA GLU A 1742 -9.04 18.36 -14.40
C GLU A 1742 -9.04 18.73 -12.92
N ARG A 1743 -9.03 20.03 -12.62
CA ARG A 1743 -9.09 20.46 -11.23
C ARG A 1743 -10.45 20.13 -10.61
N LEU A 1744 -11.52 20.41 -11.37
CA LEU A 1744 -12.85 19.99 -10.96
C LEU A 1744 -12.97 18.47 -10.93
N GLU A 1745 -12.23 17.77 -11.79
CA GLU A 1745 -12.25 16.31 -11.73
C GLU A 1745 -11.63 15.78 -10.46
N THR A 1746 -10.55 16.41 -9.98
CA THR A 1746 -9.93 15.98 -8.74
C THR A 1746 -10.85 16.23 -7.55
N ILE A 1747 -11.44 17.43 -7.46
CA ILE A 1747 -12.35 17.70 -6.34
C ILE A 1747 -13.60 16.83 -6.43
N GLY A 1748 -13.98 16.43 -7.64
CA GLY A 1748 -15.17 15.60 -7.79
C GLY A 1748 -14.95 14.17 -7.40
N ASP A 1749 -13.82 13.57 -7.81
CA ASP A 1749 -13.53 12.21 -7.38
C ASP A 1749 -13.35 12.12 -5.87
N SER A 1750 -12.75 13.16 -5.29
CA SER A 1750 -12.57 13.15 -3.85
C SER A 1750 -13.89 13.30 -3.09
N PHE A 1751 -14.83 14.11 -3.60
CA PHE A 1751 -16.12 14.16 -2.92
C PHE A 1751 -16.93 12.89 -3.14
N LEU A 1752 -16.74 12.23 -4.28
CA LEU A 1752 -17.42 10.96 -4.52
C LEU A 1752 -17.01 9.93 -3.47
N LYS A 1753 -15.70 9.83 -3.22
CA LYS A 1753 -15.21 8.97 -2.15
C LYS A 1753 -15.73 9.40 -0.78
N TYR A 1754 -15.74 10.71 -0.50
CA TYR A 1754 -16.09 11.18 0.85
C TYR A 1754 -17.54 10.88 1.20
N ALA A 1755 -18.46 11.24 0.31
CA ALA A 1755 -19.86 11.10 0.65
C ALA A 1755 -20.29 9.64 0.61
N ILE A 1756 -19.69 8.84 -0.28
CA ILE A 1756 -19.99 7.41 -0.29
C ILE A 1756 -19.47 6.74 0.98
N THR A 1757 -18.33 7.21 1.51
CA THR A 1757 -17.84 6.73 2.80
C THR A 1757 -18.78 7.07 3.95
N THR A 1758 -19.19 8.34 4.08
CA THR A 1758 -20.00 8.73 5.23
C THR A 1758 -21.38 8.06 5.23
N TYR A 1759 -22.01 7.97 4.05
CA TYR A 1759 -23.28 7.26 4.01
C TYR A 1759 -23.10 5.75 4.17
N LEU A 1760 -22.01 5.18 3.65
CA LEU A 1760 -21.76 3.76 3.83
C LEU A 1760 -21.54 3.41 5.30
N TYR A 1761 -20.91 4.32 6.05
CA TYR A 1761 -20.72 4.11 7.47
C TYR A 1761 -22.06 4.15 8.20
N ILE A 1762 -22.85 5.20 7.96
CA ILE A 1762 -24.07 5.40 8.74
C ILE A 1762 -25.12 4.33 8.41
N THR A 1763 -25.07 3.78 7.20
CA THR A 1763 -26.00 2.70 6.86
C THR A 1763 -25.68 1.42 7.62
N TYR A 1764 -24.53 0.83 7.35
CA TYR A 1764 -24.22 -0.52 7.83
C TYR A 1764 -23.40 -0.43 9.11
N GLU A 1765 -24.10 -0.19 10.23
CA GLU A 1765 -23.44 0.22 11.47
C GLU A 1765 -22.65 -0.90 12.12
N ASN A 1766 -23.12 -2.14 12.03
CA ASN A 1766 -22.40 -3.24 12.66
C ASN A 1766 -21.35 -3.86 11.76
N VAL A 1767 -21.32 -3.50 10.49
CA VAL A 1767 -20.45 -4.14 9.50
C VAL A 1767 -19.07 -3.52 9.60
N HIS A 1768 -18.04 -4.36 9.74
CA HIS A 1768 -16.68 -3.84 9.87
C HIS A 1768 -16.15 -3.34 8.52
N GLU A 1769 -15.05 -2.59 8.59
CA GLU A 1769 -14.70 -1.64 7.55
C GLU A 1769 -14.25 -2.28 6.24
N GLY A 1770 -13.85 -3.55 6.26
CA GLY A 1770 -13.36 -4.17 5.04
C GLY A 1770 -14.46 -4.32 4.00
N LYS A 1771 -15.63 -4.74 4.44
CA LYS A 1771 -16.76 -4.87 3.54
C LYS A 1771 -17.27 -3.51 3.07
N LEU A 1772 -17.20 -2.49 3.93
CA LEU A 1772 -17.58 -1.14 3.51
C LEU A 1772 -16.62 -0.57 2.48
N SER A 1773 -15.33 -0.85 2.63
CA SER A 1773 -14.38 -0.44 1.61
C SER A 1773 -14.60 -1.19 0.31
N HIS A 1774 -15.03 -2.45 0.38
CA HIS A 1774 -15.34 -3.15 -0.86
C HIS A 1774 -16.58 -2.57 -1.53
N LEU A 1775 -17.55 -2.11 -0.73
CA LEU A 1775 -18.71 -1.44 -1.31
C LEU A 1775 -18.34 -0.10 -1.93
N ARG A 1776 -17.47 0.69 -1.27
CA ARG A 1776 -17.05 1.96 -1.85
C ARG A 1776 -16.21 1.75 -3.11
N SER A 1777 -15.38 0.70 -3.15
CA SER A 1777 -14.67 0.39 -4.37
C SER A 1777 -15.58 -0.20 -5.44
N LYS A 1778 -16.75 -0.71 -5.04
CA LYS A 1778 -17.77 -1.01 -6.05
C LYS A 1778 -18.49 0.25 -6.50
N GLN A 1779 -18.42 1.32 -5.70
CA GLN A 1779 -19.10 2.58 -6.01
C GLN A 1779 -18.28 3.50 -6.91
N VAL A 1780 -17.05 3.82 -6.51
CA VAL A 1780 -16.30 4.96 -7.03
C VAL A 1780 -15.49 4.58 -8.28
N ALA A 1781 -15.31 3.28 -8.54
CA ALA A 1781 -14.51 2.82 -9.66
C ALA A 1781 -15.11 3.26 -11.00
N ASN A 1782 -14.24 3.68 -11.90
CA ASN A 1782 -14.63 4.47 -13.07
C ASN A 1782 -15.43 3.69 -14.10
N LEU A 1783 -15.51 2.36 -13.97
CA LEU A 1783 -16.45 1.60 -14.80
C LEU A 1783 -17.89 1.99 -14.48
N ASN A 1784 -18.21 2.15 -13.19
CA ASN A 1784 -19.56 2.52 -12.80
C ASN A 1784 -19.86 3.97 -13.14
N LEU A 1785 -18.86 4.85 -13.01
CA LEU A 1785 -19.04 6.24 -13.41
C LEU A 1785 -19.20 6.36 -14.91
N TYR A 1786 -18.50 5.51 -15.67
CA TYR A 1786 -18.71 5.45 -17.11
C TYR A 1786 -20.10 4.96 -17.45
N ARG A 1787 -20.63 3.99 -16.68
CA ARG A 1787 -21.99 3.52 -16.91
C ARG A 1787 -23.01 4.62 -16.65
N LEU A 1788 -22.80 5.41 -15.59
CA LEU A 1788 -23.72 6.51 -15.33
C LEU A 1788 -23.56 7.62 -16.37
N GLY A 1789 -22.35 7.79 -16.89
CA GLY A 1789 -22.14 8.76 -17.95
C GLY A 1789 -22.83 8.40 -19.25
N ARG A 1790 -22.72 7.14 -19.68
CA ARG A 1790 -23.41 6.72 -20.90
C ARG A 1790 -24.91 6.69 -20.68
N ARG A 1791 -25.37 6.45 -19.45
CA ARG A 1791 -26.80 6.49 -19.17
C ARG A 1791 -27.33 7.91 -19.28
N LYS A 1792 -26.61 8.88 -18.74
CA LYS A 1792 -27.01 10.27 -18.98
C LYS A 1792 -26.59 10.79 -20.34
N ARG A 1793 -25.79 10.02 -21.08
CA ARG A 1793 -25.23 10.39 -22.38
C ARG A 1793 -24.48 11.72 -22.31
N LEU A 1794 -23.38 11.71 -21.56
CA LEU A 1794 -22.49 12.85 -21.49
C LEU A 1794 -21.43 12.83 -22.58
N GLY A 1795 -21.30 11.73 -23.31
CA GLY A 1795 -20.40 11.72 -24.45
C GLY A 1795 -20.85 12.65 -25.56
N GLU A 1796 -22.15 12.84 -25.68
CA GLU A 1796 -22.69 13.74 -26.69
C GLU A 1796 -22.83 15.17 -26.20
N TYR A 1797 -22.25 15.52 -25.05
CA TYR A 1797 -22.26 16.89 -24.58
C TYR A 1797 -20.87 17.49 -24.41
N MET A 1798 -19.81 16.75 -24.70
CA MET A 1798 -18.46 17.20 -24.44
C MET A 1798 -17.74 17.64 -25.70
N ILE A 1799 -16.54 18.20 -25.48
CA ILE A 1799 -15.68 18.71 -26.52
C ILE A 1799 -14.41 17.87 -26.49
N ALA A 1800 -14.04 17.30 -27.63
CA ALA A 1800 -12.93 16.35 -27.66
C ALA A 1800 -11.77 16.75 -28.54
N THR A 1801 -11.95 17.68 -29.46
CA THR A 1801 -10.85 18.17 -30.28
C THR A 1801 -10.84 19.69 -30.23
N LYS A 1802 -9.69 20.27 -30.53
CA LYS A 1802 -9.59 21.72 -30.64
C LYS A 1802 -10.41 22.19 -31.84
N PHE A 1803 -11.11 23.31 -31.65
CA PHE A 1803 -11.99 23.84 -32.67
C PHE A 1803 -11.19 24.36 -33.85
N GLU A 1804 -11.37 23.76 -35.01
CA GLU A 1804 -10.73 24.23 -36.24
C GLU A 1804 -11.80 24.40 -37.31
N PRO A 1805 -12.05 25.64 -37.76
CA PRO A 1805 -13.24 25.91 -38.58
C PRO A 1805 -13.27 25.23 -39.93
N HIS A 1806 -12.17 24.74 -40.45
CA HIS A 1806 -12.22 24.08 -41.74
C HIS A 1806 -12.50 22.60 -41.65
N ASP A 1807 -12.44 22.00 -40.47
CA ASP A 1807 -12.43 20.54 -40.49
C ASP A 1807 -13.46 19.89 -39.59
N ASN A 1808 -13.79 20.50 -38.46
CA ASN A 1808 -14.55 19.84 -37.39
C ASN A 1808 -15.75 20.66 -36.94
N TRP A 1809 -16.33 21.45 -37.85
CA TRP A 1809 -17.37 22.38 -37.42
C TRP A 1809 -18.33 22.60 -38.58
N LEU A 1810 -19.57 22.13 -38.42
CA LEU A 1810 -20.57 22.27 -39.46
C LEU A 1810 -21.27 23.62 -39.34
N PRO A 1811 -21.19 24.47 -40.36
CA PRO A 1811 -21.86 25.77 -40.32
C PRO A 1811 -23.37 25.61 -40.47
N PRO A 1812 -24.15 26.67 -40.29
CA PRO A 1812 -25.61 26.58 -40.49
C PRO A 1812 -26.01 26.10 -41.88
N CYS A 1813 -27.02 25.23 -41.89
CA CYS A 1813 -27.68 24.73 -43.09
C CYS A 1813 -26.73 23.95 -43.99
N TYR A 1814 -26.08 22.94 -43.40
CA TYR A 1814 -25.36 21.94 -44.17
C TYR A 1814 -25.55 20.59 -43.50
N TYR A 1815 -25.05 19.54 -44.14
CA TYR A 1815 -25.13 18.19 -43.61
C TYR A 1815 -23.97 17.37 -44.15
N VAL A 1816 -23.49 16.45 -43.31
CA VAL A 1816 -22.45 15.51 -43.71
C VAL A 1816 -23.00 14.08 -43.58
N PRO A 1817 -23.02 13.30 -44.67
CA PRO A 1817 -23.42 11.90 -44.57
C PRO A 1817 -22.38 11.07 -43.83
N LYS A 1818 -22.85 10.01 -43.17
CA LYS A 1818 -22.00 9.25 -42.27
C LYS A 1818 -21.38 8.03 -42.95
N GLU A 1819 -22.01 7.52 -44.02
CA GLU A 1819 -21.66 6.19 -44.48
C GLU A 1819 -20.61 6.19 -45.58
N LEU A 1820 -20.36 7.35 -46.20
CA LEU A 1820 -19.40 7.41 -47.30
C LEU A 1820 -17.96 7.25 -46.83
N GLU A 1821 -17.71 7.36 -45.51
CA GLU A 1821 -16.40 7.02 -44.98
C GLU A 1821 -16.12 5.51 -45.09
N LYS A 1822 -17.17 4.70 -45.20
CA LYS A 1822 -16.96 3.31 -45.61
C LYS A 1822 -16.76 3.20 -47.11
N ALA A 1823 -17.31 4.14 -47.87
CA ALA A 1823 -17.05 4.24 -49.29
C ALA A 1823 -15.78 5.02 -49.60
N LEU A 1824 -15.21 5.70 -48.61
CA LEU A 1824 -14.00 6.48 -48.84
C LEU A 1824 -12.76 5.60 -48.70
N ILE A 1825 -12.82 4.59 -47.83
CA ILE A 1825 -11.70 3.67 -47.67
C ILE A 1825 -11.60 2.77 -48.92
N GLU A 1826 -10.61 3.08 -49.77
CA GLU A 1826 -10.40 2.49 -51.09
C GLU A 1826 -11.68 2.50 -51.93
N ALA A 1827 -12.21 1.30 -52.20
CA ALA A 1827 -13.45 1.02 -52.92
C ALA A 1827 -13.67 1.84 -54.19
N LYS A 1828 -14.08 3.10 -54.03
CA LYS A 1828 -14.48 3.94 -55.16
C LYS A 1828 -13.29 4.78 -55.62
N ILE A 1829 -12.20 4.10 -55.98
CA ILE A 1829 -11.05 4.82 -56.55
C ILE A 1829 -10.31 4.00 -57.61
N PRO A 1830 -10.91 3.70 -58.80
CA PRO A 1830 -10.07 3.65 -60.00
C PRO A 1830 -9.64 5.06 -60.40
N THR A 1831 -10.63 5.93 -60.61
CA THR A 1831 -10.48 7.38 -60.71
C THR A 1831 -11.68 7.99 -59.99
N HIS A 1832 -11.91 9.29 -60.19
CA HIS A 1832 -13.00 10.01 -59.53
C HIS A 1832 -14.39 9.54 -59.93
N HIS A 1833 -14.74 9.78 -61.21
CA HIS A 1833 -15.98 9.41 -61.89
C HIS A 1833 -17.26 10.09 -61.39
N TRP A 1834 -17.21 10.82 -60.27
CA TRP A 1834 -18.46 11.32 -59.71
C TRP A 1834 -18.49 12.83 -59.45
N LYS A 1835 -17.42 13.38 -58.83
CA LYS A 1835 -17.26 14.81 -58.52
C LYS A 1835 -18.50 15.41 -57.82
N LEU A 1836 -18.90 14.79 -56.71
CA LEU A 1836 -20.21 14.97 -56.06
C LEU A 1836 -21.28 14.70 -57.11
N ALA A 1837 -22.16 15.65 -57.44
CA ALA A 1837 -23.05 15.64 -58.60
C ALA A 1837 -24.04 14.48 -58.64
N ASP A 1838 -23.52 13.25 -58.78
CA ASP A 1838 -24.38 12.08 -58.89
C ASP A 1838 -25.09 11.78 -57.58
N LEU A 1839 -24.39 11.89 -56.44
CA LEU A 1839 -25.03 11.81 -55.13
C LEU A 1839 -25.45 13.20 -54.70
N LEU A 1840 -26.64 13.61 -55.16
CA LEU A 1840 -27.13 14.95 -54.85
C LEU A 1840 -27.53 15.05 -53.38
N ASP A 1841 -28.17 14.02 -52.84
CA ASP A 1841 -28.60 14.03 -51.46
C ASP A 1841 -28.50 12.62 -50.89
N ILE A 1842 -28.07 12.53 -49.63
CA ILE A 1842 -27.97 11.28 -48.92
C ILE A 1842 -28.97 11.22 -47.77
N LYS A 1843 -29.16 12.34 -47.07
CA LYS A 1843 -30.12 12.41 -45.97
C LYS A 1843 -31.55 12.24 -46.46
N ASN A 1844 -31.86 12.78 -47.64
CA ASN A 1844 -33.22 12.68 -48.17
C ASN A 1844 -33.51 11.27 -48.66
N LEU A 1845 -32.50 10.57 -49.14
CA LEU A 1845 -32.68 9.17 -49.52
C LEU A 1845 -32.72 8.28 -48.28
N SER A 1846 -33.35 7.11 -48.45
CA SER A 1846 -33.40 6.13 -47.38
C SER A 1846 -32.09 5.33 -47.33
N SER A 1847 -31.94 4.56 -46.25
CA SER A 1847 -30.68 3.87 -45.99
C SER A 1847 -30.43 2.75 -46.99
N VAL A 1848 -31.49 2.19 -47.57
CA VAL A 1848 -31.34 1.23 -48.66
C VAL A 1848 -30.71 1.91 -49.87
N GLN A 1849 -31.19 3.13 -50.18
CA GLN A 1849 -30.58 3.93 -51.25
C GLN A 1849 -29.18 4.35 -50.87
N ILE A 1850 -28.92 4.59 -49.58
CA ILE A 1850 -27.58 4.95 -49.12
C ILE A 1850 -26.59 3.82 -49.38
N CYS A 1851 -26.97 2.61 -48.99
CA CYS A 1851 -26.11 1.44 -49.20
C CYS A 1851 -25.99 1.10 -50.68
N GLU A 1852 -27.06 1.32 -51.45
CA GLU A 1852 -27.00 1.15 -52.90
C GLU A 1852 -25.99 2.09 -53.53
N MET A 1853 -26.09 3.40 -53.23
CA MET A 1853 -25.25 4.39 -53.90
C MET A 1853 -23.80 4.30 -53.39
N VAL A 1854 -23.61 3.72 -52.19
CA VAL A 1854 -22.27 3.36 -51.74
C VAL A 1854 -21.71 2.19 -52.55
N ARG A 1855 -22.51 1.14 -52.76
CA ARG A 1855 -22.02 -0.06 -53.44
C ARG A 1855 -22.15 -0.01 -54.95
N GLU A 1856 -22.54 1.14 -55.52
CA GLU A 1856 -22.50 1.32 -56.97
C GLU A 1856 -21.12 1.68 -57.50
N LYS A 1857 -20.13 1.85 -56.62
CA LYS A 1857 -18.83 2.28 -57.07
C LYS A 1857 -17.73 1.79 -56.14
N PRO A 1889 -12.46 6.28 -38.97
CA PRO A 1889 -13.64 5.43 -38.86
C PRO A 1889 -14.78 6.13 -38.14
N TYR A 1890 -14.84 7.45 -38.28
CA TYR A 1890 -15.82 8.28 -37.59
C TYR A 1890 -15.87 9.63 -38.28
N ASN A 1891 -17.04 10.26 -38.25
CA ASN A 1891 -17.17 11.62 -38.76
C ASN A 1891 -16.43 12.58 -37.84
N LEU A 1892 -15.84 13.61 -38.42
CA LEU A 1892 -15.18 14.65 -37.61
C LEU A 1892 -15.94 15.96 -37.64
N VAL A 1893 -16.78 16.18 -38.66
CA VAL A 1893 -17.50 17.43 -38.77
C VAL A 1893 -18.57 17.53 -37.69
N SER A 1894 -19.26 16.43 -37.40
CA SER A 1894 -20.30 16.44 -36.39
C SER A 1894 -20.15 15.34 -35.34
N GLN A 1895 -19.06 14.59 -35.35
CA GLN A 1895 -18.82 13.60 -34.30
C GLN A 1895 -17.40 13.75 -33.78
N HIS A 1896 -17.17 13.27 -32.56
CA HIS A 1896 -15.86 13.34 -31.94
C HIS A 1896 -15.69 12.22 -30.94
N SER A 1897 -14.48 11.66 -30.90
CA SER A 1897 -14.20 10.42 -30.19
C SER A 1897 -13.72 10.73 -28.78
N ILE A 1898 -14.39 10.16 -27.79
CA ILE A 1898 -14.07 10.40 -26.38
C ILE A 1898 -13.81 9.06 -25.70
N PRO A 1899 -12.74 8.93 -24.92
CA PRO A 1899 -12.52 7.69 -24.19
C PRO A 1899 -13.40 7.60 -22.95
N ASP A 1900 -13.59 6.36 -22.50
CA ASP A 1900 -14.55 6.06 -21.44
C ASP A 1900 -14.13 6.64 -20.09
N LYS A 1901 -12.83 6.55 -19.78
CA LYS A 1901 -12.34 7.12 -18.53
C LYS A 1901 -12.47 8.63 -18.52
N SER A 1902 -12.43 9.27 -19.69
CA SER A 1902 -12.69 10.69 -19.76
C SER A 1902 -14.15 11.00 -19.46
N ILE A 1903 -15.06 10.09 -19.82
CA ILE A 1903 -16.46 10.28 -19.49
C ILE A 1903 -16.65 10.16 -17.98
N ALA A 1904 -15.93 9.22 -17.36
CA ALA A 1904 -15.92 9.13 -15.90
C ALA A 1904 -15.32 10.38 -15.27
N ASP A 1905 -14.28 10.91 -15.89
CA ASP A 1905 -13.67 12.16 -15.46
C ASP A 1905 -14.68 13.30 -15.54
N CYS A 1906 -15.52 13.29 -16.56
CA CYS A 1906 -16.52 14.35 -16.68
C CYS A 1906 -17.63 14.20 -15.67
N VAL A 1907 -18.01 12.96 -15.35
CA VAL A 1907 -19.02 12.74 -14.31
C VAL A 1907 -18.51 13.25 -12.98
N GLU A 1908 -17.26 12.90 -12.65
CA GLU A 1908 -16.63 13.38 -11.43
C GLU A 1908 -16.49 14.89 -11.44
N ALA A 1909 -16.07 15.47 -12.57
CA ALA A 1909 -15.88 16.90 -12.66
C ALA A 1909 -17.20 17.64 -12.59
N LEU A 1910 -18.27 17.03 -13.10
CA LEU A 1910 -19.59 17.63 -12.98
C LEU A 1910 -20.05 17.62 -11.53
N ILE A 1911 -19.73 16.55 -10.80
CA ILE A 1911 -20.00 16.52 -9.36
C ILE A 1911 -19.22 17.62 -8.67
N GLY A 1912 -17.99 17.84 -9.12
CA GLY A 1912 -17.20 18.94 -8.59
C GLY A 1912 -17.78 20.31 -8.92
N ALA A 1913 -18.35 20.44 -10.12
CA ALA A 1913 -18.95 21.71 -10.53
C ALA A 1913 -20.18 22.03 -9.70
N TYR A 1914 -21.03 21.01 -9.52
CA TYR A 1914 -22.19 21.16 -8.66
C TYR A 1914 -21.78 21.41 -7.22
N LEU A 1915 -20.65 20.84 -6.81
CA LEU A 1915 -20.12 21.09 -5.48
C LEU A 1915 -19.76 22.56 -5.29
N ILE A 1916 -18.93 23.10 -6.21
CA ILE A 1916 -18.43 24.48 -6.14
C ILE A 1916 -19.58 25.47 -6.10
N GLU A 1917 -20.58 25.29 -6.95
CA GLU A 1917 -21.68 26.25 -6.86
C GLU A 1917 -22.69 25.92 -5.79
N CYS A 1918 -23.37 24.78 -5.86
CA CYS A 1918 -24.51 24.58 -4.98
C CYS A 1918 -24.21 23.55 -3.89
N GLY A 1919 -23.02 23.61 -3.30
CA GLY A 1919 -22.82 22.97 -2.01
C GLY A 1919 -22.67 21.46 -2.05
N PRO A 1920 -22.21 20.89 -0.94
CA PRO A 1920 -22.15 19.43 -0.83
C PRO A 1920 -23.52 18.77 -0.93
N ARG A 1921 -24.59 19.41 -0.44
CA ARG A 1921 -25.92 18.85 -0.59
C ARG A 1921 -26.32 18.77 -2.05
N GLY A 1922 -26.00 19.81 -2.81
CA GLY A 1922 -26.24 19.76 -4.25
C GLY A 1922 -25.41 18.70 -4.93
N ALA A 1923 -24.19 18.47 -4.43
CA ALA A 1923 -23.39 17.39 -4.99
C ALA A 1923 -23.98 16.03 -4.68
N LEU A 1924 -24.55 15.86 -3.49
CA LEU A 1924 -25.22 14.61 -3.13
C LEU A 1924 -26.46 14.36 -3.97
N LEU A 1925 -27.26 15.41 -4.18
CA LEU A 1925 -28.44 15.28 -5.04
C LEU A 1925 -28.02 14.98 -6.48
N PHE A 1926 -26.95 15.61 -6.95
CA PHE A 1926 -26.44 15.33 -8.29
C PHE A 1926 -25.85 13.93 -8.38
N MET A 1927 -25.31 13.43 -7.26
CA MET A 1927 -24.86 12.06 -7.21
C MET A 1927 -26.03 11.11 -7.31
N ALA A 1928 -27.15 11.47 -6.69
CA ALA A 1928 -28.38 10.71 -6.89
C ALA A 1928 -28.85 10.80 -8.34
N TRP A 1929 -28.66 11.97 -8.96
CA TRP A 1929 -29.05 12.18 -10.35
C TRP A 1929 -28.29 11.23 -11.28
N LEU A 1930 -27.00 11.01 -11.00
CA LEU A 1930 -26.22 10.13 -11.87
C LEU A 1930 -26.69 8.68 -11.81
N GLY A 1931 -26.97 8.16 -10.63
CA GLY A 1931 -27.43 6.78 -10.57
C GLY A 1931 -26.94 5.95 -9.41
N VAL A 1932 -25.79 6.29 -8.83
CA VAL A 1932 -25.38 5.71 -7.55
C VAL A 1932 -26.10 6.46 -6.44
N ARG A 1933 -26.79 5.72 -5.59
CA ARG A 1933 -27.56 6.36 -4.54
C ARG A 1933 -26.59 6.73 -3.43
N VAL A 1934 -26.83 7.88 -2.79
CA VAL A 1934 -26.12 8.25 -1.58
C VAL A 1934 -27.07 8.75 -0.50
N LEU A 1935 -28.34 8.95 -0.82
CA LEU A 1935 -29.28 9.50 0.13
C LEU A 1935 -30.48 8.58 0.28
N PRO A 1936 -31.14 8.56 1.44
CA PRO A 1936 -32.28 7.67 1.60
C PRO A 1936 -33.52 8.18 0.88
N ILE A 1937 -34.12 7.30 0.08
CA ILE A 1937 -35.39 7.59 -0.59
C ILE A 1937 -36.50 7.53 0.46
N THR A 1938 -37.42 8.49 0.42
CA THR A 1938 -38.64 8.40 1.21
C THR A 1938 -39.81 8.45 0.24
N ARG A 1939 -40.14 7.28 -0.33
CA ARG A 1939 -41.10 7.20 -1.43
C ARG A 1939 -42.49 7.50 -0.92
N GLN A 1940 -42.91 8.76 -1.05
CA GLN A 1940 -44.15 9.19 -0.42
C GLN A 1940 -45.16 9.56 -1.50
N LEU A 1941 -46.43 9.56 -1.10
CA LEU A 1941 -47.51 9.88 -2.00
C LEU A 1941 -47.53 11.38 -2.29
N ASP A 1942 -48.51 11.80 -3.09
CA ASP A 1942 -48.38 13.05 -3.83
C ASP A 1942 -48.56 14.24 -2.91
N GLY A 1943 -47.68 15.24 -3.08
CA GLY A 1943 -47.59 16.34 -2.15
C GLY A 1943 -48.42 17.55 -2.51
N GLY A 1944 -49.66 17.34 -2.95
CA GLY A 1944 -50.58 18.43 -3.16
C GLY A 1944 -50.34 19.23 -4.43
N ASN A 1945 -49.25 20.00 -4.45
CA ASN A 1945 -48.87 20.80 -5.61
C ASN A 1945 -47.66 20.13 -6.26
N GLN A 1946 -47.93 19.42 -7.36
CA GLN A 1946 -46.87 18.71 -8.08
C GLN A 1946 -45.95 19.66 -8.81
N GLU A 1947 -46.45 20.84 -9.19
CA GLU A 1947 -45.66 21.79 -9.97
C GLU A 1947 -44.51 22.33 -9.14
N GLN A 1948 -44.71 22.47 -7.83
CA GLN A 1948 -43.58 22.69 -6.95
C GLN A 1948 -42.82 21.38 -6.81
N ARG A 1949 -41.52 21.44 -7.00
CA ARG A 1949 -40.61 20.36 -6.64
C ARG A 1949 -39.73 20.90 -5.54
N ILE A 1950 -39.89 20.35 -4.34
CA ILE A 1950 -38.93 20.62 -3.27
C ILE A 1950 -37.60 19.94 -3.65
N PRO A 1951 -36.42 20.61 -3.43
CA PRO A 1951 -35.15 20.10 -3.98
C PRO A 1951 -34.78 18.70 -3.58
N GLY A 1952 -34.80 17.82 -4.58
CA GLY A 1952 -34.61 16.40 -4.39
C GLY A 1952 -35.76 15.56 -4.90
N SER A 1953 -36.96 16.11 -4.96
CA SER A 1953 -38.16 15.35 -5.26
C SER A 1953 -38.28 15.14 -6.76
N THR A 1954 -38.24 13.89 -7.21
CA THR A 1954 -38.28 13.60 -8.64
C THR A 1954 -39.67 13.84 -9.20
N LYS A 1955 -39.84 13.45 -10.46
CA LYS A 1955 -41.13 13.58 -11.10
C LYS A 1955 -42.11 12.55 -10.55
N PRO A 1956 -43.35 12.95 -10.26
CA PRO A 1956 -44.37 11.96 -9.90
C PRO A 1956 -44.64 11.01 -11.05
N ASN A 1957 -44.83 9.74 -10.70
CA ASN A 1957 -45.02 8.68 -11.70
C ASN A 1957 -46.44 8.64 -12.23
N ALA A 1958 -46.80 7.54 -12.89
CA ALA A 1958 -48.16 7.37 -13.42
C ALA A 1958 -49.19 7.33 -12.30
N GLU A 1959 -48.80 6.95 -11.09
CA GLU A 1959 -49.69 6.93 -9.94
C GLU A 1959 -49.36 8.02 -8.91
N ASN A 1960 -48.62 9.07 -9.34
CA ASN A 1960 -48.40 10.31 -8.57
C ASN A 1960 -47.69 10.05 -7.24
N VAL A 1961 -46.46 9.56 -7.33
CA VAL A 1961 -45.64 9.26 -6.16
C VAL A 1961 -44.33 10.03 -6.31
N VAL A 1962 -44.00 10.84 -5.32
CA VAL A 1962 -42.71 11.52 -5.32
C VAL A 1962 -41.75 10.68 -4.50
N THR A 1963 -40.47 10.77 -4.82
CA THR A 1963 -39.47 9.90 -4.21
C THR A 1963 -38.42 10.80 -3.58
N VAL A 1964 -38.88 11.71 -2.71
CA VAL A 1964 -38.05 12.74 -2.11
C VAL A 1964 -36.81 12.17 -1.42
N TYR A 1965 -35.67 12.80 -1.68
CA TYR A 1965 -34.39 12.40 -1.10
C TYR A 1965 -34.22 13.11 0.23
N GLY A 1966 -33.96 12.32 1.29
CA GLY A 1966 -33.78 12.85 2.61
C GLY A 1966 -32.31 12.93 3.02
N ALA A 1967 -32.08 13.52 4.18
CA ALA A 1967 -30.73 13.87 4.60
C ALA A 1967 -29.98 12.64 5.11
N TRP A 1968 -28.77 12.88 5.61
CA TRP A 1968 -28.02 11.90 6.38
C TRP A 1968 -28.66 11.59 7.72
N PRO A 1969 -28.97 10.33 8.00
CA PRO A 1969 -29.41 9.95 9.35
C PRO A 1969 -28.26 10.10 10.32
N THR A 1970 -28.59 10.30 11.58
CA THR A 1970 -27.57 10.27 12.61
C THR A 1970 -27.30 8.82 12.97
N PRO A 1971 -26.06 8.35 12.90
CA PRO A 1971 -25.79 6.94 13.19
C PRO A 1971 -25.86 6.65 14.68
N ARG A 1972 -26.23 5.42 15.01
CA ARG A 1972 -26.28 5.00 16.40
C ARG A 1972 -24.88 4.88 16.96
N SER A 1973 -24.68 5.44 18.16
CA SER A 1973 -23.37 5.41 18.80
C SER A 1973 -23.03 3.98 19.21
N PRO A 1974 -21.78 3.53 19.04
CA PRO A 1974 -21.40 2.17 19.45
C PRO A 1974 -21.03 2.07 20.92
N LEU A 1975 -21.85 2.68 21.78
CA LEU A 1975 -21.77 2.48 23.23
C LEU A 1975 -22.65 1.27 23.49
N LEU A 1976 -22.03 0.15 23.80
CA LEU A 1976 -22.70 -1.14 23.71
C LEU A 1976 -23.33 -1.46 25.05
N HIS A 1977 -24.60 -1.13 25.22
CA HIS A 1977 -25.27 -1.32 26.49
C HIS A 1977 -25.62 -2.80 26.65
N PHE A 1978 -24.67 -3.53 27.20
CA PHE A 1978 -24.87 -4.91 27.61
C PHE A 1978 -24.42 -5.14 29.04
N ALA A 1979 -23.84 -4.22 29.63
CA ALA A 1979 -23.33 -3.92 30.95
C ALA A 1979 -24.35 -3.13 31.74
N PRO A 1980 -24.35 -3.22 33.07
CA PRO A 1980 -25.29 -2.40 33.83
C PRO A 1980 -24.88 -0.95 33.92
N ASN A 1981 -23.59 -0.66 33.88
CA ASN A 1981 -23.05 0.69 34.06
C ASN A 1981 -22.03 0.99 32.98
N ALA A 1982 -22.44 0.79 31.72
CA ALA A 1982 -21.55 0.99 30.59
C ALA A 1982 -21.09 2.44 30.47
N THR A 1983 -21.93 3.40 30.88
CA THR A 1983 -21.51 4.79 30.92
C THR A 1983 -20.47 5.03 32.01
N GLU A 1984 -20.67 4.42 33.18
CA GLU A 1984 -19.71 4.58 34.26
C GLU A 1984 -18.38 3.89 33.94
N GLU A 1985 -18.44 2.72 33.31
CA GLU A 1985 -17.23 2.04 32.89
C GLU A 1985 -16.54 2.79 31.76
N LEU A 1986 -17.32 3.48 30.93
CA LEU A 1986 -16.76 4.36 29.91
C LEU A 1986 -16.02 5.53 30.55
N ASP A 1987 -16.61 6.11 31.60
CA ASP A 1987 -15.97 7.23 32.29
C ASP A 1987 -14.69 6.80 32.99
N GLN A 1988 -14.69 5.59 33.57
CA GLN A 1988 -13.48 5.14 34.26
C GLN A 1988 -12.40 4.68 33.29
N LEU A 1989 -12.77 4.01 32.19
CA LEU A 1989 -11.75 3.46 31.30
C LEU A 1989 -11.11 4.56 30.44
N LEU A 1990 -11.79 5.69 30.28
CA LEU A 1990 -11.29 6.81 29.48
C LEU A 1990 -10.63 7.87 30.34
N SER A 1991 -9.97 7.50 31.42
CA SER A 1991 -9.34 8.49 32.28
C SER A 1991 -8.07 9.01 31.64
N GLY A 1992 -7.77 10.26 31.91
CA GLY A 1992 -6.57 10.88 31.38
C GLY A 1992 -6.67 11.30 29.94
N PHE A 1993 -7.85 11.27 29.35
CA PHE A 1993 -7.97 11.74 27.97
C PHE A 1993 -8.24 13.24 27.87
N GLU A 1994 -8.37 13.95 29.00
CA GLU A 1994 -8.62 15.38 28.97
C GLU A 1994 -7.43 16.15 28.40
N GLU A 1995 -6.22 15.75 28.78
CA GLU A 1995 -5.04 16.39 28.19
C GLU A 1995 -4.77 15.89 26.76
N PHE A 1996 -5.27 14.70 26.39
CA PHE A 1996 -5.35 14.37 24.97
C PHE A 1996 -6.24 15.33 24.21
N GLU A 1997 -7.39 15.67 24.80
CA GLU A 1997 -8.30 16.62 24.19
C GLU A 1997 -7.69 18.02 24.10
N GLU A 1998 -6.97 18.44 25.13
CA GLU A 1998 -6.32 19.73 25.08
C GLU A 1998 -5.10 19.73 24.16
N SER A 1999 -4.45 18.59 23.99
CA SER A 1999 -3.40 18.48 22.99
C SER A 1999 -3.96 18.41 21.58
N LEU A 2000 -5.23 18.02 21.43
CA LEU A 2000 -5.86 18.01 20.12
C LEU A 2000 -6.67 19.28 19.86
N GLY A 2001 -7.69 19.57 20.69
CA GLY A 2001 -8.37 20.85 20.69
C GLY A 2001 -9.88 20.77 20.88
N TYR A 2002 -10.53 19.76 20.32
CA TYR A 2002 -11.99 19.68 20.29
C TYR A 2002 -12.54 18.75 21.36
N LYS A 2003 -13.33 19.31 22.26
CA LYS A 2003 -14.01 18.57 23.31
C LYS A 2003 -15.08 17.71 22.66
N PHE A 2004 -15.20 16.47 23.12
CA PHE A 2004 -16.24 15.61 22.56
C PHE A 2004 -17.51 15.62 23.40
N ARG A 2005 -18.63 15.53 22.69
CA ARG A 2005 -19.93 15.33 23.32
C ARG A 2005 -20.12 13.86 23.71
N ASP A 2006 -20.02 12.97 22.73
CA ASP A 2006 -20.10 11.53 22.97
C ASP A 2006 -18.68 11.00 23.03
N ARG A 2007 -18.22 10.65 24.23
CA ARG A 2007 -16.86 10.15 24.41
C ARG A 2007 -16.70 8.70 23.98
N SER A 2008 -17.80 8.01 23.65
CA SER A 2008 -17.69 6.70 23.02
C SER A 2008 -16.95 6.76 21.71
N TYR A 2009 -17.07 7.87 20.98
CA TYR A 2009 -16.32 8.03 19.74
C TYR A 2009 -14.84 8.22 20.03
N LEU A 2010 -14.51 8.91 21.13
CA LEU A 2010 -13.12 9.04 21.56
C LEU A 2010 -12.52 7.69 21.88
N LEU A 2011 -13.23 6.90 22.67
CA LEU A 2011 -12.72 5.59 23.06
C LEU A 2011 -12.69 4.66 21.87
N GLN A 2012 -13.67 4.79 20.97
CA GLN A 2012 -13.69 3.96 19.77
C GLN A 2012 -12.54 4.32 18.84
N ALA A 2013 -12.14 5.59 18.84
CA ALA A 2013 -10.97 5.99 18.08
C ALA A 2013 -9.69 5.50 18.72
N MET A 2014 -9.56 5.66 20.03
CA MET A 2014 -8.34 5.28 20.71
C MET A 2014 -8.43 3.96 21.44
N THR A 2015 -9.14 2.98 20.89
CA THR A 2015 -8.99 1.61 21.31
C THR A 2015 -8.37 0.87 20.14
N HIS A 2016 -7.25 0.21 20.38
CA HIS A 2016 -6.71 -0.69 19.40
C HIS A 2016 -7.64 -1.91 19.29
N ALA A 2017 -7.43 -2.71 18.26
CA ALA A 2017 -8.23 -3.93 18.15
C ALA A 2017 -7.87 -4.97 19.21
N SER A 2018 -6.75 -4.80 19.92
CA SER A 2018 -6.30 -5.78 20.90
C SER A 2018 -6.82 -5.52 22.31
N TYR A 2019 -7.25 -4.31 22.64
CA TYR A 2019 -7.47 -3.90 24.03
C TYR A 2019 -8.70 -4.59 24.59
N THR A 2020 -8.56 -5.88 24.88
CA THR A 2020 -9.68 -6.68 25.38
C THR A 2020 -10.32 -6.26 26.70
N PRO A 2021 -9.68 -5.47 27.63
CA PRO A 2021 -10.47 -4.90 28.73
C PRO A 2021 -11.59 -3.92 28.38
N ASN A 2022 -11.81 -3.66 27.11
CA ASN A 2022 -12.78 -2.67 26.67
C ASN A 2022 -13.99 -3.36 26.08
N ARG A 2023 -15.14 -3.16 26.73
CA ARG A 2023 -16.40 -3.76 26.34
C ARG A 2023 -17.33 -2.77 25.66
N LEU A 2024 -17.02 -1.48 25.78
CA LEU A 2024 -17.98 -0.40 25.64
C LEU A 2024 -18.03 0.18 24.25
N THR A 2025 -17.05 -0.12 23.39
CA THR A 2025 -17.03 0.38 22.03
C THR A 2025 -16.54 -0.74 21.12
N ASP A 2026 -16.15 -0.35 19.93
CA ASP A 2026 -15.42 -1.21 19.03
C ASP A 2026 -14.09 -0.52 18.71
N CYS A 2027 -13.35 -1.09 17.77
CA CYS A 2027 -12.00 -0.64 17.50
C CYS A 2027 -12.01 0.66 16.70
N TYR A 2028 -10.83 1.05 16.24
CA TYR A 2028 -10.64 2.28 15.47
C TYR A 2028 -10.94 2.10 14.01
N GLN A 2029 -11.15 0.86 13.54
CA GLN A 2029 -11.08 0.59 12.10
C GLN A 2029 -12.26 1.19 11.35
N ARG A 2030 -13.41 1.29 11.99
CA ARG A 2030 -14.54 2.00 11.37
C ARG A 2030 -14.28 3.49 11.32
N LEU A 2031 -13.79 4.06 12.41
CA LEU A 2031 -13.48 5.48 12.38
C LEU A 2031 -12.24 5.78 11.56
N GLU A 2032 -11.29 4.84 11.46
CA GLU A 2032 -10.19 4.98 10.51
C GLU A 2032 -10.69 5.02 9.08
N PHE A 2033 -11.62 4.12 8.74
CA PHE A 2033 -12.18 4.07 7.40
C PHE A 2033 -12.95 5.34 7.08
N LEU A 2034 -13.64 5.91 8.06
CA LEU A 2034 -14.32 7.19 7.82
C LEU A 2034 -13.33 8.34 7.69
N GLY A 2035 -12.39 8.46 8.63
CA GLY A 2035 -11.51 9.60 8.64
C GLY A 2035 -10.50 9.59 7.51
N ASP A 2036 -10.30 8.43 6.88
CA ASP A 2036 -9.57 8.36 5.61
C ASP A 2036 -10.17 9.27 4.57
N ALA A 2037 -11.47 9.10 4.29
CA ALA A 2037 -12.09 9.89 3.25
C ALA A 2037 -12.39 11.30 3.72
N VAL A 2038 -12.62 11.50 5.01
CA VAL A 2038 -12.82 12.86 5.51
C VAL A 2038 -11.56 13.69 5.34
N LEU A 2039 -10.40 13.13 5.70
CA LEU A 2039 -9.12 13.81 5.50
C LEU A 2039 -8.78 13.92 4.02
N ASP A 2040 -9.13 12.91 3.23
CA ASP A 2040 -8.91 12.95 1.79
C ASP A 2040 -9.62 14.14 1.14
N TYR A 2041 -10.91 14.32 1.45
CA TYR A 2041 -11.64 15.46 0.88
C TYR A 2041 -11.15 16.76 1.46
N LEU A 2042 -10.83 16.77 2.75
CA LEU A 2042 -10.38 18.01 3.38
C LEU A 2042 -9.07 18.50 2.75
N ILE A 2043 -8.16 17.57 2.45
CA ILE A 2043 -6.90 17.93 1.80
C ILE A 2043 -7.15 18.35 0.35
N THR A 2044 -7.99 17.60 -0.39
CA THR A 2044 -8.21 17.92 -1.81
C THR A 2044 -8.87 19.28 -1.98
N ARG A 2045 -9.84 19.61 -1.14
CA ARG A 2045 -10.42 20.93 -1.26
C ARG A 2045 -9.53 22.03 -0.68
N HIS A 2046 -8.69 21.78 0.31
CA HIS A 2046 -7.82 22.87 0.73
C HIS A 2046 -6.68 23.09 -0.25
N LEU A 2047 -6.40 22.12 -1.11
CA LEU A 2047 -5.38 22.33 -2.13
C LEU A 2047 -5.96 22.79 -3.46
N TYR A 2048 -7.24 22.51 -3.72
CA TYR A 2048 -7.89 23.02 -4.93
C TYR A 2048 -8.02 24.54 -4.89
N GLU A 2049 -8.33 25.10 -3.73
CA GLU A 2049 -8.55 26.53 -3.57
C GLU A 2049 -7.25 27.32 -3.51
N ASP A 2050 -6.11 26.67 -3.73
CA ASP A 2050 -4.81 27.32 -3.63
C ASP A 2050 -4.67 28.31 -4.78
N PRO A 2051 -4.43 29.60 -4.51
CA PRO A 2051 -4.37 30.60 -5.59
C PRO A 2051 -3.21 30.43 -6.56
N ARG A 2052 -2.25 29.55 -6.26
CA ARG A 2052 -1.24 29.15 -7.24
C ARG A 2052 -1.85 28.45 -8.45
N GLN A 2053 -3.05 27.86 -8.30
CA GLN A 2053 -3.80 27.15 -9.34
C GLN A 2053 -2.96 25.98 -9.86
N HIS A 2054 -2.93 24.96 -9.02
CA HIS A 2054 -2.20 23.75 -9.35
C HIS A 2054 -2.77 23.07 -10.59
N SER A 2055 -1.86 22.48 -11.36
CA SER A 2055 -2.17 21.66 -12.51
C SER A 2055 -2.70 20.30 -12.03
N PRO A 2056 -3.08 19.38 -12.95
CA PRO A 2056 -3.32 17.98 -12.55
C PRO A 2056 -2.21 17.33 -11.74
N GLY A 2057 -1.01 17.26 -12.34
CA GLY A 2057 0.11 16.61 -11.68
C GLY A 2057 0.56 17.31 -10.41
N ALA A 2058 0.50 18.64 -10.40
CA ALA A 2058 0.90 19.40 -9.21
C ALA A 2058 -0.05 19.16 -8.05
N LEU A 2059 -1.36 19.16 -8.34
CA LEU A 2059 -2.35 18.94 -7.29
C LEU A 2059 -2.29 17.51 -6.77
N THR A 2060 -2.07 16.54 -7.66
CA THR A 2060 -2.04 15.15 -7.20
C THR A 2060 -0.74 14.84 -6.46
N ASP A 2061 0.37 15.51 -6.82
CA ASP A 2061 1.60 15.35 -6.04
C ASP A 2061 1.47 15.99 -4.67
N LEU A 2062 0.87 17.18 -4.62
CA LEU A 2062 0.75 17.91 -3.36
C LEU A 2062 -0.15 17.16 -2.39
N ARG A 2063 -1.23 16.56 -2.89
CA ARG A 2063 -2.06 15.73 -2.02
C ARG A 2063 -1.36 14.43 -1.64
N SER A 2064 -0.78 13.72 -2.62
CA SER A 2064 -0.24 12.38 -2.35
C SER A 2064 0.98 12.43 -1.45
N ALA A 2065 1.62 13.57 -1.33
CA ALA A 2065 2.57 13.72 -0.23
C ALA A 2065 1.95 14.38 0.99
N LEU A 2066 0.80 15.03 0.86
CA LEU A 2066 0.09 15.52 2.03
C LEU A 2066 -0.82 14.46 2.66
N VAL A 2067 -1.06 13.35 1.98
CA VAL A 2067 -1.88 12.25 2.50
C VAL A 2067 -1.01 11.00 2.45
N ASN A 2068 -0.32 10.72 3.55
CA ASN A 2068 0.43 9.48 3.67
C ASN A 2068 0.46 9.08 5.13
N ASN A 2069 0.64 7.78 5.37
CA ASN A 2069 0.61 7.28 6.75
C ASN A 2069 1.84 7.71 7.53
N THR A 2070 2.96 7.97 6.86
CA THR A 2070 4.13 8.53 7.51
C THR A 2070 3.84 9.94 8.03
N ILE A 2071 3.16 10.75 7.22
CA ILE A 2071 2.78 12.12 7.57
C ILE A 2071 1.86 12.11 8.78
N PHE A 2072 0.84 11.26 8.72
CA PHE A 2072 -0.17 11.21 9.78
C PHE A 2072 0.42 10.67 11.07
N ALA A 2073 1.29 9.66 10.97
CA ALA A 2073 1.98 9.16 12.15
C ALA A 2073 2.86 10.22 12.78
N SER A 2074 3.57 11.00 11.96
CA SER A 2074 4.47 12.03 12.47
C SER A 2074 3.70 13.14 13.16
N LEU A 2075 2.61 13.59 12.55
CA LEU A 2075 1.80 14.65 13.15
C LEU A 2075 1.03 14.14 14.36
N ALA A 2076 0.78 12.82 14.41
CA ALA A 2076 0.21 12.22 15.61
C ALA A 2076 1.21 12.26 16.75
N VAL A 2077 2.44 11.85 16.46
CA VAL A 2077 3.45 11.70 17.50
C VAL A 2077 3.89 13.07 18.03
N ARG A 2078 3.87 14.10 17.17
CA ARG A 2078 4.23 15.45 17.63
C ARG A 2078 3.25 15.96 18.68
N HIS A 2079 1.96 15.77 18.47
CA HIS A 2079 0.97 16.22 19.44
C HIS A 2079 0.65 15.17 20.48
N GLY A 2080 1.49 14.15 20.63
CA GLY A 2080 1.31 13.15 21.66
C GLY A 2080 0.11 12.24 21.48
N PHE A 2081 -0.12 11.76 20.26
CA PHE A 2081 -1.20 10.82 20.04
C PHE A 2081 -0.77 9.39 20.29
N HIS A 2082 0.50 9.17 20.61
CA HIS A 2082 0.96 7.89 21.10
C HIS A 2082 0.64 7.71 22.58
N LYS A 2083 0.57 8.82 23.32
CA LYS A 2083 0.48 8.79 24.77
C LYS A 2083 -0.84 8.22 25.27
N PHE A 2084 -1.87 8.14 24.43
CA PHE A 2084 -3.20 7.80 24.89
C PHE A 2084 -3.76 6.66 24.05
N PHE A 2085 -2.90 5.97 23.32
CA PHE A 2085 -3.28 4.84 22.49
C PHE A 2085 -3.32 3.60 23.37
N ARG A 2086 -4.51 3.24 23.84
CA ARG A 2086 -4.67 2.08 24.71
C ARG A 2086 -4.48 0.82 23.90
N HIS A 2087 -3.33 0.18 24.04
CA HIS A 2087 -3.07 -1.06 23.34
C HIS A 2087 -2.46 -2.03 24.33
N LEU A 2088 -2.87 -3.28 24.24
CA LEU A 2088 -2.16 -4.33 24.97
C LEU A 2088 -1.44 -5.22 23.98
N SER A 2089 -0.82 -4.61 22.99
CA SER A 2089 -0.03 -5.34 22.02
C SER A 2089 1.44 -5.09 22.29
N PRO A 2090 2.27 -6.13 22.49
CA PRO A 2090 3.67 -5.92 22.88
C PRO A 2090 4.57 -5.34 21.79
N GLY A 2091 4.57 -5.99 20.62
CA GLY A 2091 5.41 -5.54 19.52
C GLY A 2091 5.04 -4.16 19.05
N LEU A 2092 3.74 -3.84 19.10
CA LEU A 2092 3.27 -2.49 18.85
C LEU A 2092 3.82 -1.50 19.89
N ASN A 2093 3.89 -1.93 21.16
CA ASN A 2093 4.44 -1.06 22.20
C ASN A 2093 5.91 -0.75 21.98
N ASP A 2094 6.69 -1.75 21.57
CA ASP A 2094 8.11 -1.50 21.33
C ASP A 2094 8.34 -0.66 20.08
N VAL A 2095 7.56 -0.91 19.01
CA VAL A 2095 7.67 -0.14 17.78
C VAL A 2095 7.31 1.33 18.03
N ILE A 2096 6.16 1.57 18.68
CA ILE A 2096 5.74 2.93 19.01
C ILE A 2096 6.73 3.57 19.98
N ASP A 2097 7.27 2.78 20.91
CA ASP A 2097 8.17 3.34 21.92
C ASP A 2097 9.48 3.82 21.35
N ARG A 2098 10.11 3.00 20.51
CA ARG A 2098 11.39 3.41 19.94
C ARG A 2098 11.18 4.54 18.94
N PHE A 2099 10.04 4.52 18.23
CA PHE A 2099 9.70 5.64 17.37
C PHE A 2099 9.56 6.95 18.14
N VAL A 2100 8.84 6.94 19.25
CA VAL A 2100 8.56 8.17 19.98
C VAL A 2100 9.81 8.68 20.68
N ARG A 2101 10.66 7.76 21.17
CA ARG A 2101 11.92 8.17 21.79
C ARG A 2101 12.87 8.84 20.79
N ILE A 2102 12.96 8.31 19.57
CA ILE A 2102 13.85 8.95 18.60
C ILE A 2102 13.13 10.06 17.81
N GLN A 2103 11.83 10.24 18.05
CA GLN A 2103 11.21 11.50 17.62
C GLN A 2103 11.46 12.61 18.64
N GLN A 2104 11.43 12.29 19.93
CA GLN A 2104 11.76 13.29 20.94
C GLN A 2104 13.25 13.59 20.95
N GLU A 2105 14.07 12.63 20.50
CA GLU A 2105 15.48 12.89 20.23
C GLU A 2105 15.65 13.90 19.10
N ASN A 2106 14.69 13.95 18.17
CA ASN A 2106 14.62 15.00 17.17
C ASN A 2106 13.91 16.24 17.69
N GLY A 2107 13.52 16.26 18.95
CA GLY A 2107 13.00 17.47 19.56
C GLY A 2107 11.64 17.91 19.06
N HIS A 2108 10.83 16.96 18.61
CA HIS A 2108 9.44 17.14 18.14
C HIS A 2108 9.33 18.08 16.95
N CYS A 2109 10.40 18.27 16.18
CA CYS A 2109 10.25 18.89 14.88
C CYS A 2109 9.61 17.89 13.93
N ILE A 2110 8.82 18.39 12.98
CA ILE A 2110 8.24 17.48 12.01
C ILE A 2110 9.32 17.17 10.99
N SER A 2111 10.01 16.06 11.24
CA SER A 2111 10.88 15.43 10.27
C SER A 2111 10.17 14.15 9.88
N GLU A 2112 9.99 13.93 8.58
CA GLU A 2112 9.61 12.60 8.12
C GLU A 2112 10.86 11.80 7.81
N GLU A 2113 12.01 12.44 7.90
CA GLU A 2113 13.19 12.01 7.18
C GLU A 2113 14.49 12.03 7.97
N TYR A 2114 14.64 12.86 8.98
CA TYR A 2114 15.96 13.09 9.57
C TYR A 2114 15.98 12.67 11.04
N TYR A 2115 15.39 11.53 11.31
CA TYR A 2115 15.51 10.90 12.62
C TYR A 2115 16.16 9.53 12.57
N LEU A 2116 16.36 8.95 11.39
CA LEU A 2116 16.76 7.56 11.28
C LEU A 2116 18.05 7.35 10.49
N LEU A 2117 18.52 8.37 9.76
CA LEU A 2117 19.90 8.39 9.32
C LEU A 2117 20.69 9.64 9.65
N SER A 2118 21.94 9.39 9.99
CA SER A 2118 23.07 10.13 9.44
C SER A 2118 24.16 9.07 9.31
N GLU A 2119 25.06 9.22 8.33
CA GLU A 2119 26.20 8.31 8.28
C GLU A 2119 27.16 8.61 9.43
N GLU A 2120 27.16 9.84 9.91
CA GLU A 2120 28.05 10.28 10.96
C GLU A 2120 27.48 10.00 12.36
N GLU A 2121 26.28 9.44 12.45
CA GLU A 2121 25.73 9.00 13.72
C GLU A 2121 25.79 7.48 13.74
N CYS A 2122 26.15 6.92 14.89
CA CYS A 2122 26.25 5.46 15.05
C CYS A 2122 24.89 4.92 15.48
N ASP A 2123 23.91 5.06 14.58
CA ASP A 2123 22.53 4.69 14.83
C ASP A 2123 22.28 3.39 14.06
N ASP A 2124 23.35 2.83 13.50
CA ASP A 2124 23.27 1.76 12.50
C ASP A 2124 22.62 0.49 13.05
N ALA A 2125 22.85 0.18 14.32
CA ALA A 2125 22.04 -0.83 15.00
C ALA A 2125 20.74 -0.21 15.48
N GLU A 2126 19.63 -0.87 15.15
CA GLU A 2126 18.28 -0.54 15.64
C GLU A 2126 17.83 0.87 15.23
N ASP A 2127 17.50 0.96 13.94
CA ASP A 2127 16.92 2.15 13.33
C ASP A 2127 15.46 2.37 13.79
N VAL A 2128 14.80 3.39 13.22
CA VAL A 2128 13.57 3.90 13.81
C VAL A 2128 12.39 3.28 13.07
N GLU A 2129 11.33 2.92 13.81
CA GLU A 2129 10.22 2.14 13.31
C GLU A 2129 8.97 3.01 13.21
N VAL A 2130 8.56 3.35 11.98
CA VAL A 2130 7.39 4.21 11.82
C VAL A 2130 6.11 3.38 11.98
N PRO A 2131 5.26 3.68 12.96
CA PRO A 2131 4.07 2.84 13.20
C PRO A 2131 2.92 3.15 12.27
N LYS A 2132 2.41 2.13 11.58
CA LYS A 2132 1.21 2.31 10.76
C LYS A 2132 -0.01 2.56 11.65
N ALA A 2133 0.02 2.01 12.86
CA ALA A 2133 -1.12 2.10 13.75
C ALA A 2133 -1.38 3.54 14.20
N LEU A 2134 -0.35 4.34 14.46
CA LEU A 2134 -0.62 5.71 14.87
C LEU A 2134 -1.08 6.58 13.69
N GLY A 2135 -0.70 6.22 12.46
CA GLY A 2135 -1.34 6.84 11.31
C GLY A 2135 -2.82 6.52 11.24
N ASP A 2136 -3.17 5.26 11.50
CA ASP A 2136 -4.58 4.91 11.58
C ASP A 2136 -5.26 5.59 12.76
N VAL A 2137 -4.54 5.89 13.83
CA VAL A 2137 -5.11 6.62 14.96
C VAL A 2137 -5.42 8.07 14.57
N PHE A 2138 -4.54 8.71 13.81
CA PHE A 2138 -4.81 10.06 13.34
C PHE A 2138 -6.02 10.09 12.40
N GLU A 2139 -6.09 9.10 11.51
CA GLU A 2139 -7.28 8.98 10.64
C GLU A 2139 -8.55 8.69 11.44
N SER A 2140 -8.47 7.81 12.43
CA SER A 2140 -9.67 7.43 13.16
C SER A 2140 -10.15 8.55 14.06
N ILE A 2141 -9.24 9.34 14.61
CA ILE A 2141 -9.69 10.46 15.41
C ILE A 2141 -10.23 11.57 14.51
N ALA A 2142 -9.78 11.63 13.25
CA ALA A 2142 -10.43 12.51 12.27
C ALA A 2142 -11.88 12.11 12.04
N GLY A 2143 -12.12 10.81 11.85
CA GLY A 2143 -13.48 10.32 11.70
C GLY A 2143 -14.35 10.56 12.93
N ALA A 2144 -13.78 10.39 14.12
CA ALA A 2144 -14.54 10.61 15.36
C ALA A 2144 -14.92 12.07 15.54
N ILE A 2145 -13.99 12.99 15.24
CA ILE A 2145 -14.32 14.41 15.28
C ILE A 2145 -15.40 14.73 14.26
N PHE A 2146 -15.35 14.09 13.09
CA PHE A 2146 -16.36 14.34 12.06
C PHE A 2146 -17.74 13.88 12.50
N LEU A 2147 -17.82 12.73 13.15
CA LEU A 2147 -19.12 12.21 13.58
C LEU A 2147 -19.70 12.99 14.74
N ASP A 2148 -18.85 13.46 15.65
CA ASP A 2148 -19.40 14.23 16.78
C ASP A 2148 -19.89 15.61 16.36
N SER A 2149 -19.53 16.08 15.18
CA SER A 2149 -19.91 17.39 14.69
C SER A 2149 -21.23 17.40 13.94
N ASN A 2150 -22.05 16.35 14.13
CA ASN A 2150 -23.26 16.08 13.32
C ASN A 2150 -22.92 16.05 11.84
N MET A 2151 -21.81 15.38 11.52
CA MET A 2151 -21.24 15.24 10.17
C MET A 2151 -20.92 16.60 9.54
N SER A 2152 -20.04 17.34 10.19
CA SER A 2152 -19.60 18.65 9.72
C SER A 2152 -18.09 18.63 9.49
N LEU A 2153 -17.66 19.17 8.36
CA LEU A 2153 -16.27 19.14 7.96
C LEU A 2153 -15.50 20.36 8.41
N ASP A 2154 -16.18 21.47 8.63
CA ASP A 2154 -15.50 22.71 8.99
C ASP A 2154 -14.91 22.62 10.39
N VAL A 2155 -15.52 21.83 11.27
CA VAL A 2155 -14.94 21.60 12.60
C VAL A 2155 -13.68 20.73 12.50
N VAL A 2156 -13.71 19.73 11.60
CA VAL A 2156 -12.54 18.87 11.41
C VAL A 2156 -11.37 19.67 10.85
N TRP A 2157 -11.62 20.54 9.88
CA TRP A 2157 -10.53 21.40 9.42
C TRP A 2157 -10.16 22.49 10.42
N HIS A 2158 -11.10 22.93 11.25
CA HIS A 2158 -10.76 23.90 12.29
C HIS A 2158 -9.78 23.29 13.28
N VAL A 2159 -9.96 22.00 13.59
CA VAL A 2159 -8.98 21.31 14.41
C VAL A 2159 -7.69 21.07 13.64
N TYR A 2160 -7.78 20.55 12.42
CA TYR A 2160 -6.58 20.05 11.76
C TYR A 2160 -5.76 21.10 11.03
N SER A 2161 -6.22 22.36 10.99
CA SER A 2161 -5.33 23.43 10.58
C SER A 2161 -4.13 23.52 11.51
N ASN A 2162 -4.38 23.48 12.82
CA ASN A 2162 -3.34 23.54 13.84
C ASN A 2162 -2.44 22.32 13.86
N MET A 2163 -2.81 21.24 13.18
CA MET A 2163 -1.96 20.07 13.12
C MET A 2163 -1.38 19.79 11.73
N MET A 2164 -1.88 20.40 10.67
CA MET A 2164 -1.35 20.07 9.35
C MET A 2164 -0.86 21.27 8.53
N SER A 2165 -1.30 22.50 8.85
CA SER A 2165 -0.95 23.67 8.05
C SER A 2165 0.55 23.96 7.92
N PRO A 2166 1.40 23.84 8.96
CA PRO A 2166 2.85 24.00 8.70
C PRO A 2166 3.42 23.03 7.68
N GLU A 2167 2.97 21.78 7.67
CA GLU A 2167 3.51 20.85 6.70
C GLU A 2167 2.91 21.12 5.32
N ILE A 2168 1.67 21.64 5.30
CA ILE A 2168 1.03 22.07 4.06
C ILE A 2168 1.83 23.18 3.38
N GLU A 2169 2.16 24.24 4.13
CA GLU A 2169 2.91 25.34 3.52
C GLU A 2169 4.34 24.94 3.20
N GLN A 2170 4.92 24.06 4.03
CA GLN A 2170 6.29 23.60 3.80
C GLN A 2170 6.41 22.78 2.52
N PHE A 2171 5.48 21.87 2.28
CA PHE A 2171 5.60 21.10 1.05
C PHE A 2171 4.99 21.85 -0.13
N SER A 2172 4.18 22.88 0.13
CA SER A 2172 3.55 23.60 -0.97
C SER A 2172 4.49 24.63 -1.59
N ASN A 2173 5.17 25.41 -0.75
CA ASN A 2173 5.84 26.64 -1.20
C ASN A 2173 6.95 26.36 -2.20
N SER A 2174 7.96 25.60 -1.81
CA SER A 2174 8.96 25.13 -2.76
C SER A 2174 8.51 23.77 -3.27
N VAL A 2175 8.84 23.49 -4.52
CA VAL A 2175 8.69 22.12 -5.04
C VAL A 2175 9.95 21.33 -4.70
N PRO A 2176 9.91 20.43 -3.72
CA PRO A 2176 11.16 19.82 -3.25
C PRO A 2176 11.48 18.52 -3.96
N LYS A 2177 10.62 18.13 -4.90
CA LYS A 2177 10.66 16.88 -5.66
C LYS A 2177 10.53 15.65 -4.75
N SER A 2178 10.52 14.46 -5.34
CA SER A 2178 10.62 13.29 -4.49
C SER A 2178 12.07 13.11 -4.06
N PRO A 2179 12.30 12.67 -2.81
CA PRO A 2179 13.68 12.62 -2.29
C PRO A 2179 14.62 11.67 -3.02
N ILE A 2180 14.09 10.57 -3.58
CA ILE A 2180 14.91 9.79 -4.51
C ILE A 2180 15.01 10.52 -5.84
N ARG A 2181 13.90 11.11 -6.30
CA ARG A 2181 13.88 11.74 -7.61
C ARG A 2181 14.69 13.03 -7.65
N GLU A 2182 14.87 13.70 -6.51
CA GLU A 2182 15.70 14.90 -6.49
C GLU A 2182 17.17 14.55 -6.71
N LEU A 2183 17.64 13.48 -6.05
CA LEU A 2183 18.99 12.98 -6.29
C LEU A 2183 19.10 12.40 -7.70
N LEU A 2184 18.01 11.86 -8.24
CA LEU A 2184 18.01 11.42 -9.63
C LEU A 2184 18.11 12.58 -10.61
N GLU A 2185 17.51 13.72 -10.25
CA GLU A 2185 17.57 14.90 -11.12
C GLU A 2185 18.93 15.58 -11.03
N LEU A 2186 19.58 15.50 -9.88
CA LEU A 2186 20.94 16.05 -9.76
C LEU A 2186 21.93 15.25 -10.60
N GLU A 2187 21.83 13.92 -10.57
CA GLU A 2187 22.68 13.02 -11.36
C GLU A 2187 21.82 11.92 -11.97
N PRO A 2188 21.54 11.97 -13.28
CA PRO A 2188 20.62 11.01 -13.89
C PRO A 2188 21.25 9.69 -14.34
N GLU A 2189 22.55 9.47 -14.10
CA GLU A 2189 23.15 8.19 -14.44
C GLU A 2189 24.10 7.68 -13.36
N THR A 2190 24.10 8.29 -12.17
CA THR A 2190 25.12 8.04 -11.16
C THR A 2190 24.56 7.39 -9.90
N ALA A 2191 23.49 7.94 -9.33
CA ALA A 2191 22.99 7.46 -8.05
C ALA A 2191 22.29 6.12 -8.18
N LYS A 2192 22.83 5.11 -7.51
CA LYS A 2192 22.29 3.75 -7.54
C LYS A 2192 21.94 3.34 -6.13
N PHE A 2193 21.16 2.27 -6.02
CA PHE A 2193 20.78 1.72 -4.73
C PHE A 2193 20.93 0.20 -4.76
N GLY A 2194 21.90 -0.30 -3.99
CA GLY A 2194 22.21 -1.71 -3.97
C GLY A 2194 21.20 -2.49 -3.13
N LYS A 2195 21.41 -3.81 -3.09
CA LYS A 2195 20.56 -4.69 -2.32
C LYS A 2195 20.78 -4.44 -0.82
N PRO A 2196 19.81 -4.75 0.04
CA PRO A 2196 19.95 -4.41 1.46
C PRO A 2196 20.96 -5.27 2.21
N GLU A 2197 20.92 -5.14 3.53
CA GLU A 2197 21.33 -6.21 4.44
C GLU A 2197 20.48 -6.10 5.69
N LYS A 2198 20.23 -7.24 6.33
CA LYS A 2198 19.56 -7.26 7.63
C LYS A 2198 20.62 -7.48 8.70
N LEU A 2199 20.61 -6.63 9.72
CA LEU A 2199 21.53 -6.80 10.84
C LEU A 2199 21.04 -7.93 11.74
N ALA A 2200 21.87 -8.30 12.72
CA ALA A 2200 21.56 -9.41 13.61
C ALA A 2200 20.59 -9.02 14.73
N ASP A 2201 20.06 -7.80 14.71
CA ASP A 2201 19.26 -7.31 15.82
C ASP A 2201 17.82 -7.83 15.78
N GLY A 2202 17.29 -8.09 14.58
CA GLY A 2202 16.04 -8.80 14.40
C GLY A 2202 14.88 -8.01 13.83
N ARG A 2203 15.04 -6.72 13.55
CA ARG A 2203 13.97 -5.93 12.96
C ARG A 2203 14.43 -5.02 11.83
N ARG A 2204 15.74 -4.96 11.53
CA ARG A 2204 16.36 -3.79 10.91
C ARG A 2204 17.00 -4.14 9.58
N VAL A 2205 17.00 -3.17 8.66
CA VAL A 2205 17.44 -3.35 7.27
C VAL A 2205 18.42 -2.22 6.95
N ARG A 2206 19.54 -2.54 6.29
CA ARG A 2206 20.53 -1.54 5.90
C ARG A 2206 20.74 -1.53 4.38
N VAL A 2207 20.55 -0.36 3.77
CA VAL A 2207 20.66 -0.12 2.33
C VAL A 2207 21.62 1.04 2.09
N THR A 2208 22.54 0.90 1.15
CA THR A 2208 23.56 1.91 0.87
C THR A 2208 23.36 2.54 -0.50
N VAL A 2209 23.36 3.88 -0.56
CA VAL A 2209 23.41 4.62 -1.83
C VAL A 2209 24.87 4.95 -2.11
N ASP A 2210 25.23 5.06 -3.38
CA ASP A 2210 26.54 5.54 -3.79
C ASP A 2210 26.37 6.71 -4.76
N VAL A 2211 27.09 7.80 -4.52
CA VAL A 2211 27.23 8.87 -5.50
C VAL A 2211 28.70 8.94 -5.87
N PHE A 2212 28.98 8.76 -7.17
CA PHE A 2212 30.35 8.70 -7.66
C PHE A 2212 31.03 10.06 -7.51
N CYS A 2213 32.26 10.02 -6.99
CA CYS A 2213 33.09 11.16 -6.58
C CYS A 2213 32.49 11.98 -5.45
N LYS A 2214 31.45 11.47 -4.78
CA LYS A 2214 30.85 12.15 -3.64
C LYS A 2214 30.70 11.25 -2.42
N GLY A 2215 30.90 9.94 -2.55
CA GLY A 2215 30.89 9.04 -1.41
C GLY A 2215 29.73 8.08 -1.44
N THR A 2216 29.89 7.02 -0.65
CA THR A 2216 28.84 6.03 -0.43
C THR A 2216 28.20 6.35 0.92
N PHE A 2217 26.89 6.52 0.91
CA PHE A 2217 26.15 6.95 2.09
C PHE A 2217 25.29 5.80 2.56
N ARG A 2218 25.49 5.41 3.82
CA ARG A 2218 24.89 4.22 4.39
C ARG A 2218 23.46 4.55 4.80
N GLY A 2219 22.61 3.54 4.96
CA GLY A 2219 21.22 3.76 5.28
C GLY A 2219 20.63 2.58 6.03
N ILE A 2220 19.62 2.89 6.85
CA ILE A 2220 18.98 1.93 7.73
C ILE A 2220 17.49 2.26 7.83
N GLY A 2221 16.66 1.25 7.69
CA GLY A 2221 15.23 1.35 7.90
C GLY A 2221 14.66 -0.03 8.12
N ARG A 2222 13.49 -0.09 8.76
CA ARG A 2222 12.83 -1.38 8.93
C ARG A 2222 12.35 -1.93 7.59
N ASN A 2223 11.83 -1.05 6.72
CA ASN A 2223 11.46 -1.39 5.36
C ASN A 2223 12.58 -1.01 4.40
N TYR A 2224 12.46 -1.50 3.17
CA TYR A 2224 13.40 -1.16 2.13
C TYR A 2224 13.26 0.30 1.70
N ARG A 2225 12.02 0.81 1.69
CA ARG A 2225 11.74 2.11 1.08
C ARG A 2225 12.30 3.26 1.91
N ILE A 2226 12.20 3.16 3.24
CA ILE A 2226 12.68 4.26 4.08
C ILE A 2226 14.20 4.29 4.08
N ALA A 2227 14.83 3.11 4.03
CA ALA A 2227 16.28 3.02 3.95
C ALA A 2227 16.80 3.63 2.66
N LYS A 2228 16.17 3.28 1.52
CA LYS A 2228 16.53 3.87 0.23
C LYS A 2228 16.31 5.38 0.22
N CYS A 2229 15.13 5.82 0.66
CA CYS A 2229 14.77 7.24 0.63
C CYS A 2229 15.71 8.05 1.51
N THR A 2230 16.07 7.53 2.68
CA THR A 2230 16.81 8.35 3.62
C THR A 2230 18.31 8.26 3.34
N ALA A 2231 18.74 7.19 2.65
CA ALA A 2231 20.08 7.18 2.06
C ALA A 2231 20.20 8.27 0.99
N ALA A 2232 19.17 8.40 0.14
CA ALA A 2232 19.15 9.49 -0.84
C ALA A 2232 19.09 10.85 -0.17
N LYS A 2233 18.34 10.96 0.92
CA LYS A 2233 18.24 12.24 1.62
C LYS A 2233 19.55 12.64 2.29
N CYS A 2234 20.24 11.70 2.94
CA CYS A 2234 21.50 12.05 3.58
C CYS A 2234 22.58 12.32 2.54
N ALA A 2235 22.48 11.70 1.36
CA ALA A 2235 23.30 12.12 0.24
C ALA A 2235 23.00 13.55 -0.17
N LEU A 2236 21.71 13.93 -0.17
CA LEU A 2236 21.32 15.31 -0.50
C LEU A 2236 21.84 16.29 0.55
N ARG A 2237 21.80 15.92 1.82
CA ARG A 2237 22.31 16.77 2.90
C ARG A 2237 23.81 16.94 2.81
N GLN A 2238 24.53 15.90 2.36
CA GLN A 2238 25.96 16.09 2.17
C GLN A 2238 26.25 16.93 0.93
N LEU A 2239 25.45 16.80 -0.12
CA LEU A 2239 25.63 17.60 -1.33
C LEU A 2239 25.07 19.01 -1.21
N LYS A 2240 24.49 19.37 -0.06
CA LYS A 2240 24.02 20.73 0.14
C LYS A 2240 25.17 21.63 0.58
N ALA D 132 12.04 20.04 -58.10
CA ALA D 132 12.89 18.88 -58.35
C ALA D 132 12.71 17.84 -57.25
N MET D 133 13.63 17.84 -56.29
CA MET D 133 13.60 16.89 -55.17
C MET D 133 13.25 17.64 -53.88
N LYS D 134 11.94 17.83 -53.68
CA LYS D 134 11.41 18.48 -52.50
C LYS D 134 9.97 17.98 -52.35
N THR D 135 9.18 18.66 -51.52
CA THR D 135 7.79 18.29 -51.31
C THR D 135 6.98 18.56 -52.57
N PRO D 136 6.31 17.54 -53.14
CA PRO D 136 5.60 17.75 -54.41
C PRO D 136 4.37 18.63 -54.30
N VAL D 137 3.89 18.88 -53.09
CA VAL D 137 2.86 19.91 -52.87
C VAL D 137 3.39 21.28 -53.27
N SER D 138 4.59 21.62 -52.80
CA SER D 138 5.22 22.88 -53.15
C SER D 138 5.56 22.95 -54.64
N ILE D 139 6.07 21.84 -55.20
CA ILE D 139 6.45 21.78 -56.61
C ILE D 139 5.23 21.99 -57.49
N LEU D 140 4.14 21.28 -57.20
CA LEU D 140 2.96 21.36 -58.04
C LEU D 140 2.21 22.67 -57.81
N GLN D 141 2.31 23.24 -56.61
CA GLN D 141 1.76 24.57 -56.34
C GLN D 141 2.44 25.63 -57.18
N GLU D 142 3.78 25.61 -57.24
CA GLU D 142 4.49 26.56 -58.10
C GLU D 142 4.25 26.29 -59.57
N LEU D 143 4.18 25.01 -59.95
CA LEU D 143 3.97 24.62 -61.34
C LEU D 143 2.62 25.09 -61.86
N LEU D 144 1.58 24.99 -61.04
CA LEU D 144 0.30 25.51 -61.47
C LEU D 144 0.26 27.03 -61.37
N SER D 145 0.84 27.61 -60.30
CA SER D 145 0.72 29.05 -60.08
C SER D 145 1.49 29.86 -61.13
N ARG D 146 2.40 29.22 -61.85
CA ARG D 146 2.92 29.84 -63.08
C ARG D 146 1.84 29.96 -64.16
N ARG D 147 0.89 29.03 -64.23
CA ARG D 147 -0.16 29.11 -65.24
C ARG D 147 -1.52 29.52 -64.66
N GLY D 148 -1.55 30.18 -63.51
CA GLY D 148 -2.80 30.59 -62.89
C GLY D 148 -3.43 29.45 -62.12
N ILE D 149 -4.63 29.74 -61.58
CA ILE D 149 -5.49 28.83 -60.82
C ILE D 149 -4.87 28.48 -59.47
N THR D 150 -5.64 28.68 -58.39
CA THR D 150 -5.12 28.50 -57.03
C THR D 150 -5.67 27.21 -56.41
N PRO D 151 -4.83 26.21 -56.19
CA PRO D 151 -5.31 24.99 -55.53
C PRO D 151 -5.54 25.19 -54.04
N GLY D 152 -6.36 24.32 -53.47
CA GLY D 152 -6.57 24.32 -52.04
C GLY D 152 -6.57 22.93 -51.43
N TYR D 153 -5.62 22.64 -50.55
CA TYR D 153 -5.59 21.37 -49.84
C TYR D 153 -6.55 21.43 -48.67
N GLU D 154 -7.08 20.27 -48.27
CA GLU D 154 -8.00 20.21 -47.15
C GLU D 154 -7.80 18.91 -46.38
N LEU D 155 -7.96 18.99 -45.06
CA LEU D 155 -7.99 17.78 -44.26
C LEU D 155 -9.35 17.14 -44.38
N VAL D 156 -9.38 15.84 -44.61
CA VAL D 156 -10.64 15.10 -44.76
C VAL D 156 -10.84 14.08 -43.64
N GLN D 157 -9.78 13.39 -43.22
CA GLN D 157 -9.96 12.40 -42.15
C GLN D 157 -8.69 12.22 -41.34
N ILE D 158 -8.69 12.70 -40.10
CA ILE D 158 -7.68 12.33 -39.13
C ILE D 158 -8.05 10.93 -38.61
N GLU D 159 -7.09 10.01 -38.70
CA GLU D 159 -7.36 8.65 -38.26
C GLU D 159 -7.12 8.54 -36.77
N GLY D 160 -7.98 7.76 -36.10
CA GLY D 160 -7.94 7.67 -34.65
C GLY D 160 -7.50 6.30 -34.16
N ALA D 161 -6.47 5.75 -34.79
CA ALA D 161 -5.98 4.44 -34.41
C ALA D 161 -5.26 4.48 -33.07
N ILE D 162 -5.00 3.29 -32.52
CA ILE D 162 -4.49 3.14 -31.16
C ILE D 162 -3.07 3.67 -30.97
N HIS D 163 -2.16 3.40 -31.92
CA HIS D 163 -0.78 3.89 -31.80
C HIS D 163 -0.28 4.43 -33.13
N GLU D 164 -1.13 4.39 -34.15
CA GLU D 164 -0.80 4.91 -35.47
C GLU D 164 -1.91 5.86 -35.95
N PRO D 165 -2.05 7.04 -35.28
CA PRO D 165 -3.13 7.95 -35.64
C PRO D 165 -2.75 8.73 -36.90
N THR D 166 -2.92 8.09 -38.05
CA THR D 166 -2.47 8.69 -39.30
C THR D 166 -3.40 9.83 -39.71
N PHE D 167 -3.05 10.47 -40.81
CA PHE D 167 -3.83 11.56 -41.35
C PHE D 167 -4.12 11.24 -42.80
N ARG D 168 -5.27 11.68 -43.29
CA ARG D 168 -5.48 11.65 -44.72
C ARG D 168 -6.03 13.00 -45.15
N PHE D 169 -5.35 13.55 -46.15
CA PHE D 169 -5.64 14.82 -46.77
C PHE D 169 -6.13 14.58 -48.19
N ARG D 170 -6.73 15.63 -48.75
CA ARG D 170 -7.25 15.63 -50.10
C ARG D 170 -6.98 17.00 -50.73
N VAL D 171 -6.43 16.99 -51.92
CA VAL D 171 -6.26 18.21 -52.70
C VAL D 171 -7.50 18.41 -53.56
N SER D 172 -8.07 19.62 -53.48
CA SER D 172 -9.22 20.01 -54.29
C SER D 172 -8.77 21.01 -55.35
N PHE D 173 -8.11 20.51 -56.39
CA PHE D 173 -7.70 21.37 -57.48
C PHE D 173 -8.88 21.71 -58.39
N LYS D 174 -9.25 22.99 -58.39
CA LYS D 174 -10.16 23.64 -59.35
C LYS D 174 -11.51 22.93 -59.40
N ASP D 175 -12.23 23.03 -58.28
CA ASP D 175 -13.54 22.40 -58.16
C ASP D 175 -14.60 23.06 -59.04
N LYS D 176 -14.32 24.25 -59.59
CA LYS D 176 -15.24 24.87 -60.55
C LYS D 176 -15.20 24.16 -61.89
N ASP D 177 -14.03 24.15 -62.54
CA ASP D 177 -13.85 23.54 -63.84
C ASP D 177 -12.90 22.37 -63.74
N THR D 178 -13.38 21.17 -64.13
CA THR D 178 -12.69 19.89 -64.13
C THR D 178 -12.08 19.61 -62.76
N PRO D 179 -12.90 19.21 -61.77
CA PRO D 179 -12.40 19.06 -60.40
C PRO D 179 -11.49 17.86 -60.22
N PHE D 180 -10.24 18.11 -59.84
CA PHE D 180 -9.29 17.05 -59.53
C PHE D 180 -9.08 17.02 -58.02
N THR D 181 -9.73 16.06 -57.37
CA THR D 181 -9.70 15.93 -55.92
C THR D 181 -9.03 14.61 -55.57
N ALA D 182 -7.79 14.68 -55.10
CA ALA D 182 -6.97 13.50 -54.92
C ALA D 182 -6.71 13.26 -53.45
N MET D 183 -6.76 11.99 -53.05
CA MET D 183 -6.64 11.55 -51.68
C MET D 183 -5.23 11.04 -51.41
N GLY D 184 -4.80 11.13 -50.16
CA GLY D 184 -3.51 10.58 -49.79
C GLY D 184 -3.50 10.06 -48.37
N ALA D 185 -2.90 8.89 -48.20
CA ALA D 185 -2.75 8.30 -46.87
C ALA D 185 -1.31 8.47 -46.38
N GLY D 186 -1.17 8.65 -45.08
CA GLY D 186 0.16 8.81 -44.50
C GLY D 186 0.17 9.01 -43.00
N ARG D 187 1.22 8.48 -42.35
CA ARG D 187 1.35 8.64 -40.91
C ARG D 187 1.69 10.08 -40.54
N SER D 188 2.44 10.77 -41.39
CA SER D 188 2.80 12.16 -41.18
C SER D 188 2.01 13.05 -42.12
N LYS D 189 1.73 14.27 -41.66
CA LYS D 189 1.00 15.24 -42.48
C LYS D 189 1.80 15.63 -43.72
N LYS D 190 3.12 15.76 -43.57
CA LYS D 190 3.99 15.90 -44.73
C LYS D 190 3.93 14.66 -45.62
N GLU D 191 3.93 13.48 -45.00
CA GLU D 191 3.88 12.24 -45.78
C GLU D 191 2.51 12.05 -46.42
N ALA D 192 1.45 12.45 -45.73
CA ALA D 192 0.11 12.34 -46.30
C ALA D 192 -0.07 13.32 -47.46
N LYS D 193 0.42 14.54 -47.31
CA LYS D 193 0.35 15.51 -48.40
C LYS D 193 1.23 15.09 -49.57
N HIS D 194 2.40 14.49 -49.28
CA HIS D 194 3.28 13.96 -50.30
C HIS D 194 2.62 12.82 -51.08
N ALA D 195 1.95 11.90 -50.37
CA ALA D 195 1.27 10.80 -51.03
C ALA D 195 0.07 11.29 -51.83
N ALA D 196 -0.62 12.32 -51.33
CA ALA D 196 -1.73 12.92 -52.07
C ALA D 196 -1.25 13.58 -53.35
N ALA D 197 -0.11 14.29 -53.28
CA ALA D 197 0.47 14.89 -54.47
C ALA D 197 0.94 13.84 -55.47
N ARG D 198 1.54 12.74 -54.99
CA ARG D 198 1.96 11.68 -55.89
C ARG D 198 0.76 10.99 -56.53
N ALA D 199 -0.33 10.82 -55.78
CA ALA D 199 -1.55 10.25 -56.37
C ALA D 199 -2.13 11.18 -57.42
N LEU D 200 -2.12 12.49 -57.15
CA LEU D 200 -2.60 13.50 -58.09
C LEU D 200 -1.78 13.49 -59.38
N ILE D 201 -0.46 13.30 -59.27
CA ILE D 201 0.37 13.17 -60.47
C ILE D 201 0.11 11.84 -61.18
N ASP D 202 0.02 10.75 -60.40
CA ASP D 202 0.02 9.41 -61.00
C ASP D 202 -1.28 9.10 -61.71
N LYS D 203 -2.39 9.69 -61.29
CA LYS D 203 -3.64 9.45 -62.02
C LYS D 203 -3.64 10.16 -63.37
N LEU D 204 -2.89 11.26 -63.49
CA LEU D 204 -2.83 12.00 -64.75
C LEU D 204 -1.97 11.25 -65.77
N ILE D 205 -0.81 10.77 -65.36
CA ILE D 205 0.08 10.04 -66.26
C ILE D 205 0.45 8.70 -65.64
N THR D 358 38.44 -32.95 2.30
CA THR D 358 37.71 -32.02 1.44
C THR D 358 38.11 -32.11 -0.01
N GLN D 359 37.54 -31.20 -0.81
CA GLN D 359 37.88 -31.12 -2.22
C GLN D 359 39.33 -30.70 -2.42
N HIS D 360 39.86 -29.84 -1.55
CA HIS D 360 41.29 -29.56 -1.58
C HIS D 360 42.09 -30.78 -1.14
N SER D 361 41.61 -31.50 -0.11
CA SER D 361 42.22 -32.78 0.24
C SER D 361 41.98 -33.81 -0.84
N ASN D 362 40.87 -33.69 -1.58
CA ASN D 362 40.76 -34.43 -2.82
C ASN D 362 41.79 -33.97 -3.84
N LYS D 363 41.86 -32.65 -4.09
CA LYS D 363 42.71 -32.12 -5.15
C LYS D 363 44.20 -32.36 -4.89
N VAL D 364 44.60 -32.32 -3.61
CA VAL D 364 45.96 -32.73 -3.23
C VAL D 364 46.19 -34.20 -3.57
N SER D 365 45.15 -35.02 -3.45
CA SER D 365 45.33 -36.46 -3.64
C SER D 365 45.53 -36.85 -5.12
N GLN D 366 44.81 -36.22 -6.08
CA GLN D 366 44.95 -36.68 -7.46
C GLN D 366 46.31 -36.33 -8.08
N PHE D 367 46.83 -35.11 -7.87
CA PHE D 367 48.10 -34.84 -8.55
C PHE D 367 49.26 -35.53 -7.86
N HIS D 368 49.09 -35.92 -6.58
CA HIS D 368 50.06 -36.81 -5.96
C HIS D 368 50.05 -38.18 -6.63
N LYS D 369 48.86 -38.67 -7.02
CA LYS D 369 48.77 -39.90 -7.80
C LYS D 369 49.47 -39.77 -9.14
N THR D 370 49.41 -38.57 -9.75
CA THR D 370 50.20 -38.33 -10.96
C THR D 370 51.69 -38.31 -10.65
N LEU D 371 52.07 -37.80 -9.47
CA LEU D 371 53.46 -37.88 -9.05
C LEU D 371 53.84 -39.30 -8.71
N LYS D 372 52.86 -40.08 -8.26
CA LYS D 372 53.08 -41.48 -7.91
C LYS D 372 53.27 -42.34 -9.16
N ASN D 373 52.52 -42.05 -10.23
CA ASN D 373 52.80 -42.70 -11.50
C ASN D 373 54.10 -42.20 -12.11
N ALA D 374 54.46 -40.95 -11.84
CA ALA D 374 55.75 -40.41 -12.29
C ALA D 374 56.92 -40.87 -11.44
N THR D 375 56.66 -41.50 -10.29
CA THR D 375 57.74 -42.01 -9.44
C THR D 375 58.38 -43.23 -10.07
N GLY D 376 57.61 -44.31 -10.24
CA GLY D 376 58.12 -45.52 -10.86
C GLY D 376 58.04 -46.70 -9.92
N LYS D 377 59.18 -47.39 -9.77
CA LYS D 377 59.19 -48.74 -9.22
C LYS D 377 59.35 -48.75 -7.69
N LYS D 378 60.05 -47.76 -7.12
CA LYS D 378 60.40 -47.75 -5.70
C LYS D 378 59.18 -47.62 -4.78
N LEU D 379 58.03 -47.17 -5.32
CA LEU D 379 56.79 -47.23 -4.56
C LEU D 379 56.39 -48.68 -4.26
N LEU D 380 56.57 -49.57 -5.23
CA LEU D 380 56.18 -50.97 -5.04
C LEU D 380 57.17 -51.70 -4.15
N LYS D 381 58.47 -51.40 -4.26
CA LYS D 381 59.44 -51.87 -3.27
C LYS D 381 59.12 -51.33 -1.88
N LEU D 382 58.62 -50.10 -1.79
CA LEU D 382 58.23 -49.55 -0.50
C LEU D 382 57.02 -50.29 0.07
N GLN D 383 56.09 -50.70 -0.80
CA GLN D 383 54.97 -51.52 -0.36
C GLN D 383 55.41 -52.91 0.08
N LYS D 384 56.36 -53.51 -0.63
CA LYS D 384 56.75 -54.89 -0.39
C LYS D 384 57.92 -55.03 0.58
N THR D 385 58.15 -54.04 1.45
CA THR D 385 59.15 -54.15 2.49
C THR D 385 58.52 -53.74 3.82
N CYS D 386 59.15 -54.15 4.92
CA CYS D 386 58.68 -53.73 6.24
C CYS D 386 59.46 -52.50 6.69
N LEU D 387 58.74 -51.47 7.11
CA LEU D 387 59.35 -50.24 7.60
C LEU D 387 59.70 -50.31 9.07
N LYS D 388 59.42 -51.43 9.73
CA LYS D 388 59.81 -51.61 11.12
C LYS D 388 61.32 -51.75 11.26
N ASN D 389 61.96 -52.42 10.31
CA ASN D 389 63.40 -52.63 10.36
C ASN D 389 64.14 -51.36 9.95
N ASN D 390 65.27 -51.12 10.63
CA ASN D 390 66.12 -49.97 10.31
C ASN D 390 67.27 -50.33 9.38
N LYS D 391 67.34 -51.58 8.91
CA LYS D 391 68.40 -51.99 7.99
C LYS D 391 68.27 -51.35 6.63
N ILE D 392 67.07 -50.96 6.21
CA ILE D 392 66.91 -50.10 5.05
C ILE D 392 67.09 -48.65 5.49
N ASP D 393 67.90 -47.91 4.75
CA ASP D 393 68.30 -46.57 5.17
C ASP D 393 67.26 -45.58 4.64
N TYR D 394 66.52 -44.97 5.56
CA TYR D 394 65.33 -44.19 5.20
C TYR D 394 65.71 -42.91 4.46
N ILE D 395 66.79 -42.25 4.88
CA ILE D 395 67.20 -41.01 4.22
C ILE D 395 67.72 -41.27 2.81
N LYS D 396 68.47 -42.37 2.63
CA LYS D 396 69.01 -42.68 1.30
C LYS D 396 67.90 -43.14 0.37
N LEU D 397 66.94 -43.89 0.88
CA LEU D 397 65.81 -44.33 0.06
C LEU D 397 64.91 -43.16 -0.33
N LEU D 398 64.69 -42.21 0.58
CA LEU D 398 63.86 -41.06 0.24
C LEU D 398 64.60 -40.12 -0.71
N GLY D 399 65.94 -40.04 -0.59
CA GLY D 399 66.73 -39.33 -1.58
C GLY D 399 66.71 -39.99 -2.95
N GLU D 400 66.67 -41.33 -2.99
CA GLU D 400 66.49 -42.04 -4.25
C GLU D 400 65.11 -41.76 -4.85
N ILE D 401 64.09 -41.65 -4.00
CA ILE D 401 62.76 -41.26 -4.47
C ILE D 401 62.79 -39.84 -5.05
N ALA D 402 63.52 -38.94 -4.39
CA ALA D 402 63.65 -37.56 -4.88
C ALA D 402 64.37 -37.51 -6.22
N THR D 403 65.46 -38.28 -6.37
CA THR D 403 66.16 -38.35 -7.64
C THR D 403 65.29 -39.00 -8.71
N GLU D 404 64.46 -39.97 -8.32
CA GLU D 404 63.66 -40.72 -9.27
C GLU D 404 62.49 -39.92 -9.82
N ASN D 405 61.90 -39.04 -9.03
CA ASN D 405 60.62 -38.42 -9.39
C ASN D 405 60.81 -36.90 -9.44
N GLN D 406 62.03 -36.47 -9.81
CA GLN D 406 62.37 -35.11 -10.24
C GLN D 406 62.12 -34.03 -9.17
N PHE D 407 62.12 -34.38 -7.89
CA PHE D 407 61.98 -33.41 -6.81
C PHE D 407 63.19 -33.51 -5.88
N GLU D 408 63.12 -32.81 -4.74
CA GLU D 408 64.14 -32.94 -3.72
C GLU D 408 63.47 -33.03 -2.35
N VAL D 409 64.23 -33.46 -1.36
CA VAL D 409 63.70 -33.65 -0.03
C VAL D 409 64.40 -32.70 0.93
N THR D 410 63.60 -32.09 1.80
CA THR D 410 64.13 -31.11 2.74
C THR D 410 64.09 -31.70 4.13
N TYR D 411 65.19 -31.55 4.86
CA TYR D 411 65.32 -32.08 6.21
C TYR D 411 65.58 -30.92 7.15
N VAL D 412 64.67 -30.67 8.09
CA VAL D 412 64.76 -29.55 9.02
C VAL D 412 64.79 -30.11 10.43
N ASP D 413 65.93 -29.94 11.11
CA ASP D 413 66.08 -30.30 12.52
C ASP D 413 66.26 -28.98 13.27
N ILE D 414 65.20 -28.54 13.95
CA ILE D 414 65.24 -27.27 14.64
C ILE D 414 66.07 -27.42 15.91
N GLU D 415 66.83 -26.36 16.25
CA GLU D 415 67.98 -26.48 17.13
C GLU D 415 67.63 -26.73 18.60
N GLU D 416 66.41 -26.45 19.02
CA GLU D 416 66.11 -26.50 20.46
C GLU D 416 65.93 -27.95 20.92
N LYS D 417 65.75 -28.11 22.23
CA LYS D 417 65.50 -29.40 22.85
C LYS D 417 64.12 -29.42 23.48
N THR D 418 63.47 -30.58 23.41
CA THR D 418 62.10 -30.74 23.88
C THR D 418 62.07 -30.84 25.41
N PHE D 419 60.86 -30.92 25.96
CA PHE D 419 60.72 -31.23 27.38
C PHE D 419 61.20 -32.64 27.69
N SER D 420 61.06 -33.56 26.74
CA SER D 420 61.61 -34.90 26.86
C SER D 420 63.11 -34.96 26.60
N GLY D 421 63.73 -33.86 26.16
CA GLY D 421 65.16 -33.82 25.97
C GLY D 421 65.66 -34.59 24.77
N GLN D 422 64.86 -34.71 23.72
CA GLN D 422 65.20 -35.46 22.53
C GLN D 422 65.12 -34.54 21.31
N PHE D 423 65.38 -35.11 20.13
CA PHE D 423 65.48 -34.34 18.92
C PHE D 423 64.37 -34.72 17.94
N GLN D 424 63.97 -33.77 17.11
CA GLN D 424 62.93 -34.03 16.13
C GLN D 424 63.28 -33.35 14.82
N CYS D 425 62.71 -33.88 13.74
CA CYS D 425 62.94 -33.38 12.40
C CYS D 425 61.64 -33.39 11.61
N LEU D 426 61.59 -32.53 10.61
CA LEU D 426 60.50 -32.46 9.64
C LEU D 426 61.09 -32.61 8.24
N VAL D 427 60.52 -33.50 7.44
CA VAL D 427 60.91 -33.63 6.05
C VAL D 427 59.84 -32.98 5.17
N GLN D 428 60.30 -32.15 4.25
CA GLN D 428 59.42 -31.39 3.37
C GLN D 428 59.55 -31.92 1.94
N LEU D 429 58.38 -32.18 1.34
CA LEU D 429 58.26 -32.70 -0.01
C LEU D 429 58.24 -31.53 -0.99
N SER D 430 59.34 -31.34 -1.71
CA SER D 430 59.46 -30.21 -2.64
C SER D 430 58.64 -30.48 -3.88
N THR D 431 57.33 -30.26 -3.75
CA THR D 431 56.37 -30.42 -4.83
C THR D 431 55.40 -29.26 -4.73
N LEU D 432 54.26 -29.39 -5.42
CA LEU D 432 53.22 -28.35 -5.35
C LEU D 432 52.67 -28.08 -3.95
N PRO D 433 52.26 -29.07 -3.10
CA PRO D 433 51.69 -28.67 -1.81
C PRO D 433 52.77 -28.29 -0.80
N VAL D 434 52.37 -28.03 0.43
CA VAL D 434 53.32 -27.62 1.45
C VAL D 434 54.21 -28.79 1.88
N GLY D 435 53.63 -29.81 2.52
CA GLY D 435 54.28 -31.10 2.67
C GLY D 435 55.22 -31.13 3.87
N VAL D 436 54.85 -31.84 4.93
CA VAL D 436 55.71 -32.13 6.07
C VAL D 436 55.34 -33.52 6.59
N CYS D 437 56.33 -34.40 6.69
CA CYS D 437 56.22 -35.59 7.51
C CYS D 437 57.16 -35.46 8.70
N HIS D 438 56.70 -35.93 9.86
CA HIS D 438 57.35 -35.66 11.13
C HIS D 438 58.20 -36.84 11.58
N GLY D 439 59.13 -36.57 12.48
CA GLY D 439 59.88 -37.66 13.08
C GLY D 439 60.62 -37.19 14.30
N SER D 440 60.91 -38.15 15.19
CA SER D 440 61.56 -37.86 16.45
C SER D 440 62.50 -39.00 16.79
N GLY D 441 63.50 -38.68 17.61
CA GLY D 441 64.47 -39.66 18.02
C GLY D 441 65.37 -39.14 19.14
N PRO D 442 66.13 -40.04 19.75
CA PRO D 442 67.06 -39.61 20.81
C PRO D 442 68.20 -38.75 20.30
N THR D 443 68.66 -38.99 19.08
CA THR D 443 69.69 -38.19 18.45
C THR D 443 69.09 -37.44 17.27
N ALA D 444 69.90 -36.56 16.69
CA ALA D 444 69.46 -35.81 15.52
C ALA D 444 69.36 -36.70 14.28
N ALA D 445 70.32 -37.61 14.13
CA ALA D 445 70.32 -38.51 12.97
C ALA D 445 69.18 -39.52 13.04
N ASP D 446 68.85 -40.00 14.24
CA ASP D 446 67.72 -40.90 14.40
C ASP D 446 66.40 -40.17 14.20
N ALA D 447 66.37 -38.88 14.54
CA ALA D 447 65.17 -38.07 14.32
C ALA D 447 64.91 -37.87 12.83
N GLN D 448 65.98 -37.59 12.06
CA GLN D 448 65.83 -37.43 10.61
C GLN D 448 65.53 -38.77 9.94
N ARG D 449 66.09 -39.86 10.47
CA ARG D 449 65.75 -41.20 9.97
C ARG D 449 64.28 -41.53 10.23
N HIS D 450 63.76 -41.15 11.40
CA HIS D 450 62.36 -41.41 11.69
C HIS D 450 61.43 -40.51 10.88
N ALA D 451 61.86 -39.29 10.59
CA ALA D 451 61.09 -38.42 9.70
C ALA D 451 61.04 -38.99 8.29
N ALA D 452 62.17 -39.51 7.79
CA ALA D 452 62.15 -40.16 6.49
C ALA D 452 61.38 -41.48 6.52
N GLN D 453 61.35 -42.16 7.68
CA GLN D 453 60.50 -43.34 7.84
C GLN D 453 59.02 -42.98 7.76
N ASN D 454 58.63 -41.86 8.37
CA ASN D 454 57.24 -41.45 8.27
C ASN D 454 56.90 -40.94 6.88
N ALA D 455 57.87 -40.35 6.18
CA ALA D 455 57.68 -40.01 4.78
C ALA D 455 57.55 -41.27 3.92
N LEU D 456 58.27 -42.33 4.27
CA LEU D 456 58.11 -43.61 3.61
C LEU D 456 56.75 -44.22 3.91
N GLU D 457 56.25 -44.03 5.13
CA GLU D 457 54.89 -44.44 5.47
C GLU D 457 53.86 -43.67 4.66
N TYR D 458 54.10 -42.37 4.47
CA TYR D 458 53.26 -41.50 3.66
C TYR D 458 53.19 -42.00 2.21
N LEU D 459 54.34 -42.06 1.55
CA LEU D 459 54.42 -42.50 0.15
C LEU D 459 54.05 -43.97 -0.01
N LYS D 460 54.18 -44.75 1.07
CA LYS D 460 53.65 -46.10 1.12
C LYS D 460 52.13 -46.12 1.08
N ILE D 461 51.51 -45.27 1.90
CA ILE D 461 50.09 -45.42 2.15
C ILE D 461 49.24 -44.73 1.10
N MET D 462 49.82 -43.82 0.29
CA MET D 462 49.07 -43.48 -0.92
C MET D 462 49.17 -44.58 -1.98
N THR D 463 50.21 -45.42 -1.93
CA THR D 463 50.60 -46.22 -3.09
C THR D 463 49.61 -47.34 -3.39
N LYS D 464 49.21 -48.10 -2.36
CA LYS D 464 48.50 -49.36 -2.56
C LYS D 464 47.09 -49.14 -3.12
N LYS D 465 46.72 -49.99 -4.08
CA LYS D 465 45.41 -49.91 -4.73
C LYS D 465 44.61 -51.16 -4.46
#